data_2YKU
#
_entry.id   2YKU
#
_cell.length_a   184.195
_cell.length_b   94.833
_cell.length_c   104.892
_cell.angle_alpha   90.00
_cell.angle_beta   113.72
_cell.angle_gamma   90.00
#
_symmetry.space_group_name_H-M   'C 1 2 1'
#
loop_
_entity.id
_entity.type
_entity.pdbx_description
1 polymer BETA-TRANSAMINASE
2 non-polymer "PYRIDOXAL-5'-PHOSPHATE"
3 non-polymer GLYCEROL
4 non-polymer 1,2-ETHANEDIOL
5 water water
#
_entity_poly.entity_id   1
_entity_poly.type   'polypeptide(L)'
_entity_poly.pdbx_seq_one_letter_code
;MGSSHHHHHHSSGLVPRGSHMNEPIGEPGRSPASDTAEKAQAIAAARNTFARDNPVSAGHHERARRSMPGGNTRSILFHR
PFPLVIAQGTGSRFQDVDGHAYVNFLGEYTAGLFGHSHPVIRAAVERALAVGLNLSTQTENEALFAEAVCDRFPSIDLVR
FTNSGTEANLMALATATAITGRKTVLAFDGGYHGGLLNFASGHAPTNAPYHVVLGVYNDVEGTADLLKRHGHDCAAILVE
PMLGAGGCVPAERAFLDLLRAEASRCGALLIFDEVMTSRLSGGGAQEMLGISADLTTLGKYIGGGMSFGAFGGRRDLMER
FDPARDGAFAHAGTFNNNILTMSAGHAALTQIYTRQAASDLSASGDRFRANLNRIAVENQAPLQFTGLGSLGTIHFSRAP
IRSAGDVRAADQQLKELFFFHMLRKGIYLAPRGMYALSLEIADAGRDAFAEALADFIGEQRALLM
;
_entity_poly.pdbx_strand_id   A,B,C
#
# COMPACT_ATOMS: atom_id res chain seq x y z
N ALA A 33 42.85 16.22 26.55
CA ALA A 33 42.76 14.86 27.17
C ALA A 33 43.56 13.85 26.35
N SER A 34 44.32 12.99 27.04
CA SER A 34 45.00 11.89 26.37
C SER A 34 45.05 10.67 27.29
N ASP A 35 45.32 9.51 26.69
CA ASP A 35 45.25 8.24 27.40
C ASP A 35 46.19 8.18 28.59
N THR A 36 45.67 7.70 29.72
CA THR A 36 46.52 7.41 30.88
C THR A 36 46.46 5.93 31.26
N ALA A 37 47.50 5.48 31.95
CA ALA A 37 47.58 4.10 32.44
C ALA A 37 46.46 3.81 33.44
N GLU A 38 46.20 4.79 34.31
CA GLU A 38 45.15 4.72 35.31
C GLU A 38 43.77 4.41 34.70
N LYS A 39 43.40 5.20 33.70
CA LYS A 39 42.11 5.00 33.03
C LYS A 39 42.11 3.70 32.24
N ALA A 40 43.25 3.31 31.68
CA ALA A 40 43.34 2.03 30.96
C ALA A 40 43.12 0.83 31.89
N GLN A 41 43.71 0.90 33.08
CA GLN A 41 43.52 -0.16 34.05
C GLN A 41 42.04 -0.22 34.48
N ALA A 42 41.44 0.95 34.69
CA ALA A 42 40.02 1.00 35.04
C ALA A 42 39.13 0.38 33.96
N ILE A 43 39.44 0.67 32.70
CA ILE A 43 38.69 0.10 31.58
C ILE A 43 38.90 -1.42 31.49
N ALA A 44 40.14 -1.88 31.69
CA ALA A 44 40.43 -3.32 31.67
C ALA A 44 39.61 -4.06 32.73
N ALA A 45 39.56 -3.48 33.94
CA ALA A 45 38.74 -4.04 35.03
C ALA A 45 37.25 -4.12 34.67
N ALA A 46 36.73 -3.05 34.07
CA ALA A 46 35.32 -2.98 33.66
C ALA A 46 35.01 -4.02 32.57
N ARG A 47 35.88 -4.13 31.57
CA ARG A 47 35.73 -5.15 30.53
C ARG A 47 35.84 -6.57 31.10
N ASN A 48 36.74 -6.78 32.06
CA ASN A 48 36.90 -8.11 32.66
C ASN A 48 35.68 -8.58 33.42
N THR A 49 35.10 -7.67 34.19
CA THR A 49 33.85 -7.92 34.91
C THR A 49 32.72 -8.22 33.92
N PHE A 50 32.57 -7.37 32.91
CA PHE A 50 31.59 -7.57 31.85
C PHE A 50 31.73 -8.97 31.23
N ALA A 51 32.96 -9.35 30.91
CA ALA A 51 33.26 -10.66 30.33
C ALA A 51 32.91 -11.81 31.28
N ARG A 52 33.31 -11.67 32.54
CA ARG A 52 33.03 -12.70 33.54
C ARG A 52 31.53 -12.87 33.74
N ASP A 53 30.80 -11.76 33.76
CA ASP A 53 29.36 -11.79 34.01
C ASP A 53 28.51 -12.19 32.82
N ASN A 54 29.12 -12.28 31.64
CA ASN A 54 28.36 -12.57 30.42
C ASN A 54 28.95 -13.69 29.56
N PRO A 55 29.17 -14.90 30.15
CA PRO A 55 29.84 -15.97 29.40
C PRO A 55 29.03 -16.51 28.21
N VAL A 56 27.70 -16.49 28.31
CA VAL A 56 26.86 -16.96 27.18
C VAL A 56 27.00 -16.02 25.98
N SER A 57 26.94 -14.71 26.22
CA SER A 57 27.21 -13.73 25.14
C SER A 57 28.62 -13.91 24.58
N ALA A 58 29.60 -14.19 25.44
CA ALA A 58 30.98 -14.42 25.01
C ALA A 58 31.08 -15.60 24.05
N GLY A 59 30.41 -16.70 24.40
CA GLY A 59 30.37 -17.91 23.59
C GLY A 59 29.68 -17.67 22.27
N HIS A 60 28.59 -16.92 22.30
CA HIS A 60 27.87 -16.63 21.05
C HIS A 60 28.72 -15.84 20.06
N HIS A 61 29.48 -14.86 20.57
CA HIS A 61 30.39 -14.07 19.73
C HIS A 61 31.33 -14.97 18.94
N GLU A 62 31.93 -15.97 19.62
CA GLU A 62 32.86 -16.89 18.96
C GLU A 62 32.18 -17.73 17.88
N ARG A 63 30.96 -18.20 18.17
CA ARG A 63 30.16 -18.92 17.16
C ARG A 63 29.84 -18.03 15.94
N ALA A 64 29.35 -16.82 16.21
CA ALA A 64 28.96 -15.86 15.16
C ALA A 64 30.09 -15.53 14.17
N ARG A 65 31.33 -15.55 14.65
CA ARG A 65 32.52 -15.34 13.82
C ARG A 65 32.67 -16.32 12.66
N ARG A 66 32.01 -17.48 12.76
CA ARG A 66 32.09 -18.49 11.71
C ARG A 66 31.27 -18.15 10.44
N SER A 67 30.30 -17.25 10.57
N SER A 67 30.30 -17.26 10.57
CA SER A 67 29.37 -16.99 9.47
CA SER A 67 29.36 -16.99 9.47
C SER A 67 29.27 -15.53 9.05
C SER A 67 29.28 -15.54 9.05
N MET A 68 29.68 -14.63 9.95
CA MET A 68 29.72 -13.18 9.67
C MET A 68 31.11 -12.64 10.06
N PRO A 69 31.65 -11.66 9.31
CA PRO A 69 32.97 -11.09 9.61
C PRO A 69 33.01 -10.53 11.01
N GLY A 70 33.89 -11.09 11.84
CA GLY A 70 33.93 -10.72 13.26
C GLY A 70 32.65 -10.95 14.04
N GLY A 71 31.81 -11.86 13.54
CA GLY A 71 30.50 -12.14 14.17
C GLY A 71 29.51 -10.99 14.07
N ASN A 72 29.66 -10.18 13.02
CA ASN A 72 29.01 -8.87 12.94
C ASN A 72 28.38 -8.62 11.57
N THR A 73 27.21 -7.96 11.55
CA THR A 73 26.59 -7.58 10.28
C THR A 73 26.14 -6.10 10.29
N ARG A 74 26.46 -5.41 11.38
CA ARG A 74 26.15 -4.00 11.57
C ARG A 74 27.25 -3.47 12.49
N SER A 75 28.19 -2.73 11.92
CA SER A 75 29.46 -2.40 12.60
C SER A 75 29.29 -1.74 13.96
N ILE A 76 28.30 -0.86 14.08
CA ILE A 76 28.07 -0.06 15.28
C ILE A 76 27.71 -0.91 16.52
N LEU A 77 27.22 -2.12 16.27
CA LEU A 77 26.84 -3.04 17.36
C LEU A 77 28.05 -3.69 18.03
N PHE A 78 29.19 -3.75 17.33
CA PHE A 78 30.38 -4.35 17.92
C PHE A 78 31.06 -3.42 18.92
N HIS A 79 31.46 -3.99 20.06
CA HIS A 79 32.40 -3.35 20.97
C HIS A 79 33.18 -4.43 21.69
N ARG A 80 34.39 -4.09 22.13
CA ARG A 80 35.19 -5.00 22.96
C ARG A 80 34.63 -5.10 24.39
N PRO A 81 34.82 -6.25 25.06
CA PRO A 81 35.47 -7.49 24.61
C PRO A 81 34.60 -8.26 23.61
N PHE A 82 33.29 -8.09 23.74
CA PHE A 82 32.30 -8.64 22.80
C PHE A 82 30.99 -7.90 23.10
N PRO A 83 30.04 -7.90 22.15
CA PRO A 83 28.77 -7.23 22.42
C PRO A 83 27.78 -8.14 23.18
N LEU A 84 26.81 -7.51 23.84
CA LEU A 84 25.73 -8.27 24.48
C LEU A 84 24.81 -8.88 23.43
N VAL A 85 24.46 -10.14 23.65
CA VAL A 85 23.42 -10.78 22.85
C VAL A 85 22.13 -10.79 23.68
N ILE A 86 21.07 -10.22 23.09
CA ILE A 86 19.78 -10.09 23.77
C ILE A 86 18.88 -11.26 23.40
N ALA A 87 18.11 -11.74 24.39
CA ALA A 87 17.20 -12.87 24.21
C ALA A 87 15.81 -12.37 23.83
N GLN A 88 15.33 -11.36 24.55
CA GLN A 88 13.94 -10.95 24.45
C GLN A 88 13.78 -9.54 24.99
N GLY A 89 12.81 -8.81 24.46
CA GLY A 89 12.43 -7.51 25.03
C GLY A 89 10.99 -7.12 24.80
N THR A 90 10.44 -6.40 25.79
N THR A 90 10.40 -6.48 25.81
CA THR A 90 9.07 -5.88 25.77
CA THR A 90 9.08 -5.86 25.69
C THR A 90 9.10 -4.43 26.25
C THR A 90 9.18 -4.42 26.16
N GLY A 91 8.35 -3.54 25.59
CA GLY A 91 8.28 -2.15 26.01
C GLY A 91 9.63 -1.47 25.99
N SER A 92 10.05 -0.90 27.13
CA SER A 92 11.37 -0.25 27.23
C SER A 92 12.49 -1.17 27.73
N ARG A 93 12.18 -2.44 27.98
CA ARG A 93 13.12 -3.34 28.65
C ARG A 93 13.54 -4.50 27.79
N PHE A 94 14.78 -4.97 28.01
CA PHE A 94 15.22 -6.23 27.43
C PHE A 94 16.09 -7.05 28.38
N GLN A 95 16.25 -8.34 28.07
CA GLN A 95 17.06 -9.24 28.88
C GLN A 95 18.09 -9.90 27.97
N ASP A 96 19.35 -9.90 28.41
CA ASP A 96 20.41 -10.56 27.64
C ASP A 96 20.39 -12.07 27.88
N VAL A 97 21.22 -12.80 27.13
CA VAL A 97 21.26 -14.25 27.20
C VAL A 97 21.93 -14.77 28.49
N ASP A 98 22.46 -13.86 29.30
CA ASP A 98 23.01 -14.22 30.60
C ASP A 98 22.06 -13.87 31.74
N GLY A 99 20.85 -13.46 31.39
CA GLY A 99 19.79 -13.22 32.36
C GLY A 99 19.72 -11.83 32.98
N HIS A 100 20.54 -10.89 32.52
CA HIS A 100 20.49 -9.50 33.05
C HIS A 100 19.42 -8.68 32.34
N ALA A 101 18.69 -7.88 33.12
CA ALA A 101 17.66 -7.00 32.56
C ALA A 101 18.17 -5.56 32.45
N TYR A 102 17.69 -4.84 31.44
CA TYR A 102 18.09 -3.45 31.18
C TYR A 102 16.90 -2.62 30.71
N VAL A 103 16.95 -1.33 31.04
CA VAL A 103 16.11 -0.34 30.34
C VAL A 103 16.89 0.19 29.13
N ASN A 104 16.22 0.17 27.97
CA ASN A 104 16.86 0.52 26.71
C ASN A 104 16.75 2.03 26.45
N PHE A 105 17.83 2.77 26.75
CA PHE A 105 17.90 4.19 26.44
C PHE A 105 18.47 4.46 25.05
N LEU A 106 19.01 3.43 24.40
CA LEU A 106 19.53 3.57 23.05
C LEU A 106 18.39 3.75 22.02
N GLY A 107 17.32 2.97 22.14
CA GLY A 107 16.15 3.17 21.26
C GLY A 107 16.53 3.05 19.79
N GLU A 108 17.35 2.05 19.48
CA GLU A 108 17.78 1.73 18.12
C GLU A 108 18.28 2.96 17.35
N TYR A 109 19.12 3.75 18.01
CA TYR A 109 19.72 4.96 17.41
C TYR A 109 18.67 5.89 16.79
N THR A 110 17.56 6.06 17.53
CA THR A 110 16.39 6.89 17.19
C THR A 110 15.27 6.16 16.44
N ALA A 111 15.56 5.01 15.84
CA ALA A 111 14.54 4.27 15.10
C ALA A 111 13.55 3.59 16.04
N GLY A 112 14.00 3.30 17.26
CA GLY A 112 13.22 2.49 18.21
C GLY A 112 12.33 3.32 19.10
N LEU A 113 11.70 4.34 18.51
CA LEU A 113 10.84 5.28 19.20
C LEU A 113 9.65 4.62 19.92
N PHE A 114 9.23 3.46 19.43
CA PHE A 114 7.99 2.84 19.89
C PHE A 114 8.19 1.75 20.92
N GLY A 115 9.44 1.52 21.31
CA GLY A 115 9.78 0.44 22.22
C GLY A 115 9.76 -0.89 21.48
N HIS A 116 9.82 -1.98 22.24
CA HIS A 116 10.03 -3.31 21.67
C HIS A 116 8.75 -4.02 21.21
N SER A 117 7.60 -3.51 21.64
CA SER A 117 6.33 -4.22 21.44
C SER A 117 5.11 -3.28 21.52
N HIS A 118 5.15 -2.17 20.78
CA HIS A 118 4.04 -1.23 20.82
C HIS A 118 2.77 -1.87 20.24
N PRO A 119 1.64 -1.81 20.99
CA PRO A 119 0.41 -2.46 20.52
C PRO A 119 -0.19 -1.85 19.25
N VAL A 120 0.04 -0.55 19.04
CA VAL A 120 -0.48 0.13 17.84
C VAL A 120 0.31 -0.25 16.59
N ILE A 121 1.61 -0.46 16.77
CA ILE A 121 2.46 -0.99 15.71
C ILE A 121 2.08 -2.45 15.41
N ARG A 122 1.91 -3.24 16.46
CA ARG A 122 1.46 -4.63 16.28
C ARG A 122 0.16 -4.72 15.48
N ALA A 123 -0.80 -3.84 15.78
CA ALA A 123 -2.06 -3.78 15.02
C ALA A 123 -1.85 -3.42 13.54
N ALA A 124 -0.96 -2.48 13.28
CA ALA A 124 -0.58 -2.11 11.92
C ALA A 124 0.04 -3.29 11.15
N VAL A 125 0.87 -4.07 11.84
CA VAL A 125 1.46 -5.28 11.26
C VAL A 125 0.38 -6.30 10.93
N GLU A 126 -0.56 -6.51 11.86
CA GLU A 126 -1.70 -7.41 11.62
C GLU A 126 -2.53 -6.96 10.42
N ARG A 127 -2.81 -5.65 10.33
CA ARG A 127 -3.52 -5.10 9.17
C ARG A 127 -2.76 -5.34 7.87
N ALA A 128 -1.43 -5.19 7.90
CA ALA A 128 -0.61 -5.37 6.71
C ALA A 128 -0.67 -6.80 6.22
N LEU A 129 -0.60 -7.75 7.15
CA LEU A 129 -0.67 -9.17 6.82
C LEU A 129 -2.02 -9.53 6.18
N ALA A 130 -3.09 -8.90 6.66
CA ALA A 130 -4.43 -9.14 6.14
C ALA A 130 -4.58 -8.62 4.72
N VAL A 131 -3.90 -7.51 4.41
CA VAL A 131 -3.87 -6.97 3.06
C VAL A 131 -3.10 -7.94 2.15
N GLY A 132 -1.94 -8.39 2.61
CA GLY A 132 -1.15 -9.37 1.86
C GLY A 132 0.25 -8.88 1.58
N LEU A 133 1.22 -9.81 1.67
CA LEU A 133 2.62 -9.50 1.43
C LEU A 133 3.00 -9.71 -0.03
N ASN A 134 4.00 -8.96 -0.49
CA ASN A 134 4.62 -9.17 -1.79
C ASN A 134 3.59 -9.15 -2.93
N LEU A 135 2.64 -8.22 -2.85
CA LEU A 135 1.54 -8.17 -3.82
C LEU A 135 1.93 -7.71 -5.23
N SER A 136 3.17 -7.25 -5.39
CA SER A 136 3.79 -7.02 -6.72
C SER A 136 3.15 -5.85 -7.45
N THR A 137 2.44 -5.00 -6.70
CA THR A 137 1.62 -3.93 -7.24
C THR A 137 1.48 -2.84 -6.19
N GLN A 138 0.93 -1.69 -6.59
CA GLN A 138 0.62 -0.63 -5.67
C GLN A 138 -0.61 -0.93 -4.84
N THR A 139 -0.58 -0.51 -3.58
CA THR A 139 -1.77 -0.51 -2.75
C THR A 139 -2.05 0.94 -2.32
N GLU A 140 -3.27 1.18 -1.88
CA GLU A 140 -3.65 2.50 -1.38
C GLU A 140 -2.81 2.94 -0.19
N ASN A 141 -2.29 1.97 0.56
CA ASN A 141 -1.50 2.25 1.77
C ASN A 141 -0.28 3.13 1.52
N GLU A 142 0.32 2.98 0.33
CA GLU A 142 1.43 3.82 -0.12
C GLU A 142 1.07 5.29 -0.13
N ALA A 143 -0.07 5.57 -0.76
CA ALA A 143 -0.53 6.93 -0.97
C ALA A 143 -0.88 7.56 0.37
N LEU A 144 -1.55 6.79 1.23
CA LEU A 144 -1.93 7.24 2.57
C LEU A 144 -0.71 7.62 3.43
N PHE A 145 0.30 6.78 3.42
CA PHE A 145 1.58 7.06 4.10
C PHE A 145 2.28 8.29 3.52
N ALA A 146 2.35 8.39 2.19
CA ALA A 146 2.96 9.55 1.54
C ALA A 146 2.23 10.87 1.88
N GLU A 147 0.89 10.81 1.95
CA GLU A 147 0.11 11.97 2.38
C GLU A 147 0.46 12.38 3.82
N ALA A 148 0.57 11.39 4.70
CA ALA A 148 0.95 11.62 6.11
C ALA A 148 2.30 12.31 6.22
N VAL A 149 3.28 11.86 5.41
CA VAL A 149 4.60 12.50 5.38
C VAL A 149 4.51 13.94 4.85
N CYS A 150 3.84 14.13 3.72
CA CYS A 150 3.73 15.47 3.12
C CYS A 150 2.98 16.46 4.04
N ASP A 151 1.94 15.98 4.72
CA ASP A 151 1.12 16.82 5.60
C ASP A 151 1.96 17.46 6.71
N ARG A 152 2.87 16.70 7.30
CA ARG A 152 3.55 17.20 8.48
C ARG A 152 4.95 17.77 8.26
N PHE A 153 5.59 17.45 7.14
CA PHE A 153 6.88 18.06 6.83
C PHE A 153 6.74 19.23 5.86
N PRO A 154 7.02 20.46 6.35
CA PRO A 154 6.63 21.67 5.65
C PRO A 154 7.34 21.92 4.33
N SER A 155 8.50 21.29 4.10
CA SER A 155 9.22 21.47 2.85
C SER A 155 9.16 20.25 1.92
N ILE A 156 8.44 19.22 2.33
CA ILE A 156 8.25 18.04 1.48
C ILE A 156 6.90 18.14 0.74
N ASP A 157 6.96 18.53 -0.54
CA ASP A 157 5.76 18.65 -1.41
C ASP A 157 5.37 17.28 -1.98
N LEU A 158 6.40 16.50 -2.33
CA LEU A 158 6.25 15.15 -2.85
C LEU A 158 7.35 14.29 -2.22
N VAL A 159 7.09 13.00 -2.07
CA VAL A 159 8.04 12.11 -1.41
C VAL A 159 8.10 10.74 -2.13
N ARG A 160 9.26 10.08 -2.02
CA ARG A 160 9.40 8.70 -2.44
C ARG A 160 10.04 7.90 -1.32
N PHE A 161 9.57 6.67 -1.14
CA PHE A 161 10.11 5.80 -0.10
C PHE A 161 11.28 4.96 -0.60
N THR A 162 12.21 4.72 0.32
CA THR A 162 13.36 3.86 0.10
C THR A 162 13.39 2.82 1.22
N ASN A 163 14.43 1.98 1.26
CA ASN A 163 14.52 0.90 2.22
C ASN A 163 15.46 1.17 3.40
N SER A 164 16.01 2.38 3.44
CA SER A 164 16.99 2.79 4.45
C SER A 164 17.30 4.27 4.28
N GLY A 165 17.85 4.88 5.32
CA GLY A 165 18.35 6.25 5.21
C GLY A 165 19.56 6.30 4.28
N THR A 166 20.33 5.22 4.25
CA THR A 166 21.45 5.10 3.28
C THR A 166 20.97 5.29 1.84
N GLU A 167 19.91 4.58 1.46
CA GLU A 167 19.32 4.74 0.12
C GLU A 167 18.74 6.14 -0.08
N ALA A 168 18.05 6.66 0.93
CA ALA A 168 17.45 8.00 0.83
C ALA A 168 18.50 9.09 0.49
N ASN A 169 19.64 9.08 1.18
CA ASN A 169 20.69 10.05 0.90
C ASN A 169 21.40 9.84 -0.44
N LEU A 170 21.61 8.57 -0.80
CA LEU A 170 22.13 8.27 -2.13
C LEU A 170 21.18 8.79 -3.23
N MET A 171 19.88 8.56 -3.06
CA MET A 171 18.91 9.04 -4.04
C MET A 171 18.83 10.57 -4.09
N ALA A 172 19.04 11.21 -2.94
CA ALA A 172 19.06 12.68 -2.91
C ALA A 172 20.27 13.22 -3.66
N LEU A 173 21.42 12.54 -3.53
CA LEU A 173 22.61 12.96 -4.29
C LEU A 173 22.45 12.65 -5.77
N ALA A 174 21.86 11.50 -6.08
CA ALA A 174 21.52 11.14 -7.46
C ALA A 174 20.65 12.22 -8.10
N THR A 175 19.65 12.68 -7.36
CA THR A 175 18.75 13.74 -7.80
C THR A 175 19.53 15.03 -8.05
N ALA A 176 20.34 15.44 -7.07
CA ALA A 176 21.06 16.71 -7.17
C ALA A 176 22.05 16.72 -8.35
N THR A 177 22.85 15.65 -8.47
CA THR A 177 23.84 15.57 -9.54
C THR A 177 23.17 15.51 -10.91
N ALA A 178 22.09 14.72 -11.04
CA ALA A 178 21.40 14.57 -12.33
C ALA A 178 20.72 15.87 -12.75
N ILE A 179 20.05 16.54 -11.81
CA ILE A 179 19.37 17.81 -12.09
C ILE A 179 20.37 18.93 -12.44
N THR A 180 21.40 19.11 -11.62
CA THR A 180 22.35 20.23 -11.79
C THR A 180 23.40 19.99 -12.87
N GLY A 181 23.67 18.73 -13.19
CA GLY A 181 24.76 18.38 -14.11
C GLY A 181 26.14 18.51 -13.49
N ARG A 182 26.19 18.76 -12.19
CA ARG A 182 27.45 18.97 -11.45
C ARG A 182 27.89 17.74 -10.67
N LYS A 183 29.16 17.71 -10.27
CA LYS A 183 29.72 16.53 -9.59
C LYS A 183 30.08 16.76 -8.11
N THR A 184 30.32 18.01 -7.71
CA THR A 184 30.82 18.26 -6.35
C THR A 184 29.73 18.28 -5.28
N VAL A 185 30.01 17.58 -4.18
CA VAL A 185 29.12 17.55 -3.04
C VAL A 185 29.85 18.10 -1.83
N LEU A 186 29.28 19.12 -1.21
CA LEU A 186 29.79 19.63 0.06
C LEU A 186 29.08 18.90 1.21
N ALA A 187 29.87 18.24 2.05
CA ALA A 187 29.37 17.64 3.29
C ALA A 187 30.35 18.01 4.40
N PHE A 188 30.15 17.47 5.61
CA PHE A 188 30.92 17.90 6.76
C PHE A 188 31.57 16.76 7.53
N ASP A 189 32.82 16.98 7.93
CA ASP A 189 33.57 16.04 8.74
C ASP A 189 32.74 15.70 9.98
N GLY A 190 32.58 14.41 10.27
CA GLY A 190 31.73 13.97 11.38
C GLY A 190 30.31 13.63 10.94
N GLY A 191 29.93 14.09 9.73
CA GLY A 191 28.61 13.85 9.20
C GLY A 191 28.40 12.39 8.89
N TYR A 192 27.19 11.90 9.12
CA TYR A 192 26.86 10.52 8.79
C TYR A 192 25.59 10.46 7.98
N HIS A 193 25.71 9.88 6.78
CA HIS A 193 24.57 9.83 5.85
C HIS A 193 24.29 8.42 5.33
N GLY A 194 24.80 7.43 6.06
CA GLY A 194 24.55 6.04 5.75
C GLY A 194 25.82 5.29 5.37
N GLY A 195 25.67 4.03 4.99
CA GLY A 195 26.80 3.14 4.76
C GLY A 195 27.75 3.50 3.62
N LEU A 196 27.24 4.21 2.63
CA LEU A 196 28.02 4.59 1.46
C LEU A 196 28.37 6.08 1.50
N LEU A 197 27.97 6.75 2.58
CA LEU A 197 28.21 8.19 2.74
C LEU A 197 28.56 8.49 4.18
N ASN A 198 29.63 7.84 4.66
CA ASN A 198 30.00 7.89 6.05
C ASN A 198 31.24 8.76 6.22
N PHE A 199 31.05 9.95 6.79
CA PHE A 199 32.16 10.86 7.01
C PHE A 199 32.49 11.04 8.49
N ALA A 200 32.05 10.07 9.30
CA ALA A 200 32.24 10.12 10.76
C ALA A 200 33.70 10.27 11.17
N SER A 201 34.58 9.62 10.40
CA SER A 201 36.02 9.72 10.57
C SER A 201 36.67 10.26 9.29
N GLY A 202 36.04 11.25 8.69
CA GLY A 202 36.53 11.84 7.44
C GLY A 202 36.24 10.95 6.26
N HIS A 203 37.07 11.03 5.23
CA HIS A 203 36.87 10.18 4.07
C HIS A 203 37.13 8.72 4.41
N ALA A 204 36.37 7.82 3.79
CA ALA A 204 36.55 6.37 3.98
C ALA A 204 36.58 5.70 2.61
N PRO A 205 37.49 4.72 2.41
CA PRO A 205 37.67 4.15 1.07
C PRO A 205 36.42 3.43 0.53
N THR A 206 35.50 3.07 1.42
CA THR A 206 34.29 2.35 1.02
C THR A 206 33.13 3.28 0.62
N ASN A 207 33.27 4.59 0.85
CA ASN A 207 32.23 5.53 0.42
C ASN A 207 32.03 5.49 -1.09
N ALA A 208 30.78 5.64 -1.52
CA ALA A 208 30.49 5.80 -2.94
C ALA A 208 31.28 6.99 -3.47
N PRO A 209 31.84 6.88 -4.69
CA PRO A 209 32.83 7.85 -5.18
C PRO A 209 32.25 9.17 -5.73
N TYR A 210 31.28 9.75 -5.03
CA TYR A 210 30.85 11.11 -5.32
C TYR A 210 32.06 12.02 -5.04
N HIS A 211 32.18 13.12 -5.79
CA HIS A 211 33.27 14.05 -5.52
C HIS A 211 32.93 14.90 -4.29
N VAL A 212 33.25 14.39 -3.11
CA VAL A 212 32.85 15.02 -1.85
C VAL A 212 33.98 15.87 -1.26
N VAL A 213 33.65 17.13 -0.96
CA VAL A 213 34.55 18.04 -0.28
C VAL A 213 34.04 18.14 1.16
N LEU A 214 34.92 17.94 2.13
CA LEU A 214 34.51 17.99 3.54
C LEU A 214 34.88 19.29 4.22
N GLY A 215 33.88 19.95 4.79
CA GLY A 215 34.10 21.13 5.63
C GLY A 215 34.08 20.77 7.09
N VAL A 216 34.25 21.76 7.94
CA VAL A 216 34.15 21.59 9.39
C VAL A 216 32.75 22.04 9.83
N TYR A 217 32.05 21.17 10.57
CA TYR A 217 30.71 21.46 11.04
C TYR A 217 30.71 22.73 11.90
N ASN A 218 29.73 23.60 11.66
CA ASN A 218 29.58 24.88 12.39
C ASN A 218 30.67 25.94 12.11
N ASP A 219 31.56 25.67 11.17
CA ASP A 219 32.62 26.61 10.81
C ASP A 219 32.17 27.53 9.68
N VAL A 220 31.69 28.72 10.03
CA VAL A 220 31.16 29.66 9.02
C VAL A 220 32.22 30.13 8.03
N GLU A 221 33.31 30.68 8.56
CA GLU A 221 34.37 31.26 7.73
C GLU A 221 35.02 30.21 6.83
N GLY A 222 35.36 29.06 7.42
CA GLY A 222 35.98 27.98 6.65
C GLY A 222 35.06 27.45 5.56
N THR A 223 33.76 27.32 5.89
CA THR A 223 32.78 26.83 4.93
C THR A 223 32.52 27.84 3.81
N ALA A 224 32.45 29.11 4.15
CA ALA A 224 32.35 30.19 3.16
C ALA A 224 33.49 30.11 2.14
N ASP A 225 34.71 29.87 2.63
CA ASP A 225 35.89 29.73 1.76
C ASP A 225 35.75 28.56 0.81
N LEU A 226 35.25 27.43 1.32
CA LEU A 226 35.02 26.26 0.46
C LEU A 226 33.98 26.53 -0.61
N LEU A 227 32.92 27.23 -0.25
CA LEU A 227 31.86 27.54 -1.20
C LEU A 227 32.32 28.53 -2.29
N LYS A 228 33.21 29.45 -1.92
CA LYS A 228 33.80 30.36 -2.91
C LYS A 228 34.60 29.59 -3.96
N ARG A 229 35.38 28.60 -3.51
CA ARG A 229 36.17 27.74 -4.40
C ARG A 229 35.31 26.76 -5.22
N HIS A 230 34.37 26.10 -4.54
CA HIS A 230 33.68 24.93 -5.12
C HIS A 230 32.23 25.17 -5.54
N GLY A 231 31.64 26.25 -5.03
CA GLY A 231 30.21 26.55 -5.23
C GLY A 231 29.66 26.44 -6.63
N HIS A 232 30.41 26.95 -7.61
CA HIS A 232 29.94 26.96 -9.01
CA HIS A 232 29.93 26.95 -9.00
C HIS A 232 29.78 25.55 -9.59
N ASP A 233 30.47 24.58 -8.99
CA ASP A 233 30.32 23.17 -9.44
C ASP A 233 29.70 22.27 -8.37
N CYS A 234 29.03 22.88 -7.41
N CYS A 234 29.10 22.86 -7.35
CA CYS A 234 28.41 22.15 -6.33
CA CYS A 234 28.46 22.07 -6.29
C CYS A 234 27.00 21.68 -6.70
C CYS A 234 27.04 21.67 -6.65
N ALA A 235 26.81 20.36 -6.78
CA ALA A 235 25.48 19.80 -7.04
C ALA A 235 24.63 19.92 -5.79
N ALA A 236 25.25 19.74 -4.63
CA ALA A 236 24.52 19.66 -3.38
C ALA A 236 25.36 20.04 -2.18
N ILE A 237 24.69 20.54 -1.15
CA ILE A 237 25.23 20.63 0.19
C ILE A 237 24.40 19.66 1.02
N LEU A 238 25.07 18.67 1.59
CA LEU A 238 24.44 17.61 2.39
C LEU A 238 24.82 17.79 3.86
N VAL A 239 23.82 17.97 4.72
CA VAL A 239 24.10 18.31 6.12
C VAL A 239 22.97 17.86 7.05
N GLU A 240 23.36 17.36 8.21
CA GLU A 240 22.43 17.08 9.29
C GLU A 240 22.24 18.37 10.09
N PRO A 241 20.99 18.71 10.46
CA PRO A 241 20.76 19.91 11.30
C PRO A 241 21.31 19.75 12.72
N MET A 242 21.69 18.53 13.07
CA MET A 242 22.42 18.19 14.28
C MET A 242 23.23 16.94 13.95
N LEU A 243 24.55 16.97 14.15
CA LEU A 243 25.33 15.73 13.99
C LEU A 243 24.71 14.70 14.92
N GLY A 244 24.33 13.54 14.35
CA GLY A 244 23.61 12.52 15.12
C GLY A 244 24.59 11.51 15.67
N ALA A 245 24.98 10.58 14.79
CA ALA A 245 26.00 9.59 15.12
C ALA A 245 27.30 10.28 15.55
N GLY A 246 27.52 11.48 15.01
CA GLY A 246 28.73 12.27 15.25
C GLY A 246 28.77 13.03 16.56
N GLY A 247 27.74 12.88 17.38
CA GLY A 247 27.81 13.36 18.79
C GLY A 247 26.66 14.19 19.33
N CYS A 248 25.50 14.15 18.68
CA CYS A 248 24.36 15.04 19.01
C CYS A 248 24.82 16.50 19.16
N VAL A 249 25.40 17.02 18.07
CA VAL A 249 26.00 18.35 18.05
C VAL A 249 25.08 19.28 17.25
N PRO A 250 24.31 20.15 17.95
CA PRO A 250 23.39 21.02 17.19
C PRO A 250 24.13 21.95 16.23
N ALA A 251 23.55 22.15 15.06
CA ALA A 251 24.03 23.16 14.13
C ALA A 251 23.61 24.51 14.66
N GLU A 252 24.51 25.48 14.56
CA GLU A 252 24.22 26.85 14.95
C GLU A 252 23.50 27.55 13.79
N ARG A 253 22.63 28.51 14.12
CA ARG A 253 21.85 29.20 13.09
C ARG A 253 22.72 29.86 12.01
N ALA A 254 23.80 30.52 12.41
CA ALA A 254 24.66 31.22 11.45
C ALA A 254 25.25 30.25 10.40
N PHE A 255 25.58 29.04 10.84
CA PHE A 255 26.06 27.98 9.96
C PHE A 255 24.97 27.55 8.95
N LEU A 256 23.77 27.25 9.44
CA LEU A 256 22.69 26.83 8.52
C LEU A 256 22.24 27.94 7.60
N ASP A 257 22.21 29.17 8.11
CA ASP A 257 21.91 30.35 7.28
C ASP A 257 22.88 30.47 6.11
N LEU A 258 24.17 30.31 6.39
CA LEU A 258 25.18 30.34 5.34
C LEU A 258 24.86 29.32 4.24
N LEU A 259 24.58 28.08 4.65
CA LEU A 259 24.37 27.00 3.70
C LEU A 259 23.12 27.26 2.84
N ARG A 260 22.05 27.75 3.47
CA ARG A 260 20.84 28.08 2.74
C ARG A 260 21.06 29.21 1.73
N ALA A 261 21.71 30.29 2.17
CA ALA A 261 21.98 31.44 1.29
C ALA A 261 22.89 31.05 0.12
N GLU A 262 23.97 30.32 0.43
CA GLU A 262 24.95 29.98 -0.60
C GLU A 262 24.50 28.89 -1.54
N ALA A 263 23.71 27.94 -1.06
CA ALA A 263 23.11 26.94 -1.96
C ALA A 263 22.30 27.66 -3.03
N SER A 264 21.46 28.60 -2.61
CA SER A 264 20.63 29.36 -3.55
C SER A 264 21.48 30.18 -4.52
N ARG A 265 22.47 30.90 -3.99
CA ARG A 265 23.36 31.72 -4.83
C ARG A 265 24.09 30.92 -5.91
N CYS A 266 24.65 29.78 -5.49
N CYS A 266 24.66 29.77 -5.51
CA CYS A 266 25.49 28.96 -6.36
CA CYS A 266 25.49 29.00 -6.44
C CYS A 266 24.69 28.03 -7.28
C CYS A 266 24.73 27.92 -7.23
N GLY A 267 23.48 27.65 -6.85
CA GLY A 267 22.63 26.73 -7.61
C GLY A 267 22.81 25.28 -7.20
N ALA A 268 23.28 25.08 -5.97
CA ALA A 268 23.36 23.75 -5.38
C ALA A 268 22.03 23.44 -4.69
N LEU A 269 21.67 22.16 -4.62
CA LEU A 269 20.53 21.76 -3.78
C LEU A 269 20.97 21.62 -2.34
N LEU A 270 20.31 22.35 -1.44
CA LEU A 270 20.53 22.11 -0.01
C LEU A 270 19.74 20.87 0.38
N ILE A 271 20.44 19.86 0.89
CA ILE A 271 19.79 18.65 1.38
C ILE A 271 19.95 18.57 2.89
N PHE A 272 18.84 18.66 3.62
CA PHE A 272 18.90 18.41 5.05
C PHE A 272 18.66 16.93 5.27
N ASP A 273 19.64 16.27 5.86
CA ASP A 273 19.50 14.89 6.29
C ASP A 273 18.84 14.91 7.67
N GLU A 274 17.52 14.69 7.68
CA GLU A 274 16.74 14.71 8.91
C GLU A 274 16.38 13.30 9.39
N VAL A 275 17.19 12.31 9.00
CA VAL A 275 16.94 10.93 9.44
C VAL A 275 16.77 10.84 10.97
N MET A 276 17.63 11.54 11.72
CA MET A 276 17.45 11.66 13.17
C MET A 276 16.68 12.90 13.61
N THR A 277 16.96 14.06 13.03
CA THR A 277 16.36 15.30 13.52
C THR A 277 14.84 15.42 13.24
N SER A 278 14.31 14.61 12.33
CA SER A 278 12.87 14.74 11.97
C SER A 278 11.91 14.61 13.16
N ARG A 279 12.32 13.88 14.20
CA ARG A 279 11.49 13.69 15.40
C ARG A 279 11.33 14.94 16.27
N LEU A 280 12.21 15.92 16.08
CA LEU A 280 12.36 17.01 17.07
C LEU A 280 11.13 17.92 17.20
N SER A 281 10.36 18.04 16.13
N SER A 281 10.35 18.01 16.13
CA SER A 281 9.05 18.68 16.19
CA SER A 281 9.07 18.68 16.17
C SER A 281 8.18 17.98 15.18
C SER A 281 8.16 17.92 15.23
N GLY A 282 6.89 18.34 15.13
CA GLY A 282 5.98 17.78 14.13
C GLY A 282 6.56 17.86 12.72
N GLY A 283 7.26 18.96 12.44
CA GLY A 283 7.89 19.13 11.13
C GLY A 283 9.40 19.12 11.14
N GLY A 284 10.00 18.39 12.08
CA GLY A 284 11.46 18.25 12.17
C GLY A 284 12.20 19.54 12.46
N ALA A 285 13.49 19.57 12.11
CA ALA A 285 14.31 20.76 12.38
C ALA A 285 13.88 21.94 11.53
N GLN A 286 13.41 21.68 10.31
CA GLN A 286 13.02 22.76 9.42
C GLN A 286 11.85 23.56 9.97
N GLU A 287 10.89 22.89 10.61
CA GLU A 287 9.80 23.62 11.29
C GLU A 287 10.32 24.48 12.44
N MET A 288 11.22 23.92 13.24
CA MET A 288 11.81 24.62 14.37
C MET A 288 12.62 25.86 13.95
N LEU A 289 13.38 25.73 12.87
CA LEU A 289 14.29 26.78 12.41
C LEU A 289 13.65 27.84 11.54
N GLY A 290 12.59 27.47 10.82
CA GLY A 290 12.06 28.32 9.75
C GLY A 290 13.01 28.38 8.58
N ILE A 291 13.76 27.30 8.34
CA ILE A 291 14.62 27.18 7.16
C ILE A 291 14.14 25.97 6.37
N SER A 292 13.97 26.14 5.06
CA SER A 292 13.54 25.06 4.18
C SER A 292 14.70 24.57 3.31
N ALA A 293 14.94 23.26 3.31
CA ALA A 293 15.91 22.65 2.41
C ALA A 293 15.22 22.35 1.09
N ASP A 294 16.00 22.20 0.03
CA ASP A 294 15.45 21.87 -1.28
C ASP A 294 15.01 20.41 -1.32
N LEU A 295 15.80 19.55 -0.68
CA LEU A 295 15.45 18.13 -0.48
C LEU A 295 15.66 17.77 0.99
N THR A 296 14.85 16.83 1.49
CA THR A 296 14.95 16.33 2.86
C THR A 296 15.02 14.81 2.81
N THR A 297 15.93 14.24 3.58
CA THR A 297 15.96 12.78 3.73
C THR A 297 15.45 12.39 5.11
N LEU A 298 14.74 11.27 5.15
CA LEU A 298 14.09 10.75 6.35
C LEU A 298 14.42 9.28 6.50
N GLY A 299 14.30 8.77 7.71
CA GLY A 299 14.52 7.36 7.97
C GLY A 299 14.14 6.97 9.36
N LYS A 300 14.72 5.85 9.79
CA LYS A 300 14.63 5.31 11.15
C LYS A 300 13.16 5.19 11.64
N TYR A 301 12.72 6.02 12.61
CA TYR A 301 11.44 5.74 13.30
C TYR A 301 10.19 5.87 12.43
N ILE A 302 10.26 6.66 11.34
CA ILE A 302 9.07 7.03 10.57
C ILE A 302 8.37 5.79 9.98
N GLY A 303 9.13 4.72 9.76
CA GLY A 303 8.57 3.46 9.29
C GLY A 303 7.95 2.59 10.38
N GLY A 304 7.79 3.16 11.58
CA GLY A 304 7.18 2.42 12.70
C GLY A 304 8.02 1.27 13.23
N GLY A 305 9.32 1.32 13.00
CA GLY A 305 10.19 0.20 13.36
C GLY A 305 10.47 -0.76 12.21
N MET A 306 9.77 -0.59 11.09
CA MET A 306 10.01 -1.40 9.89
C MET A 306 11.13 -0.78 9.05
N SER A 307 11.67 -1.54 8.09
CA SER A 307 12.64 -0.97 7.15
C SER A 307 12.05 0.27 6.51
N PHE A 308 12.86 1.32 6.39
CA PHE A 308 12.35 2.60 5.92
C PHE A 308 13.43 3.63 5.63
N GLY A 309 13.22 4.38 4.56
CA GLY A 309 13.87 5.66 4.32
C GLY A 309 12.94 6.46 3.42
N ALA A 310 13.21 7.75 3.21
CA ALA A 310 12.46 8.52 2.22
C ALA A 310 13.28 9.73 1.79
N PHE A 311 13.12 10.11 0.53
CA PHE A 311 13.60 11.41 0.08
C PHE A 311 12.46 12.17 -0.55
N GLY A 312 12.41 13.47 -0.25
CA GLY A 312 11.36 14.33 -0.77
C GLY A 312 11.83 15.77 -0.73
N GLY A 313 10.93 16.68 -1.08
CA GLY A 313 11.27 18.09 -1.13
C GLY A 313 10.44 18.86 -2.13
N ARG A 314 11.05 19.90 -2.70
CA ARG A 314 10.42 20.81 -3.64
C ARG A 314 9.75 20.04 -4.77
N ARG A 315 8.51 20.42 -5.06
CA ARG A 315 7.72 19.80 -6.10
C ARG A 315 8.47 19.73 -7.44
N ASP A 316 9.07 20.83 -7.86
CA ASP A 316 9.70 20.88 -9.18
C ASP A 316 10.92 19.95 -9.30
N LEU A 317 11.55 19.65 -8.17
CA LEU A 317 12.66 18.70 -8.15
C LEU A 317 12.16 17.26 -8.14
N MET A 318 11.23 16.96 -7.25
CA MET A 318 10.70 15.60 -7.11
C MET A 318 9.93 15.11 -8.34
N GLU A 319 9.30 16.04 -9.07
CA GLU A 319 8.57 15.74 -10.30
C GLU A 319 9.43 15.11 -11.40
N ARG A 320 10.75 15.26 -11.28
CA ARG A 320 11.67 14.64 -12.23
C ARG A 320 11.58 13.10 -12.22
N PHE A 321 10.97 12.56 -11.16
CA PHE A 321 10.75 11.10 -11.04
C PHE A 321 9.37 10.61 -11.51
N ASP A 322 8.48 11.52 -11.91
CA ASP A 322 7.18 11.13 -12.48
C ASP A 322 7.42 10.27 -13.73
N PRO A 323 7.06 8.97 -13.65
CA PRO A 323 7.43 8.03 -14.73
C PRO A 323 6.71 8.29 -16.06
N ALA A 324 5.65 9.12 -16.03
CA ALA A 324 4.95 9.50 -17.25
C ALA A 324 5.69 10.61 -18.02
N ARG A 325 6.66 11.25 -17.37
CA ARG A 325 7.42 12.34 -17.98
C ARG A 325 8.49 11.82 -18.94
N ASP A 326 8.70 12.57 -20.03
CA ASP A 326 9.80 12.31 -20.94
C ASP A 326 11.10 12.59 -20.21
N GLY A 327 12.00 11.61 -20.24
CA GLY A 327 13.29 11.71 -19.57
C GLY A 327 13.19 11.55 -18.06
N ALA A 328 12.12 10.91 -17.59
CA ALA A 328 11.93 10.63 -16.16
C ALA A 328 13.17 9.94 -15.57
N PHE A 329 13.53 10.32 -14.35
CA PHE A 329 14.55 9.56 -13.62
C PHE A 329 13.86 8.33 -13.08
N ALA A 330 14.60 7.22 -13.06
CA ALA A 330 14.11 5.96 -12.52
C ALA A 330 14.54 5.84 -11.05
N HIS A 331 13.59 5.47 -10.21
CA HIS A 331 13.89 5.12 -8.83
C HIS A 331 13.24 3.78 -8.51
N ALA A 332 14.09 2.76 -8.52
CA ALA A 332 13.66 1.38 -8.38
C ALA A 332 13.79 0.92 -6.92
N GLY A 333 13.54 -0.37 -6.66
CA GLY A 333 13.72 -0.93 -5.33
C GLY A 333 12.54 -1.76 -4.83
N THR A 334 12.79 -3.04 -4.66
CA THR A 334 11.75 -4.04 -4.41
C THR A 334 10.86 -3.72 -3.21
N PHE A 335 11.47 -3.41 -2.08
CA PHE A 335 10.73 -3.25 -0.83
C PHE A 335 10.28 -1.79 -0.53
N ASN A 336 10.46 -0.90 -1.50
CA ASN A 336 10.12 0.54 -1.33
C ASN A 336 8.72 0.78 -0.78
N ASN A 337 7.76 0.06 -1.37
CA ASN A 337 6.35 0.17 -1.01
C ASN A 337 5.83 -1.01 -0.22
N ASN A 338 6.71 -1.72 0.51
CA ASN A 338 6.29 -2.94 1.18
C ASN A 338 5.18 -2.66 2.20
N ILE A 339 4.23 -3.57 2.31
CA ILE A 339 2.98 -3.30 3.03
C ILE A 339 3.20 -3.10 4.54
N LEU A 340 4.16 -3.83 5.11
CA LEU A 340 4.46 -3.65 6.54
C LEU A 340 4.92 -2.22 6.86
N THR A 341 5.86 -1.71 6.07
CA THR A 341 6.34 -0.33 6.25
C THR A 341 5.24 0.69 5.99
N MET A 342 4.47 0.50 4.90
CA MET A 342 3.41 1.46 4.57
C MET A 342 2.40 1.56 5.72
N SER A 343 2.03 0.41 6.30
N SER A 343 2.02 0.40 6.26
CA SER A 343 1.01 0.36 7.34
CA SER A 343 1.05 0.31 7.33
C SER A 343 1.52 0.79 8.73
C SER A 343 1.58 0.87 8.65
N ALA A 344 2.70 0.31 9.11
CA ALA A 344 3.30 0.71 10.39
C ALA A 344 3.72 2.19 10.39
N GLY A 345 4.19 2.66 9.23
CA GLY A 345 4.60 4.05 9.08
C GLY A 345 3.43 5.02 9.20
N HIS A 346 2.33 4.69 8.53
CA HIS A 346 1.14 5.53 8.62
C HIS A 346 0.65 5.58 10.07
N ALA A 347 0.69 4.43 10.74
CA ALA A 347 0.30 4.33 12.14
C ALA A 347 1.24 5.15 13.01
N ALA A 348 2.54 5.08 12.70
CA ALA A 348 3.56 5.80 13.47
C ALA A 348 3.32 7.30 13.49
N LEU A 349 3.00 7.85 12.32
CA LEU A 349 2.85 9.30 12.16
C LEU A 349 1.47 9.82 12.55
N THR A 350 0.42 9.03 12.31
CA THR A 350 -0.95 9.50 12.51
C THR A 350 -1.64 8.96 13.77
N GLN A 351 -1.17 7.84 14.29
CA GLN A 351 -1.82 7.23 15.47
C GLN A 351 -0.98 7.26 16.72
N ILE A 352 0.33 7.39 16.59
CA ILE A 352 1.20 7.39 17.79
C ILE A 352 1.97 8.70 17.93
N TYR A 353 2.93 8.92 17.02
CA TYR A 353 3.79 10.09 17.12
C TYR A 353 3.25 11.24 16.30
N THR A 354 2.13 11.78 16.77
CA THR A 354 1.48 12.93 16.16
C THR A 354 2.42 14.14 16.32
N ARG A 355 2.08 15.25 15.66
CA ARG A 355 2.85 16.48 15.83
C ARG A 355 2.90 16.89 17.31
N GLN A 356 1.76 16.84 18.00
CA GLN A 356 1.74 17.17 19.43
C GLN A 356 2.62 16.23 20.26
N ALA A 357 2.57 14.93 19.95
CA ALA A 357 3.40 13.95 20.65
C ALA A 357 4.88 14.28 20.51
N ALA A 358 5.27 14.76 19.32
CA ALA A 358 6.66 15.15 19.03
C ALA A 358 7.10 16.35 19.88
N SER A 359 6.23 17.36 19.96
N SER A 359 6.23 17.36 19.94
CA SER A 359 6.49 18.51 20.81
CA SER A 359 6.46 18.51 20.80
C SER A 359 6.63 18.09 22.27
C SER A 359 6.63 18.10 22.26
N ASP A 360 5.72 17.25 22.73
CA ASP A 360 5.73 16.74 24.12
C ASP A 360 7.00 15.94 24.44
N LEU A 361 7.39 15.05 23.53
CA LEU A 361 8.58 14.23 23.77
C LEU A 361 9.87 15.07 23.76
N SER A 362 9.94 16.03 22.86
CA SER A 362 11.09 16.94 22.82
C SER A 362 11.20 17.77 24.10
N ALA A 363 10.06 18.26 24.61
CA ALA A 363 10.05 18.97 25.89
C ALA A 363 10.53 18.08 27.04
N SER A 364 10.03 16.85 27.08
CA SER A 364 10.45 15.86 28.06
C SER A 364 11.96 15.61 28.00
N GLY A 365 12.47 15.43 26.78
CA GLY A 365 13.90 15.23 26.55
C GLY A 365 14.75 16.43 26.97
N ASP A 366 14.24 17.64 26.72
CA ASP A 366 14.95 18.87 27.11
C ASP A 366 15.05 18.97 28.62
N ARG A 367 13.96 18.64 29.33
CA ARG A 367 13.99 18.62 30.80
C ARG A 367 14.96 17.56 31.32
N PHE A 368 14.92 16.38 30.73
CA PHE A 368 15.85 15.29 31.05
C PHE A 368 17.32 15.70 30.86
N ARG A 369 17.67 16.21 29.68
CA ARG A 369 19.04 16.61 29.39
C ARG A 369 19.48 17.76 30.32
N ALA A 370 18.57 18.69 30.60
CA ALA A 370 18.86 19.80 31.51
C ALA A 370 19.21 19.30 32.91
N ASN A 371 18.44 18.31 33.39
CA ASN A 371 18.72 17.65 34.68
C ASN A 371 20.08 16.97 34.73
N LEU A 372 20.40 16.20 33.69
CA LEU A 372 21.71 15.56 33.56
C LEU A 372 22.86 16.57 33.64
N ASN A 373 22.74 17.68 32.91
CA ASN A 373 23.74 18.74 32.96
C ASN A 373 23.82 19.44 34.33
N ARG A 374 22.66 19.65 34.95
CA ARG A 374 22.57 20.16 36.33
C ARG A 374 23.35 19.29 37.32
N ILE A 375 23.18 17.97 37.22
CA ILE A 375 23.94 17.01 38.04
C ILE A 375 25.46 17.14 37.84
N ALA A 376 25.90 17.26 36.58
CA ALA A 376 27.31 17.49 36.27
C ALA A 376 27.84 18.76 36.91
N VAL A 377 27.13 19.88 36.69
CA VAL A 377 27.52 21.19 37.20
C VAL A 377 27.55 21.24 38.74
N GLU A 378 26.56 20.62 39.38
CA GLU A 378 26.50 20.58 40.85
C GLU A 378 27.62 19.75 41.47
N ASN A 379 28.16 18.83 40.70
CA ASN A 379 29.26 17.98 41.18
C ASN A 379 30.62 18.38 40.62
N GLN A 380 30.64 19.52 39.93
CA GLN A 380 31.85 20.07 39.28
C GLN A 380 32.53 19.06 38.34
N ALA A 381 31.71 18.21 37.73
CA ALA A 381 32.21 17.12 36.89
C ALA A 381 32.60 17.63 35.51
N PRO A 382 33.71 17.09 34.96
CA PRO A 382 34.17 17.46 33.62
C PRO A 382 33.41 16.72 32.52
N LEU A 383 32.09 16.88 32.50
CA LEU A 383 31.25 16.22 31.49
C LEU A 383 30.02 17.05 31.18
N GLN A 384 29.44 16.78 30.01
CA GLN A 384 28.20 17.42 29.60
C GLN A 384 27.43 16.50 28.68
N PHE A 385 26.13 16.75 28.56
CA PHE A 385 25.31 16.08 27.55
C PHE A 385 24.89 17.13 26.53
N THR A 386 25.16 16.88 25.26
CA THR A 386 24.75 17.78 24.18
C THR A 386 23.59 17.13 23.45
N GLY A 387 22.81 17.94 22.75
CA GLY A 387 21.71 17.41 21.94
C GLY A 387 20.53 18.34 21.82
N LEU A 388 19.42 17.77 21.35
CA LEU A 388 18.16 18.49 21.13
C LEU A 388 17.02 17.55 21.45
N GLY A 389 15.98 18.09 22.08
CA GLY A 389 14.80 17.32 22.40
C GLY A 389 15.14 16.03 23.12
N SER A 390 14.67 14.91 22.57
CA SER A 390 14.83 13.59 23.20
C SER A 390 16.13 12.86 22.82
N LEU A 391 17.08 13.61 22.27
CA LEU A 391 18.34 13.05 21.80
C LEU A 391 19.51 13.68 22.56
N GLY A 392 20.46 12.86 22.97
CA GLY A 392 21.60 13.34 23.75
C GLY A 392 22.79 12.41 23.72
N THR A 393 23.99 12.99 23.88
CA THR A 393 25.23 12.23 23.98
C THR A 393 26.10 12.84 25.07
N ILE A 394 26.70 12.01 25.91
CA ILE A 394 27.69 12.46 26.89
C ILE A 394 29.02 12.81 26.22
N HIS A 395 29.65 13.89 26.66
CA HIS A 395 31.03 14.21 26.25
C HIS A 395 31.84 14.58 27.49
N PHE A 396 33.02 13.98 27.64
CA PHE A 396 33.88 14.31 28.78
C PHE A 396 34.80 15.47 28.40
N SER A 397 34.25 16.67 28.53
CA SER A 397 34.94 17.91 28.19
C SER A 397 34.15 19.04 28.80
N ARG A 398 34.83 20.12 29.16
CA ARG A 398 34.18 21.32 29.67
C ARG A 398 34.00 22.32 28.53
N ALA A 399 34.73 22.12 27.44
CA ALA A 399 34.72 23.04 26.31
C ALA A 399 33.40 22.94 25.51
N PRO A 400 33.06 24.01 24.74
CA PRO A 400 31.93 23.91 23.83
C PRO A 400 32.14 22.81 22.79
N ILE A 401 31.15 21.94 22.63
CA ILE A 401 31.21 20.89 21.62
C ILE A 401 30.45 21.39 20.40
N ARG A 402 31.19 21.72 19.34
CA ARG A 402 30.60 22.39 18.17
C ARG A 402 30.93 21.72 16.83
N SER A 403 31.93 20.84 16.83
CA SER A 403 32.33 20.14 15.61
C SER A 403 32.85 18.74 15.93
N ALA A 404 33.09 17.94 14.90
CA ALA A 404 33.63 16.59 15.08
C ALA A 404 34.94 16.62 15.85
N GLY A 405 35.79 17.61 15.54
CA GLY A 405 37.06 17.83 16.26
C GLY A 405 36.88 17.92 17.76
N ASP A 406 35.86 18.68 18.19
CA ASP A 406 35.54 18.82 19.60
C ASP A 406 35.12 17.50 20.24
N VAL A 407 34.29 16.74 19.52
CA VAL A 407 33.83 15.42 20.00
C VAL A 407 35.02 14.48 20.18
N ARG A 408 35.90 14.45 19.17
CA ARG A 408 37.07 13.56 19.19
C ARG A 408 38.05 13.91 20.30
N ALA A 409 38.18 15.20 20.59
CA ALA A 409 39.14 15.70 21.59
C ALA A 409 38.69 15.46 23.02
N ALA A 410 37.39 15.21 23.20
CA ALA A 410 36.85 14.88 24.52
C ALA A 410 37.38 13.51 24.96
N ASP A 411 37.34 13.24 26.27
CA ASP A 411 38.00 12.06 26.83
C ASP A 411 37.26 10.78 26.45
N GLN A 412 37.92 9.95 25.64
CA GLN A 412 37.29 8.74 25.11
C GLN A 412 37.39 7.55 26.06
N GLN A 413 38.37 7.60 26.97
CA GLN A 413 38.50 6.57 28.01
C GLN A 413 37.37 6.67 29.02
N LEU A 414 37.09 7.88 29.49
CA LEU A 414 35.98 8.11 30.42
C LEU A 414 34.64 7.72 29.78
N LYS A 415 34.50 7.98 28.48
CA LYS A 415 33.31 7.58 27.73
C LYS A 415 33.08 6.07 27.78
N GLU A 416 34.14 5.29 27.57
CA GLU A 416 34.04 3.83 27.59
C GLU A 416 33.71 3.36 29.01
N LEU A 417 34.32 3.97 30.01
CA LEU A 417 34.08 3.65 31.41
C LEU A 417 32.61 3.91 31.77
N PHE A 418 32.07 5.02 31.25
CA PHE A 418 30.66 5.38 31.45
C PHE A 418 29.73 4.30 30.91
N PHE A 419 30.01 3.79 29.72
CA PHE A 419 29.19 2.76 29.09
C PHE A 419 29.08 1.51 29.96
N PHE A 420 30.22 0.98 30.42
CA PHE A 420 30.20 -0.23 31.24
C PHE A 420 29.53 0.02 32.60
N HIS A 421 29.75 1.21 33.17
CA HIS A 421 29.09 1.61 34.43
C HIS A 421 27.57 1.57 34.29
N MET A 422 27.05 2.20 33.24
CA MET A 422 25.61 2.18 32.99
C MET A 422 25.07 0.75 32.84
N LEU A 423 25.78 -0.11 32.11
CA LEU A 423 25.41 -1.54 32.04
C LEU A 423 25.25 -2.21 33.40
N ARG A 424 26.21 -1.97 34.31
CA ARG A 424 26.18 -2.58 35.64
C ARG A 424 24.95 -2.09 36.41
N LYS A 425 24.48 -0.89 36.07
CA LYS A 425 23.28 -0.31 36.68
C LYS A 425 21.96 -0.70 36.00
N GLY A 426 22.03 -1.61 35.03
CA GLY A 426 20.84 -2.05 34.30
C GLY A 426 20.32 -1.04 33.29
N ILE A 427 21.20 -0.16 32.83
CA ILE A 427 20.85 0.88 31.87
C ILE A 427 21.66 0.68 30.58
N TYR A 428 20.96 0.48 29.47
CA TYR A 428 21.63 0.31 28.19
C TYR A 428 21.55 1.56 27.34
N LEU A 429 22.72 2.14 27.01
CA LEU A 429 22.81 3.14 25.94
C LEU A 429 23.94 2.78 24.99
N ALA A 430 24.13 3.57 23.93
CA ALA A 430 25.18 3.30 22.97
C ALA A 430 26.57 3.28 23.63
N PRO A 431 27.47 2.40 23.13
CA PRO A 431 28.87 2.50 23.54
C PRO A 431 29.44 3.91 23.42
N ARG A 432 29.03 4.67 22.40
CA ARG A 432 29.50 6.04 22.20
C ARG A 432 28.81 7.08 23.11
N GLY A 433 27.92 6.62 23.99
CA GLY A 433 27.31 7.49 25.00
C GLY A 433 26.09 8.27 24.54
N MET A 434 25.42 7.76 23.50
CA MET A 434 24.21 8.37 22.98
C MET A 434 22.96 7.68 23.51
N TYR A 435 21.97 8.48 23.93
CA TYR A 435 20.61 7.99 24.15
C TYR A 435 19.65 8.61 23.14
N ALA A 436 18.54 7.91 22.89
CA ALA A 436 17.45 8.43 22.09
C ALA A 436 16.19 7.94 22.79
N LEU A 437 15.53 8.82 23.52
CA LEU A 437 14.40 8.46 24.34
C LEU A 437 13.24 7.95 23.50
N SER A 438 12.81 6.72 23.78
CA SER A 438 11.58 6.19 23.21
C SER A 438 10.37 6.74 23.97
N LEU A 439 9.19 6.51 23.42
CA LEU A 439 7.93 6.84 24.06
C LEU A 439 7.62 5.95 25.27
N GLU A 440 8.43 4.91 25.47
CA GLU A 440 8.20 3.96 26.55
C GLU A 440 9.01 4.27 27.80
N ILE A 441 9.99 5.16 27.69
CA ILE A 441 10.77 5.65 28.84
C ILE A 441 9.86 6.49 29.73
N ALA A 442 9.82 6.17 31.02
CA ALA A 442 8.99 6.89 31.97
C ALA A 442 9.81 7.42 33.14
N ASP A 443 9.12 7.96 34.15
CA ASP A 443 9.77 8.55 35.33
C ASP A 443 10.81 7.64 35.96
N ALA A 444 10.45 6.37 36.18
CA ALA A 444 11.36 5.39 36.78
C ALA A 444 12.66 5.23 36.01
N GLY A 445 12.57 5.22 34.68
CA GLY A 445 13.73 5.03 33.82
C GLY A 445 14.65 6.22 33.89
N ARG A 446 14.06 7.41 33.72
CA ARG A 446 14.80 8.67 33.75
C ARG A 446 15.47 8.90 35.12
N ASP A 447 14.75 8.58 36.20
CA ASP A 447 15.28 8.70 37.55
C ASP A 447 16.48 7.77 37.74
N ALA A 448 16.35 6.53 37.27
CA ALA A 448 17.43 5.54 37.37
C ALA A 448 18.68 6.01 36.63
N PHE A 449 18.50 6.60 35.45
CA PHE A 449 19.59 7.15 34.65
C PHE A 449 20.31 8.29 35.38
N ALA A 450 19.54 9.25 35.92
CA ALA A 450 20.11 10.38 36.65
C ALA A 450 20.84 9.93 37.93
N GLU A 451 20.30 8.92 38.60
CA GLU A 451 20.92 8.37 39.80
C GLU A 451 22.22 7.67 39.44
N ALA A 452 22.19 6.88 38.36
CA ALA A 452 23.37 6.16 37.89
C ALA A 452 24.48 7.11 37.48
N LEU A 453 24.11 8.25 36.88
CA LEU A 453 25.08 9.29 36.52
C LEU A 453 25.77 9.88 37.75
N ALA A 454 24.97 10.27 38.75
CA ALA A 454 25.50 10.75 40.03
C ALA A 454 26.46 9.74 40.66
N ASP A 455 26.07 8.46 40.64
CA ASP A 455 26.91 7.36 41.14
C ASP A 455 28.25 7.27 40.41
N PHE A 456 28.23 7.37 39.08
CA PHE A 456 29.45 7.40 38.28
C PHE A 456 30.38 8.55 38.69
N ILE A 457 29.82 9.75 38.84
CA ILE A 457 30.62 10.91 39.24
C ILE A 457 31.29 10.68 40.60
N GLY A 458 30.50 10.21 41.57
CA GLY A 458 31.02 9.87 42.91
C GLY A 458 32.12 8.82 42.86
N GLU A 459 31.81 7.67 42.26
CA GLU A 459 32.71 6.51 42.23
C GLU A 459 33.98 6.72 41.39
N GLN A 460 33.92 7.57 40.37
CA GLN A 460 35.07 7.83 39.49
C GLN A 460 35.77 9.14 39.82
N ARG A 461 35.56 9.66 41.03
CA ARG A 461 36.11 10.95 41.44
C ARG A 461 37.60 11.12 41.11
N ALA A 462 38.39 10.07 41.38
CA ALA A 462 39.85 10.13 41.19
C ALA A 462 40.27 10.28 39.72
N LEU A 463 39.46 9.75 38.82
CA LEU A 463 39.72 9.86 37.38
C LEU A 463 39.09 11.09 36.72
N LEU A 464 38.32 11.86 37.49
CA LEU A 464 37.67 13.06 36.97
C LEU A 464 38.41 14.36 37.31
N MET A 465 39.65 14.23 37.79
CA MET A 465 40.51 15.38 38.10
C MET A 465 41.35 15.82 36.90
N ASP B 35 7.41 -2.31 -36.35
CA ASP B 35 6.74 -1.14 -35.71
C ASP B 35 5.73 -0.53 -36.69
N THR B 36 4.44 -0.65 -36.37
CA THR B 36 3.39 -0.40 -37.36
C THR B 36 2.22 0.43 -36.79
N ALA B 37 1.45 1.05 -37.69
CA ALA B 37 0.30 1.86 -37.31
C ALA B 37 -0.82 0.98 -36.76
N GLU B 38 -0.94 -0.21 -37.32
CA GLU B 38 -1.94 -1.19 -36.89
C GLU B 38 -1.71 -1.61 -35.44
N LYS B 39 -0.44 -1.88 -35.09
CA LYS B 39 -0.08 -2.27 -33.74
C LYS B 39 -0.27 -1.09 -32.79
N ALA B 40 -0.01 0.12 -33.28
CA ALA B 40 -0.21 1.32 -32.46
C ALA B 40 -1.70 1.53 -32.15
N GLN B 41 -2.56 1.26 -33.12
CA GLN B 41 -4.02 1.36 -32.94
C GLN B 41 -4.53 0.28 -31.99
N ALA B 42 -3.95 -0.92 -32.08
CA ALA B 42 -4.29 -2.00 -31.17
C ALA B 42 -3.91 -1.65 -29.73
N ILE B 43 -2.76 -0.99 -29.56
CA ILE B 43 -2.30 -0.56 -28.24
C ILE B 43 -3.22 0.51 -27.65
N ALA B 44 -3.59 1.49 -28.46
CA ALA B 44 -4.57 2.52 -28.05
C ALA B 44 -5.88 1.88 -27.58
N ALA B 45 -6.36 0.88 -28.31
CA ALA B 45 -7.59 0.15 -27.97
C ALA B 45 -7.49 -0.62 -26.65
N ALA B 46 -6.37 -1.31 -26.46
CA ALA B 46 -6.13 -2.08 -25.24
C ALA B 46 -5.99 -1.18 -24.03
N ARG B 47 -5.27 -0.07 -24.20
CA ARG B 47 -5.14 0.92 -23.12
C ARG B 47 -6.51 1.49 -22.73
N ASN B 48 -7.33 1.78 -23.75
N ASN B 48 -7.32 1.79 -23.75
CA ASN B 48 -8.67 2.32 -23.52
CA ASN B 48 -8.67 2.31 -23.56
C ASN B 48 -9.62 1.33 -22.84
C ASN B 48 -9.59 1.33 -22.83
N THR B 49 -9.50 0.05 -23.18
CA THR B 49 -10.28 -1.00 -22.55
C THR B 49 -9.84 -1.18 -21.09
N PHE B 50 -8.52 -1.19 -20.87
CA PHE B 50 -7.99 -1.25 -19.50
C PHE B 50 -8.52 -0.08 -18.66
N ALA B 51 -8.47 1.12 -19.22
CA ALA B 51 -8.98 2.31 -18.54
C ALA B 51 -10.49 2.21 -18.22
N ARG B 52 -11.29 1.75 -19.19
CA ARG B 52 -12.73 1.55 -18.99
C ARG B 52 -12.99 0.52 -17.90
N ASP B 53 -12.20 -0.56 -17.89
CA ASP B 53 -12.36 -1.66 -16.93
C ASP B 53 -12.05 -1.18 -15.50
N ASN B 54 -11.17 -0.18 -15.39
CA ASN B 54 -10.52 0.17 -14.11
C ASN B 54 -10.64 1.63 -13.64
N PRO B 55 -11.88 2.18 -13.63
CA PRO B 55 -12.03 3.57 -13.19
C PRO B 55 -11.67 3.82 -11.71
N VAL B 56 -11.85 2.85 -10.82
CA VAL B 56 -11.45 3.06 -9.42
C VAL B 56 -9.92 3.21 -9.30
N SER B 57 -9.16 2.30 -9.92
CA SER B 57 -7.70 2.48 -10.01
C SER B 57 -7.32 3.85 -10.59
N ALA B 58 -8.05 4.30 -11.62
CA ALA B 58 -7.77 5.62 -12.19
C ALA B 58 -7.96 6.75 -11.18
N GLY B 59 -9.03 6.68 -10.38
CA GLY B 59 -9.29 7.67 -9.33
C GLY B 59 -8.18 7.70 -8.28
N HIS B 60 -7.74 6.51 -7.87
CA HIS B 60 -6.61 6.36 -6.93
C HIS B 60 -5.35 7.04 -7.46
N HIS B 61 -5.05 6.85 -8.75
CA HIS B 61 -3.86 7.42 -9.39
C HIS B 61 -3.86 8.95 -9.30
N GLU B 62 -4.99 9.56 -9.64
CA GLU B 62 -5.12 11.02 -9.55
C GLU B 62 -4.86 11.55 -8.14
N ARG B 63 -5.38 10.86 -7.11
CA ARG B 63 -5.08 11.24 -5.73
C ARG B 63 -3.61 10.99 -5.34
N ALA B 64 -3.07 9.85 -5.76
CA ALA B 64 -1.67 9.49 -5.42
C ALA B 64 -0.65 10.50 -5.98
N ARG B 65 -0.95 11.08 -7.15
CA ARG B 65 -0.08 12.09 -7.76
C ARG B 65 0.17 13.32 -6.91
N ARG B 66 -0.69 13.56 -5.91
CA ARG B 66 -0.60 14.73 -5.06
C ARG B 66 0.50 14.62 -3.98
N SER B 67 0.95 13.39 -3.71
CA SER B 67 1.96 13.16 -2.66
C SER B 67 3.23 12.44 -3.11
N MET B 68 3.14 11.74 -4.24
CA MET B 68 4.29 11.05 -4.83
C MET B 68 4.39 11.43 -6.30
N PRO B 69 5.63 11.57 -6.84
CA PRO B 69 5.82 11.93 -8.24
C PRO B 69 5.20 10.88 -9.14
N GLY B 70 4.25 11.30 -9.98
CA GLY B 70 3.48 10.35 -10.80
C GLY B 70 2.70 9.33 -10.00
N GLY B 71 2.39 9.66 -8.74
CA GLY B 71 1.69 8.74 -7.84
C GLY B 71 2.47 7.45 -7.61
N ASN B 72 3.80 7.57 -7.62
CA ASN B 72 4.69 6.42 -7.76
C ASN B 72 5.84 6.48 -6.76
N THR B 73 6.18 5.33 -6.18
CA THR B 73 7.38 5.23 -5.32
C THR B 73 8.35 4.09 -5.71
N ARG B 74 8.08 3.46 -6.84
CA ARG B 74 8.86 2.36 -7.38
C ARG B 74 8.57 2.35 -8.87
N SER B 75 9.53 2.85 -9.65
CA SER B 75 9.28 3.20 -11.06
C SER B 75 8.69 2.05 -11.90
N ILE B 76 9.13 0.84 -11.63
CA ILE B 76 8.71 -0.32 -12.42
C ILE B 76 7.20 -0.62 -12.28
N LEU B 77 6.56 -0.09 -11.23
CA LEU B 77 5.11 -0.29 -11.03
C LEU B 77 4.26 0.59 -11.92
N PHE B 78 4.83 1.69 -12.43
CA PHE B 78 4.06 2.52 -13.35
C PHE B 78 4.00 1.88 -14.73
N HIS B 79 2.80 1.91 -15.32
CA HIS B 79 2.64 1.70 -16.75
C HIS B 79 1.45 2.53 -17.21
N ARG B 80 1.41 2.83 -18.51
CA ARG B 80 0.30 3.57 -19.09
C ARG B 80 -0.91 2.64 -19.24
N PRO B 81 -2.13 3.21 -19.22
CA PRO B 81 -2.46 4.62 -18.97
C PRO B 81 -2.28 5.01 -17.49
N PHE B 82 -2.33 4.01 -16.61
CA PHE B 82 -2.09 4.16 -15.17
C PHE B 82 -1.99 2.72 -14.63
N PRO B 83 -1.33 2.53 -13.47
CA PRO B 83 -1.23 1.18 -12.91
C PRO B 83 -2.48 0.76 -12.11
N LEU B 84 -2.62 -0.56 -11.91
CA LEU B 84 -3.66 -1.09 -11.05
C LEU B 84 -3.32 -0.75 -9.60
N VAL B 85 -4.36 -0.52 -8.80
CA VAL B 85 -4.20 -0.55 -7.35
C VAL B 85 -4.84 -1.83 -6.86
N ILE B 86 -4.09 -2.60 -6.07
CA ILE B 86 -4.56 -3.87 -5.54
C ILE B 86 -5.10 -3.63 -4.12
N ALA B 87 -6.21 -4.29 -3.80
CA ALA B 87 -6.88 -4.12 -2.51
C ALA B 87 -6.41 -5.16 -1.50
N GLN B 88 -6.30 -6.41 -1.94
CA GLN B 88 -5.79 -7.46 -1.09
C GLN B 88 -5.44 -8.73 -1.87
N GLY B 89 -4.65 -9.59 -1.24
CA GLY B 89 -4.34 -10.88 -1.81
C GLY B 89 -4.04 -11.95 -0.78
N THR B 90 -4.30 -13.20 -1.18
CA THR B 90 -4.09 -14.40 -0.39
C THR B 90 -3.50 -15.46 -1.35
N GLY B 91 -2.45 -16.15 -0.91
CA GLY B 91 -1.82 -17.20 -1.73
C GLY B 91 -1.29 -16.62 -3.02
N SER B 92 -1.73 -17.17 -4.16
CA SER B 92 -1.30 -16.75 -5.49
C SER B 92 -2.26 -15.71 -6.11
N ARG B 93 -3.31 -15.36 -5.37
CA ARG B 93 -4.40 -14.54 -5.92
C ARG B 93 -4.39 -13.13 -5.33
N PHE B 94 -4.72 -12.15 -6.17
CA PHE B 94 -5.09 -10.85 -5.62
C PHE B 94 -6.29 -10.23 -6.33
N GLN B 95 -6.80 -9.16 -5.73
CA GLN B 95 -7.97 -8.46 -6.22
C GLN B 95 -7.66 -6.98 -6.35
N ASP B 96 -7.99 -6.37 -7.48
CA ASP B 96 -7.76 -4.93 -7.64
C ASP B 96 -8.91 -4.15 -7.01
N VAL B 97 -8.80 -2.82 -6.98
CA VAL B 97 -9.80 -1.97 -6.30
C VAL B 97 -11.12 -1.88 -7.07
N ASP B 98 -11.12 -2.31 -8.32
CA ASP B 98 -12.36 -2.43 -9.08
C ASP B 98 -13.03 -3.78 -8.85
N GLY B 99 -12.36 -4.66 -8.10
CA GLY B 99 -12.92 -5.96 -7.74
C GLY B 99 -12.53 -7.12 -8.66
N HIS B 100 -11.67 -6.86 -9.65
CA HIS B 100 -11.19 -7.92 -10.57
C HIS B 100 -10.18 -8.81 -9.85
N ALA B 101 -10.27 -10.12 -10.06
CA ALA B 101 -9.31 -11.06 -9.47
C ALA B 101 -8.27 -11.52 -10.49
N TYR B 102 -7.05 -11.78 -10.01
CA TYR B 102 -5.97 -12.26 -10.87
C TYR B 102 -5.16 -13.33 -10.17
N VAL B 103 -4.49 -14.17 -10.97
CA VAL B 103 -3.40 -15.00 -10.46
C VAL B 103 -2.10 -14.23 -10.65
N ASN B 104 -1.31 -14.16 -9.58
CA ASN B 104 -0.05 -13.40 -9.58
C ASN B 104 1.12 -14.23 -10.09
N PHE B 105 1.38 -14.14 -11.38
CA PHE B 105 2.57 -14.73 -11.99
C PHE B 105 3.85 -13.90 -11.87
N LEU B 106 3.71 -12.64 -11.44
CA LEU B 106 4.88 -11.78 -11.29
C LEU B 106 5.70 -12.13 -10.06
N GLY B 107 5.03 -12.45 -8.96
CA GLY B 107 5.71 -12.91 -7.75
C GLY B 107 6.80 -11.96 -7.29
N GLU B 108 6.44 -10.67 -7.24
CA GLU B 108 7.31 -9.58 -6.76
C GLU B 108 8.70 -9.61 -7.40
N TYR B 109 8.74 -9.78 -8.72
CA TYR B 109 10.01 -9.84 -9.46
C TYR B 109 11.02 -10.80 -8.81
N THR B 110 10.51 -11.99 -8.45
CA THR B 110 11.21 -13.10 -7.75
C THR B 110 11.24 -13.05 -6.20
N ALA B 111 10.98 -11.88 -5.60
CA ALA B 111 10.98 -11.78 -4.11
C ALA B 111 9.77 -12.46 -3.48
N GLY B 112 8.70 -12.59 -4.25
CA GLY B 112 7.40 -12.98 -3.69
C GLY B 112 7.18 -14.46 -3.85
N LEU B 113 8.23 -15.23 -3.56
CA LEU B 113 8.26 -16.68 -3.74
C LEU B 113 7.25 -17.44 -2.88
N PHE B 114 6.83 -16.82 -1.79
CA PHE B 114 5.97 -17.49 -0.79
C PHE B 114 4.50 -17.16 -0.95
N GLY B 115 4.15 -16.43 -2.01
CA GLY B 115 2.80 -15.92 -2.19
C GLY B 115 2.48 -14.82 -1.19
N HIS B 116 1.20 -14.48 -1.07
CA HIS B 116 0.78 -13.29 -0.31
C HIS B 116 0.52 -13.51 1.18
N SER B 117 0.45 -14.78 1.60
CA SER B 117 0.03 -15.12 2.97
C SER B 117 0.51 -16.49 3.42
N HIS B 118 1.80 -16.76 3.25
CA HIS B 118 2.35 -18.07 3.61
C HIS B 118 2.31 -18.24 5.13
N PRO B 119 1.74 -19.37 5.62
CA PRO B 119 1.59 -19.56 7.06
C PRO B 119 2.92 -19.71 7.80
N VAL B 120 3.92 -20.28 7.13
CA VAL B 120 5.23 -20.44 7.78
C VAL B 120 5.94 -19.08 7.93
N ILE B 121 5.82 -18.23 6.91
CA ILE B 121 6.28 -16.84 7.03
C ILE B 121 5.52 -16.10 8.15
N ARG B 122 4.20 -16.28 8.21
CA ARG B 122 3.41 -15.63 9.26
C ARG B 122 3.88 -16.05 10.66
N ALA B 123 4.14 -17.34 10.85
CA ALA B 123 4.64 -17.86 12.13
C ALA B 123 6.00 -17.23 12.49
N ALA B 124 6.86 -17.03 11.48
CA ALA B 124 8.15 -16.36 11.70
C ALA B 124 7.98 -14.88 12.10
N VAL B 125 7.01 -14.20 11.48
CA VAL B 125 6.70 -12.81 11.85
C VAL B 125 6.22 -12.76 13.30
N GLU B 126 5.34 -13.67 13.68
CA GLU B 126 4.86 -13.78 15.06
C GLU B 126 5.99 -14.08 16.07
N ARG B 127 6.90 -14.98 15.71
CA ARG B 127 8.06 -15.29 16.56
C ARG B 127 8.96 -14.06 16.76
N ALA B 128 9.19 -13.34 15.66
CA ALA B 128 9.97 -12.10 15.68
C ALA B 128 9.38 -11.07 16.63
N LEU B 129 8.05 -10.87 16.55
CA LEU B 129 7.38 -9.93 17.42
C LEU B 129 7.52 -10.32 18.88
N ALA B 130 7.51 -11.63 19.13
CA ALA B 130 7.68 -12.20 20.48
C ALA B 130 9.08 -11.96 21.03
N VAL B 131 10.09 -12.04 20.15
CA VAL B 131 11.46 -11.66 20.50
C VAL B 131 11.53 -10.17 20.86
N GLY B 132 10.95 -9.31 20.00
CA GLY B 132 10.94 -7.87 20.27
C GLY B 132 11.53 -7.08 19.13
N LEU B 133 10.90 -5.95 18.81
CA LEU B 133 11.35 -5.09 17.72
C LEU B 133 12.33 -4.04 18.23
N ASN B 134 13.24 -3.60 17.35
CA ASN B 134 14.13 -2.48 17.63
C ASN B 134 14.93 -2.65 18.93
N LEU B 135 15.36 -3.89 19.17
CA LEU B 135 16.11 -4.25 20.39
C LEU B 135 17.49 -3.62 20.52
N SER B 136 17.96 -2.96 19.46
CA SER B 136 19.17 -2.11 19.50
C SER B 136 20.46 -2.87 19.78
N THR B 137 20.40 -4.20 19.59
CA THR B 137 21.44 -5.14 20.00
C THR B 137 21.32 -6.39 19.14
N GLN B 138 22.34 -7.24 19.16
CA GLN B 138 22.32 -8.51 18.44
C GLN B 138 21.44 -9.52 19.16
N THR B 139 20.79 -10.39 18.40
CA THR B 139 20.17 -11.60 18.95
C THR B 139 20.82 -12.82 18.28
N GLU B 140 20.51 -14.02 18.77
CA GLU B 140 21.05 -15.23 18.17
C GLU B 140 20.53 -15.43 16.75
N ASN B 141 19.41 -14.80 16.43
CA ASN B 141 18.73 -14.99 15.15
C ASN B 141 19.53 -14.58 13.91
N GLU B 142 20.32 -13.50 14.02
CA GLU B 142 21.18 -13.12 12.92
C GLU B 142 22.26 -14.16 12.61
N ALA B 143 22.89 -14.73 13.65
CA ALA B 143 23.86 -15.80 13.43
C ALA B 143 23.21 -17.05 12.83
N LEU B 144 22.02 -17.40 13.34
CA LEU B 144 21.28 -18.55 12.75
C LEU B 144 21.02 -18.35 11.27
N PHE B 145 20.62 -17.14 10.89
CA PHE B 145 20.29 -16.82 9.50
C PHE B 145 21.57 -16.83 8.66
N ALA B 146 22.62 -16.17 9.16
CA ALA B 146 23.91 -16.16 8.48
C ALA B 146 24.47 -17.57 8.25
N GLU B 147 24.31 -18.45 9.24
CA GLU B 147 24.75 -19.85 9.12
C GLU B 147 24.00 -20.57 8.01
N ALA B 148 22.69 -20.36 7.93
CA ALA B 148 21.86 -20.95 6.88
C ALA B 148 22.32 -20.51 5.50
N VAL B 149 22.58 -19.21 5.34
CA VAL B 149 23.07 -18.62 4.09
C VAL B 149 24.43 -19.19 3.69
N CYS B 150 25.39 -19.20 4.62
CA CYS B 150 26.71 -19.75 4.35
C CYS B 150 26.63 -21.23 3.99
N ASP B 151 25.79 -22.00 4.69
CA ASP B 151 25.59 -23.42 4.41
C ASP B 151 25.04 -23.65 2.98
N ARG B 152 24.13 -22.78 2.54
CA ARG B 152 23.47 -22.94 1.25
C ARG B 152 24.33 -22.58 0.03
N PHE B 153 25.10 -21.52 0.14
CA PHE B 153 25.79 -20.98 -1.04
C PHE B 153 27.28 -21.28 -1.03
N PRO B 154 27.75 -22.05 -2.05
CA PRO B 154 29.07 -22.70 -2.01
C PRO B 154 30.28 -21.77 -2.01
N SER B 155 30.13 -20.55 -2.52
CA SER B 155 31.25 -19.59 -2.51
C SER B 155 31.15 -18.52 -1.41
N ILE B 156 30.09 -18.58 -0.60
CA ILE B 156 29.93 -17.63 0.50
C ILE B 156 30.45 -18.25 1.79
N ASP B 157 31.65 -17.84 2.19
CA ASP B 157 32.29 -18.30 3.43
C ASP B 157 31.80 -17.49 4.63
N LEU B 158 31.62 -16.18 4.38
CA LEU B 158 31.10 -15.24 5.39
C LEU B 158 30.14 -14.31 4.69
N VAL B 159 29.18 -13.76 5.42
CA VAL B 159 28.15 -12.92 4.82
C VAL B 159 27.79 -11.75 5.74
N ARG B 160 27.32 -10.66 5.12
CA ARG B 160 26.71 -9.57 5.85
C ARG B 160 25.39 -9.21 5.20
N PHE B 161 24.40 -8.91 6.03
CA PHE B 161 23.07 -8.56 5.56
C PHE B 161 22.94 -7.06 5.34
N THR B 162 22.20 -6.72 4.28
CA THR B 162 21.87 -5.35 3.97
C THR B 162 20.34 -5.24 3.92
N ASN B 163 19.83 -4.08 3.51
CA ASN B 163 18.38 -3.86 3.48
C ASN B 163 17.76 -3.94 2.10
N SER B 164 18.59 -4.25 1.11
CA SER B 164 18.15 -4.36 -0.29
C SER B 164 19.28 -4.93 -1.14
N GLY B 165 18.92 -5.47 -2.30
CA GLY B 165 19.91 -5.86 -3.30
C GLY B 165 20.71 -4.67 -3.80
N THR B 166 20.07 -3.50 -3.89
CA THR B 166 20.78 -2.25 -4.22
C THR B 166 21.96 -2.01 -3.27
N GLU B 167 21.69 -2.05 -1.97
CA GLU B 167 22.76 -1.90 -0.98
C GLU B 167 23.82 -2.99 -1.08
N ALA B 168 23.39 -4.23 -1.32
CA ALA B 168 24.31 -5.37 -1.38
C ALA B 168 25.34 -5.17 -2.50
N ASN B 169 24.85 -4.80 -3.68
CA ASN B 169 25.73 -4.54 -4.82
C ASN B 169 26.61 -3.31 -4.65
N LEU B 170 26.08 -2.23 -4.07
CA LEU B 170 26.92 -1.08 -3.72
C LEU B 170 28.02 -1.49 -2.75
N MET B 171 27.67 -2.31 -1.74
CA MET B 171 28.69 -2.79 -0.78
C MET B 171 29.72 -3.73 -1.42
N ALA B 172 29.29 -4.55 -2.37
CA ALA B 172 30.25 -5.40 -3.09
C ALA B 172 31.27 -4.56 -3.86
N LEU B 173 30.80 -3.52 -4.54
CA LEU B 173 31.69 -2.59 -5.23
C LEU B 173 32.57 -1.79 -4.25
N ALA B 174 32.01 -1.41 -3.10
CA ALA B 174 32.76 -0.75 -2.02
C ALA B 174 33.92 -1.64 -1.56
N THR B 175 33.63 -2.93 -1.43
CA THR B 175 34.61 -3.93 -1.04
C THR B 175 35.72 -4.04 -2.10
N ALA B 176 35.32 -4.22 -3.37
CA ALA B 176 36.27 -4.41 -4.46
C ALA B 176 37.21 -3.23 -4.68
N THR B 177 36.64 -2.02 -4.69
CA THR B 177 37.42 -0.80 -4.93
C THR B 177 38.35 -0.51 -3.75
N ALA B 178 37.85 -0.70 -2.54
CA ALA B 178 38.65 -0.46 -1.34
C ALA B 178 39.78 -1.47 -1.19
N ILE B 179 39.50 -2.75 -1.41
CA ILE B 179 40.54 -3.79 -1.32
C ILE B 179 41.62 -3.62 -2.40
N THR B 180 41.20 -3.43 -3.64
CA THR B 180 42.14 -3.34 -4.77
C THR B 180 42.81 -1.99 -4.90
N GLY B 181 42.16 -0.93 -4.41
CA GLY B 181 42.63 0.44 -4.61
C GLY B 181 42.40 0.91 -6.04
N ARG B 182 41.64 0.13 -6.80
CA ARG B 182 41.34 0.45 -8.20
C ARG B 182 39.93 1.05 -8.37
N LYS B 183 39.68 1.61 -9.55
CA LYS B 183 38.48 2.40 -9.79
C LYS B 183 37.51 1.83 -10.81
N THR B 184 38.03 1.12 -11.82
CA THR B 184 37.17 0.68 -12.93
C THR B 184 36.33 -0.54 -12.59
N VAL B 185 35.05 -0.49 -12.97
CA VAL B 185 34.13 -1.60 -12.82
C VAL B 185 33.60 -1.99 -14.20
N LEU B 186 33.75 -3.26 -14.56
CA LEU B 186 33.17 -3.78 -15.78
C LEU B 186 31.79 -4.34 -15.47
N ALA B 187 30.78 -3.80 -16.12
CA ALA B 187 29.45 -4.38 -16.05
C ALA B 187 28.94 -4.53 -17.47
N PHE B 188 27.69 -4.95 -17.61
CA PHE B 188 27.14 -5.24 -18.92
C PHE B 188 25.85 -4.51 -19.22
N ASP B 189 25.76 -4.03 -20.45
CA ASP B 189 24.56 -3.36 -20.96
C ASP B 189 23.36 -4.30 -20.80
N GLY B 190 22.30 -3.77 -20.19
CA GLY B 190 21.11 -4.57 -19.87
C GLY B 190 21.15 -5.11 -18.45
N GLY B 191 22.32 -5.02 -17.82
CA GLY B 191 22.51 -5.53 -16.46
C GLY B 191 21.79 -4.65 -15.47
N TYR B 192 21.23 -5.26 -14.43
CA TYR B 192 20.52 -4.51 -13.41
C TYR B 192 21.01 -4.91 -12.04
N HIS B 193 21.55 -3.94 -11.30
CA HIS B 193 22.16 -4.21 -10.01
C HIS B 193 21.59 -3.31 -8.90
N GLY B 194 20.41 -2.76 -9.14
CA GLY B 194 19.73 -1.92 -8.16
C GLY B 194 19.57 -0.48 -8.60
N GLY B 195 18.96 0.33 -7.73
CA GLY B 195 18.62 1.72 -8.05
C GLY B 195 19.77 2.65 -8.39
N LEU B 196 20.96 2.36 -7.89
CA LEU B 196 22.11 3.21 -8.15
C LEU B 196 23.09 2.55 -9.12
N LEU B 197 22.72 1.36 -9.62
CA LEU B 197 23.53 0.59 -10.56
C LEU B 197 22.65 -0.06 -11.62
N ASN B 198 21.85 0.78 -12.27
CA ASN B 198 20.91 0.34 -13.28
C ASN B 198 21.45 0.57 -14.69
N PHE B 199 21.84 -0.51 -15.35
CA PHE B 199 22.36 -0.42 -16.71
C PHE B 199 21.41 -1.05 -17.74
N ALA B 200 20.13 -1.17 -17.38
CA ALA B 200 19.12 -1.78 -18.25
C ALA B 200 18.98 -1.02 -19.57
N SER B 201 19.23 0.29 -19.55
CA SER B 201 19.24 1.08 -20.77
C SER B 201 20.56 1.84 -20.91
N GLY B 202 21.66 1.14 -20.63
CA GLY B 202 23.00 1.73 -20.65
C GLY B 202 23.23 2.60 -19.43
N HIS B 203 24.06 3.61 -19.58
CA HIS B 203 24.35 4.50 -18.46
C HIS B 203 23.12 5.35 -18.16
N ALA B 204 22.97 5.72 -16.89
CA ALA B 204 21.88 6.63 -16.48
C ALA B 204 22.46 7.69 -15.56
N PRO B 205 21.94 8.94 -15.65
CA PRO B 205 22.56 10.05 -14.92
C PRO B 205 22.39 9.92 -13.40
N THR B 206 21.46 9.08 -12.96
CA THR B 206 21.26 8.83 -11.52
C THR B 206 22.16 7.75 -10.91
N ASN B 207 22.83 6.97 -11.74
CA ASN B 207 23.70 5.92 -11.21
C ASN B 207 24.81 6.51 -10.34
N ALA B 208 25.15 5.83 -9.26
CA ALA B 208 26.29 6.22 -8.45
C ALA B 208 27.54 6.28 -9.36
N PRO B 209 28.38 7.31 -9.20
CA PRO B 209 29.47 7.57 -10.16
C PRO B 209 30.72 6.69 -10.01
N TYR B 210 30.53 5.37 -9.87
CA TYR B 210 31.64 4.45 -10.06
C TYR B 210 32.08 4.57 -11.51
N HIS B 211 33.36 4.32 -11.78
CA HIS B 211 33.86 4.36 -13.15
C HIS B 211 33.49 3.04 -13.84
N VAL B 212 32.29 3.02 -14.42
CA VAL B 212 31.73 1.80 -15.00
C VAL B 212 31.94 1.77 -16.51
N VAL B 213 32.56 0.69 -16.99
CA VAL B 213 32.61 0.42 -18.43
C VAL B 213 31.60 -0.69 -18.71
N LEU B 214 30.77 -0.50 -19.73
CA LEU B 214 29.75 -1.48 -20.11
C LEU B 214 30.16 -2.34 -21.32
N GLY B 215 30.15 -3.66 -21.13
CA GLY B 215 30.31 -4.59 -22.25
C GLY B 215 28.97 -5.09 -22.77
N VAL B 216 29.02 -6.00 -23.74
CA VAL B 216 27.82 -6.62 -24.28
C VAL B 216 27.72 -8.00 -23.67
N TYR B 217 26.58 -8.27 -23.03
CA TYR B 217 26.35 -9.56 -22.38
C TYR B 217 26.55 -10.69 -23.39
N ASN B 218 27.25 -11.73 -22.96
CA ASN B 218 27.56 -12.91 -23.76
C ASN B 218 28.53 -12.69 -24.93
N ASP B 219 29.08 -11.48 -25.05
CA ASP B 219 30.03 -11.17 -26.13
C ASP B 219 31.46 -11.48 -25.69
N VAL B 220 31.96 -12.64 -26.07
CA VAL B 220 33.28 -13.08 -25.62
C VAL B 220 34.39 -12.20 -26.18
N GLU B 221 34.43 -12.02 -27.51
CA GLU B 221 35.55 -11.31 -28.11
C GLU B 221 35.58 -9.83 -27.73
N GLY B 222 34.42 -9.18 -27.75
CA GLY B 222 34.33 -7.77 -27.34
C GLY B 222 34.70 -7.57 -25.88
N THR B 223 34.24 -8.48 -25.02
CA THR B 223 34.55 -8.38 -23.59
C THR B 223 36.03 -8.67 -23.31
N ALA B 224 36.61 -9.62 -24.05
CA ALA B 224 38.04 -9.89 -23.93
C ALA B 224 38.85 -8.63 -24.26
N ASP B 225 38.44 -7.93 -25.32
N ASP B 225 38.44 -7.93 -25.32
CA ASP B 225 39.09 -6.68 -25.73
CA ASP B 225 39.08 -6.69 -25.74
C ASP B 225 39.03 -5.62 -24.63
C ASP B 225 39.02 -5.60 -24.67
N LEU B 226 37.85 -5.43 -24.06
CA LEU B 226 37.64 -4.46 -22.97
C LEU B 226 38.53 -4.76 -21.76
N LEU B 227 38.63 -6.04 -21.42
CA LEU B 227 39.46 -6.48 -20.31
C LEU B 227 40.95 -6.29 -20.59
N LYS B 228 41.32 -6.34 -21.87
CA LYS B 228 42.69 -5.99 -22.25
C LYS B 228 42.93 -4.50 -22.04
N ARG B 229 41.96 -3.68 -22.44
CA ARG B 229 42.07 -2.23 -22.32
C ARG B 229 42.02 -1.75 -20.85
N HIS B 230 41.19 -2.38 -20.04
CA HIS B 230 40.87 -1.87 -18.68
C HIS B 230 41.34 -2.73 -17.51
N GLY B 231 41.81 -3.93 -17.80
CA GLY B 231 42.18 -4.91 -16.76
C GLY B 231 43.11 -4.41 -15.68
N HIS B 232 44.04 -3.53 -16.04
CA HIS B 232 45.01 -2.95 -15.10
C HIS B 232 44.36 -2.14 -13.96
N ASP B 233 43.26 -1.45 -14.25
CA ASP B 233 42.59 -0.59 -13.26
C ASP B 233 41.23 -1.20 -12.87
N CYS B 234 41.03 -2.47 -13.20
CA CYS B 234 39.76 -3.10 -12.94
C CYS B 234 39.66 -3.62 -11.51
N ALA B 235 38.81 -2.98 -10.70
CA ALA B 235 38.54 -3.40 -9.33
C ALA B 235 37.62 -4.63 -9.31
N ALA B 236 36.67 -4.66 -10.25
CA ALA B 236 35.60 -5.65 -10.23
C ALA B 236 34.98 -5.91 -11.59
N ILE B 237 34.50 -7.14 -11.77
CA ILE B 237 33.57 -7.46 -12.85
C ILE B 237 32.25 -7.80 -12.16
N LEU B 238 31.22 -7.05 -12.50
CA LEU B 238 29.89 -7.21 -11.90
C LEU B 238 28.92 -7.78 -12.93
N VAL B 239 28.34 -8.95 -12.64
CA VAL B 239 27.54 -9.66 -13.63
C VAL B 239 26.48 -10.57 -13.01
N GLU B 240 25.28 -10.56 -13.59
CA GLU B 240 24.25 -11.54 -13.28
C GLU B 240 24.49 -12.81 -14.11
N PRO B 241 24.38 -14.02 -13.49
CA PRO B 241 24.51 -15.27 -14.28
C PRO B 241 23.36 -15.47 -15.28
N MET B 242 22.33 -14.63 -15.19
CA MET B 242 21.25 -14.54 -16.18
C MET B 242 20.72 -13.12 -16.05
N LEU B 243 20.63 -12.36 -17.15
CA LEU B 243 19.98 -11.03 -17.11
C LEU B 243 18.55 -11.22 -16.60
N GLY B 244 18.22 -10.56 -15.48
CA GLY B 244 16.94 -10.78 -14.84
C GLY B 244 15.91 -9.79 -15.38
N ALA B 245 15.93 -8.58 -14.82
CA ALA B 245 15.08 -7.50 -15.32
C ALA B 245 15.35 -7.22 -16.80
N GLY B 246 16.57 -7.53 -17.24
CA GLY B 246 16.99 -7.29 -18.61
C GLY B 246 16.55 -8.33 -19.65
N GLY B 247 15.76 -9.32 -19.23
CA GLY B 247 15.11 -10.22 -20.19
C GLY B 247 15.11 -11.72 -19.93
N CYS B 248 15.56 -12.15 -18.75
CA CYS B 248 15.74 -13.58 -18.45
C CYS B 248 16.61 -14.24 -19.53
N VAL B 249 17.80 -13.68 -19.70
CA VAL B 249 18.76 -14.06 -20.73
C VAL B 249 19.93 -14.78 -20.07
N PRO B 250 20.00 -16.12 -20.22
CA PRO B 250 21.05 -16.88 -19.57
C PRO B 250 22.43 -16.50 -20.09
N ALA B 251 23.40 -16.44 -19.18
CA ALA B 251 24.79 -16.30 -19.56
C ALA B 251 25.25 -17.62 -20.15
N GLU B 252 26.00 -17.54 -21.23
CA GLU B 252 26.62 -18.73 -21.79
C GLU B 252 27.89 -19.07 -21.03
N ARG B 253 28.19 -20.36 -20.95
CA ARG B 253 29.36 -20.83 -20.22
C ARG B 253 30.67 -20.14 -20.66
N ALA B 254 30.87 -20.00 -21.97
CA ALA B 254 32.09 -19.40 -22.53
C ALA B 254 32.30 -17.97 -22.01
N PHE B 255 31.22 -17.21 -21.97
CA PHE B 255 31.21 -15.84 -21.44
C PHE B 255 31.64 -15.80 -19.97
N LEU B 256 31.02 -16.62 -19.13
CA LEU B 256 31.36 -16.64 -17.71
C LEU B 256 32.76 -17.19 -17.46
N ASP B 257 33.18 -18.17 -18.26
CA ASP B 257 34.56 -18.70 -18.19
C ASP B 257 35.59 -17.61 -18.47
N LEU B 258 35.33 -16.79 -19.48
CA LEU B 258 36.18 -15.64 -19.77
C LEU B 258 36.30 -14.72 -18.56
N LEU B 259 35.16 -14.33 -17.99
CA LEU B 259 35.17 -13.42 -16.85
C LEU B 259 35.93 -13.97 -15.66
N ARG B 260 35.76 -15.26 -15.37
CA ARG B 260 36.45 -15.89 -14.24
C ARG B 260 37.96 -15.92 -14.47
N ALA B 261 38.39 -16.30 -15.67
CA ALA B 261 39.83 -16.35 -16.01
C ALA B 261 40.47 -14.96 -15.97
N GLU B 262 39.80 -13.99 -16.54
CA GLU B 262 40.38 -12.66 -16.69
C GLU B 262 40.38 -11.84 -15.40
N ALA B 263 39.34 -12.01 -14.58
CA ALA B 263 39.33 -11.43 -13.24
C ALA B 263 40.54 -11.92 -12.45
N SER B 264 40.74 -13.24 -12.45
CA SER B 264 41.87 -13.84 -11.74
C SER B 264 43.21 -13.34 -12.31
N ARG B 265 43.30 -13.29 -13.63
CA ARG B 265 44.54 -12.84 -14.30
C ARG B 265 44.91 -11.39 -13.95
N CYS B 266 43.92 -10.50 -13.96
N CYS B 266 43.91 -10.51 -13.94
CA CYS B 266 44.18 -9.07 -13.76
CA CYS B 266 44.18 -9.08 -13.75
C CYS B 266 44.02 -8.61 -12.31
C CYS B 266 44.01 -8.61 -12.32
N GLY B 267 43.51 -9.49 -11.45
CA GLY B 267 43.36 -9.18 -10.03
C GLY B 267 42.10 -8.40 -9.66
N ALA B 268 41.10 -8.41 -10.54
CA ALA B 268 39.80 -7.83 -10.26
C ALA B 268 38.95 -8.85 -9.51
N LEU B 269 38.04 -8.38 -8.67
CA LEU B 269 37.11 -9.29 -8.01
C LEU B 269 35.94 -9.58 -8.92
N LEU B 270 35.69 -10.86 -9.18
CA LEU B 270 34.49 -11.26 -9.92
C LEU B 270 33.32 -11.27 -8.94
N ILE B 271 32.31 -10.44 -9.22
CA ILE B 271 31.10 -10.40 -8.41
C ILE B 271 29.92 -10.98 -9.21
N PHE B 272 29.36 -12.09 -8.73
CA PHE B 272 28.12 -12.61 -9.30
C PHE B 272 26.94 -12.02 -8.52
N ASP B 273 26.13 -11.24 -9.23
CA ASP B 273 24.88 -10.70 -8.67
C ASP B 273 23.82 -11.79 -8.84
N GLU B 274 23.57 -12.52 -7.76
CA GLU B 274 22.59 -13.62 -7.77
C GLU B 274 21.30 -13.25 -7.06
N VAL B 275 20.98 -11.96 -7.03
CA VAL B 275 19.76 -11.52 -6.36
C VAL B 275 18.55 -12.28 -6.92
N MET B 276 18.53 -12.49 -8.24
CA MET B 276 17.49 -13.33 -8.87
C MET B 276 17.87 -14.80 -9.07
N THR B 277 19.11 -15.04 -9.49
CA THR B 277 19.51 -16.40 -9.88
C THR B 277 19.72 -17.36 -8.70
N SER B 278 19.82 -16.83 -7.49
CA SER B 278 20.10 -17.68 -6.33
C SER B 278 19.04 -18.76 -6.10
N ARG B 279 17.82 -18.54 -6.61
CA ARG B 279 16.73 -19.50 -6.41
C ARG B 279 16.88 -20.77 -7.26
N LEU B 280 17.73 -20.72 -8.27
CA LEU B 280 17.68 -21.73 -9.34
C LEU B 280 18.07 -23.13 -8.87
N SER B 281 18.89 -23.18 -7.84
N SER B 281 18.91 -23.18 -7.83
CA SER B 281 19.20 -24.43 -7.14
CA SER B 281 19.25 -24.42 -7.16
C SER B 281 19.38 -24.07 -5.67
C SER B 281 19.50 -24.07 -5.70
N GLY B 282 19.62 -25.08 -4.84
CA GLY B 282 19.94 -24.87 -3.42
C GLY B 282 21.10 -23.88 -3.24
N GLY B 283 22.11 -23.98 -4.11
CA GLY B 283 23.27 -23.09 -4.06
C GLY B 283 23.37 -22.12 -5.21
N GLY B 284 22.23 -21.73 -5.77
CA GLY B 284 22.16 -20.71 -6.83
C GLY B 284 22.82 -21.17 -8.11
N ALA B 285 23.18 -20.22 -8.97
CA ALA B 285 23.79 -20.54 -10.26
C ALA B 285 25.20 -21.09 -10.09
N GLN B 286 25.92 -20.63 -9.07
CA GLN B 286 27.29 -21.08 -8.87
C GLN B 286 27.39 -22.60 -8.63
N GLU B 287 26.47 -23.13 -7.84
CA GLU B 287 26.36 -24.57 -7.63
C GLU B 287 26.11 -25.30 -8.95
N MET B 288 25.22 -24.76 -9.78
CA MET B 288 24.88 -25.42 -11.04
C MET B 288 26.00 -25.36 -12.06
N LEU B 289 26.74 -24.26 -12.06
CA LEU B 289 27.79 -24.03 -13.03
C LEU B 289 29.13 -24.65 -12.62
N GLY B 290 29.37 -24.76 -11.31
CA GLY B 290 30.70 -25.11 -10.82
C GLY B 290 31.71 -24.01 -11.09
N ILE B 291 31.24 -22.76 -11.10
CA ILE B 291 32.10 -21.57 -11.25
C ILE B 291 31.90 -20.75 -9.98
N SER B 292 32.99 -20.30 -9.37
CA SER B 292 32.90 -19.51 -8.14
C SER B 292 33.30 -18.07 -8.34
N ALA B 293 32.43 -17.16 -7.92
CA ALA B 293 32.75 -15.73 -7.91
C ALA B 293 33.49 -15.41 -6.61
N ASP B 294 34.28 -14.34 -6.63
CA ASP B 294 34.97 -13.86 -5.44
C ASP B 294 33.98 -13.29 -4.41
N LEU B 295 32.97 -12.57 -4.89
CA LEU B 295 31.87 -12.06 -4.04
C LEU B 295 30.55 -12.41 -4.69
N THR B 296 29.53 -12.62 -3.86
CA THR B 296 28.19 -12.94 -4.34
C THR B 296 27.21 -12.01 -3.65
N THR B 297 26.28 -11.45 -4.42
CA THR B 297 25.22 -10.66 -3.82
C THR B 297 23.90 -11.39 -3.90
N LEU B 298 23.08 -11.17 -2.87
CA LEU B 298 21.82 -11.87 -2.72
C LEU B 298 20.74 -10.87 -2.37
N GLY B 299 19.50 -11.24 -2.58
CA GLY B 299 18.39 -10.33 -2.27
C GLY B 299 17.06 -11.01 -2.43
N LYS B 300 16.03 -10.18 -2.57
CA LYS B 300 14.65 -10.63 -2.89
C LYS B 300 14.13 -11.75 -1.96
N TYR B 301 13.89 -12.98 -2.45
CA TYR B 301 13.11 -13.97 -1.67
C TYR B 301 13.78 -14.47 -0.39
N ILE B 302 15.11 -14.33 -0.29
CA ILE B 302 15.85 -14.98 0.81
C ILE B 302 15.46 -14.45 2.19
N GLY B 303 15.00 -13.20 2.25
CA GLY B 303 14.47 -12.62 3.51
C GLY B 303 13.02 -12.94 3.80
N GLY B 304 12.43 -13.90 3.07
CA GLY B 304 11.08 -14.39 3.35
C GLY B 304 9.97 -13.40 3.02
N GLY B 305 10.27 -12.43 2.18
CA GLY B 305 9.31 -11.37 1.85
C GLY B 305 9.56 -10.08 2.62
N MET B 306 10.46 -10.13 3.60
CA MET B 306 10.84 -8.95 4.39
C MET B 306 11.96 -8.19 3.66
N SER B 307 12.21 -6.94 4.05
CA SER B 307 13.33 -6.18 3.46
C SER B 307 14.60 -7.03 3.60
N PHE B 308 15.43 -7.07 2.56
CA PHE B 308 16.58 -7.96 2.55
C PHE B 308 17.57 -7.72 1.41
N GLY B 309 18.84 -7.84 1.75
CA GLY B 309 19.92 -8.03 0.79
C GLY B 309 21.07 -8.68 1.53
N ALA B 310 22.06 -9.19 0.79
CA ALA B 310 23.28 -9.68 1.44
C ALA B 310 24.46 -9.62 0.48
N PHE B 311 25.64 -9.38 1.04
CA PHE B 311 26.86 -9.62 0.27
C PHE B 311 27.79 -10.53 1.07
N GLY B 312 28.41 -11.47 0.37
CA GLY B 312 29.34 -12.41 0.98
C GLY B 312 30.29 -12.94 -0.06
N GLY B 313 31.14 -13.87 0.34
CA GLY B 313 32.11 -14.44 -0.59
C GLY B 313 33.31 -15.00 0.15
N ARG B 314 34.46 -14.93 -0.50
CA ARG B 314 35.72 -15.43 0.04
C ARG B 314 35.97 -14.90 1.46
N ARG B 315 36.32 -15.81 2.36
CA ARG B 315 36.62 -15.47 3.74
C ARG B 315 37.60 -14.30 3.86
N ASP B 316 38.71 -14.36 3.12
CA ASP B 316 39.76 -13.33 3.24
C ASP B 316 39.35 -11.94 2.75
N LEU B 317 38.39 -11.89 1.84
CA LEU B 317 37.81 -10.61 1.42
C LEU B 317 36.84 -10.07 2.48
N MET B 318 35.94 -10.95 2.93
CA MET B 318 34.91 -10.58 3.90
C MET B 318 35.48 -10.20 5.27
N GLU B 319 36.59 -10.82 5.68
CA GLU B 319 37.23 -10.50 6.97
C GLU B 319 37.64 -9.02 7.10
N ARG B 320 37.76 -8.34 5.97
CA ARG B 320 38.05 -6.90 5.99
C ARG B 320 36.98 -6.08 6.72
N PHE B 321 35.82 -6.69 6.91
CA PHE B 321 34.69 -6.08 7.64
C PHE B 321 34.59 -6.49 9.11
N ASP B 322 35.51 -7.33 9.58
CA ASP B 322 35.58 -7.62 11.02
C ASP B 322 35.84 -6.31 11.75
N PRO B 323 34.86 -5.84 12.57
CA PRO B 323 35.04 -4.52 13.18
C PRO B 323 36.20 -4.45 14.17
N ALA B 324 36.71 -5.61 14.58
CA ALA B 324 37.83 -5.67 15.52
C ALA B 324 39.21 -5.66 14.84
N ARG B 325 39.25 -5.80 13.52
CA ARG B 325 40.53 -5.81 12.80
C ARG B 325 41.09 -4.39 12.62
N ASP B 326 42.41 -4.31 12.45
CA ASP B 326 43.09 -3.05 12.19
C ASP B 326 42.71 -2.54 10.80
N GLY B 327 42.26 -1.28 10.74
CA GLY B 327 41.82 -0.70 9.47
C GLY B 327 40.54 -1.35 8.94
N ALA B 328 39.67 -1.81 9.84
CA ALA B 328 38.40 -2.44 9.47
C ALA B 328 37.56 -1.53 8.58
N PHE B 329 36.89 -2.12 7.59
CA PHE B 329 35.87 -1.40 6.82
C PHE B 329 34.59 -1.37 7.64
N ALA B 330 33.91 -0.24 7.61
CA ALA B 330 32.66 -0.05 8.32
C ALA B 330 31.48 -0.36 7.40
N HIS B 331 30.53 -1.13 7.92
CA HIS B 331 29.26 -1.37 7.25
C HIS B 331 28.14 -1.33 8.30
N ALA B 332 27.62 -0.15 8.58
CA ALA B 332 26.47 -0.04 9.50
C ALA B 332 25.19 -0.10 8.69
N GLY B 333 24.08 0.36 9.27
CA GLY B 333 22.78 0.22 8.63
C GLY B 333 21.77 -0.29 9.65
N THR B 334 20.86 0.59 10.01
CA THR B 334 19.90 0.36 11.10
C THR B 334 19.20 -1.01 11.02
N PHE B 335 18.64 -1.32 9.86
CA PHE B 335 17.80 -2.49 9.74
C PHE B 335 18.52 -3.75 9.26
N ASN B 336 19.85 -3.69 9.13
CA ASN B 336 20.64 -4.84 8.63
C ASN B 336 20.27 -6.16 9.33
N ASN B 337 20.17 -6.10 10.65
CA ASN B 337 19.92 -7.29 11.49
C ASN B 337 18.51 -7.33 12.04
N ASN B 338 17.57 -6.66 11.38
CA ASN B 338 16.23 -6.52 11.96
C ASN B 338 15.59 -7.89 12.12
N ILE B 339 14.88 -8.05 13.24
CA ILE B 339 14.42 -9.38 13.68
C ILE B 339 13.41 -10.03 12.73
N LEU B 340 12.58 -9.22 12.06
CA LEU B 340 11.61 -9.75 11.11
C LEU B 340 12.30 -10.47 9.94
N THR B 341 13.29 -9.79 9.36
CA THR B 341 14.10 -10.37 8.28
C THR B 341 14.91 -11.57 8.77
N MET B 342 15.55 -11.45 9.95
CA MET B 342 16.35 -12.58 10.48
C MET B 342 15.47 -13.83 10.66
N SER B 343 14.28 -13.64 11.20
N SER B 343 14.28 -13.64 11.20
CA SER B 343 13.36 -14.76 11.48
CA SER B 343 13.35 -14.74 11.49
C SER B 343 12.71 -15.32 10.21
C SER B 343 12.75 -15.31 10.20
N ALA B 344 12.16 -14.43 9.38
CA ALA B 344 11.50 -14.86 8.14
C ALA B 344 12.48 -15.44 7.13
N GLY B 345 13.69 -14.89 7.09
CA GLY B 345 14.74 -15.38 6.23
C GLY B 345 15.19 -16.80 6.61
N HIS B 346 15.39 -17.03 7.89
CA HIS B 346 15.82 -18.35 8.37
C HIS B 346 14.75 -19.39 8.04
N ALA B 347 13.48 -19.01 8.26
CA ALA B 347 12.36 -19.89 7.89
C ALA B 347 12.31 -20.13 6.38
N ALA B 348 12.49 -19.06 5.61
CA ALA B 348 12.48 -19.16 4.14
C ALA B 348 13.47 -20.20 3.61
N LEU B 349 14.69 -20.21 4.18
CA LEU B 349 15.73 -21.11 3.69
C LEU B 349 15.65 -22.53 4.26
N THR B 350 15.36 -22.63 5.56
CA THR B 350 15.46 -23.91 6.25
C THR B 350 14.14 -24.67 6.35
N GLN B 351 13.02 -23.95 6.29
CA GLN B 351 11.69 -24.57 6.44
C GLN B 351 10.85 -24.61 5.18
N ILE B 352 11.00 -23.61 4.30
CA ILE B 352 10.14 -23.53 3.13
C ILE B 352 10.89 -23.85 1.84
N TYR B 353 11.76 -22.95 1.41
CA TYR B 353 12.50 -23.15 0.17
C TYR B 353 13.83 -23.85 0.45
N THR B 354 13.72 -25.15 0.75
CA THR B 354 14.87 -26.01 0.96
C THR B 354 15.55 -26.32 -0.37
N ARG B 355 16.70 -26.98 -0.31
CA ARG B 355 17.38 -27.42 -1.52
C ARG B 355 16.45 -28.24 -2.42
N GLN B 356 15.68 -29.15 -1.82
CA GLN B 356 14.77 -30.01 -2.59
C GLN B 356 13.64 -29.18 -3.21
N ALA B 357 13.08 -28.25 -2.45
CA ALA B 357 12.05 -27.33 -2.97
C ALA B 357 12.56 -26.51 -4.15
N ALA B 358 13.80 -26.07 -4.08
CA ALA B 358 14.44 -25.34 -5.18
C ALA B 358 14.58 -26.21 -6.44
N SER B 359 15.10 -27.43 -6.26
N SER B 359 15.10 -27.43 -6.26
CA SER B 359 15.20 -28.38 -7.38
CA SER B 359 15.20 -28.41 -7.36
C SER B 359 13.83 -28.64 -8.01
C SER B 359 13.84 -28.65 -8.01
N ASP B 360 12.83 -28.84 -7.17
CA ASP B 360 11.46 -29.13 -7.61
C ASP B 360 10.83 -27.95 -8.36
N LEU B 361 10.97 -26.73 -7.82
CA LEU B 361 10.34 -25.55 -8.43
C LEU B 361 11.03 -25.20 -9.76
N SER B 362 12.35 -25.37 -9.81
CA SER B 362 13.09 -25.13 -11.05
C SER B 362 12.71 -26.12 -12.15
N ALA B 363 12.51 -27.39 -11.77
CA ALA B 363 12.05 -28.41 -12.74
C ALA B 363 10.62 -28.13 -13.19
N SER B 364 9.75 -27.76 -12.24
CA SER B 364 8.40 -27.31 -12.57
C SER B 364 8.43 -26.15 -13.57
N GLY B 365 9.30 -25.17 -13.32
CA GLY B 365 9.41 -23.99 -14.17
C GLY B 365 9.95 -24.35 -15.55
N ASP B 366 10.91 -25.28 -15.60
CA ASP B 366 11.43 -25.74 -16.90
C ASP B 366 10.31 -26.38 -17.73
N ARG B 367 9.51 -27.24 -17.08
CA ARG B 367 8.36 -27.88 -17.76
C ARG B 367 7.35 -26.84 -18.24
N PHE B 368 7.04 -25.88 -17.38
CA PHE B 368 6.16 -24.75 -17.72
C PHE B 368 6.66 -23.97 -18.94
N ARG B 369 7.91 -23.53 -18.91
CA ARG B 369 8.50 -22.75 -19.99
C ARG B 369 8.53 -23.55 -21.30
N ALA B 370 8.88 -24.83 -21.20
CA ALA B 370 8.86 -25.73 -22.36
C ALA B 370 7.45 -25.86 -22.95
N ASN B 371 6.43 -25.94 -22.10
CA ASN B 371 5.05 -25.99 -22.56
C ASN B 371 4.64 -24.71 -23.29
N LEU B 372 5.06 -23.56 -22.76
CA LEU B 372 4.79 -22.27 -23.41
C LEU B 372 5.48 -22.20 -24.77
N ASN B 373 6.72 -22.65 -24.85
CA ASN B 373 7.41 -22.66 -26.13
C ASN B 373 6.80 -23.67 -27.12
N ARG B 374 6.32 -24.81 -26.61
CA ARG B 374 5.59 -25.80 -27.43
C ARG B 374 4.35 -25.21 -28.09
N ILE B 375 3.58 -24.46 -27.30
CA ILE B 375 2.40 -23.74 -27.81
C ILE B 375 2.76 -22.75 -28.93
N ALA B 376 3.85 -22.01 -28.75
CA ALA B 376 4.34 -21.11 -29.79
C ALA B 376 4.70 -21.87 -31.07
N VAL B 377 5.47 -22.94 -30.92
CA VAL B 377 5.93 -23.76 -32.07
C VAL B 377 4.74 -24.38 -32.81
N GLU B 378 3.82 -24.97 -32.05
CA GLU B 378 2.61 -25.62 -32.58
C GLU B 378 1.76 -24.69 -33.43
N ASN B 379 1.73 -23.41 -33.04
CA ASN B 379 0.92 -22.39 -33.68
C ASN B 379 1.68 -21.50 -34.63
N GLN B 380 2.96 -21.83 -34.89
CA GLN B 380 3.83 -21.05 -35.77
C GLN B 380 3.93 -19.58 -35.32
N ALA B 381 3.93 -19.35 -34.01
CA ALA B 381 3.96 -18.00 -33.46
C ALA B 381 5.39 -17.50 -33.40
N PRO B 382 5.64 -16.27 -33.89
CA PRO B 382 6.99 -15.68 -33.82
C PRO B 382 7.29 -15.12 -32.43
N LEU B 383 7.37 -16.01 -31.45
CA LEU B 383 7.64 -15.61 -30.07
C LEU B 383 8.29 -16.76 -29.33
N GLN B 384 9.00 -16.42 -28.26
CA GLN B 384 9.59 -17.43 -27.40
C GLN B 384 9.61 -16.93 -25.97
N PHE B 385 9.78 -17.86 -25.04
CA PHE B 385 10.05 -17.53 -23.65
C PHE B 385 11.47 -17.98 -23.32
N THR B 386 12.27 -17.06 -22.81
CA THR B 386 13.63 -17.38 -22.39
C THR B 386 13.66 -17.40 -20.86
N GLY B 387 14.65 -18.09 -20.30
CA GLY B 387 14.84 -18.09 -18.85
C GLY B 387 15.45 -19.37 -18.37
N LEU B 388 15.42 -19.57 -17.05
CA LEU B 388 15.97 -20.73 -16.39
C LEU B 388 15.05 -21.06 -15.23
N GLY B 389 14.86 -22.35 -14.97
CA GLY B 389 14.05 -22.78 -13.84
C GLY B 389 12.68 -22.13 -13.85
N SER B 390 12.30 -21.51 -12.73
CA SER B 390 10.96 -20.91 -12.56
C SER B 390 10.87 -19.45 -13.01
N LEU B 391 11.88 -18.99 -13.76
CA LEU B 391 11.96 -17.60 -14.24
C LEU B 391 11.88 -17.58 -15.75
N GLY B 392 11.05 -16.68 -16.29
CA GLY B 392 10.92 -16.58 -17.74
C GLY B 392 10.39 -15.24 -18.22
N THR B 393 10.74 -14.87 -19.44
CA THR B 393 10.24 -13.68 -20.09
C THR B 393 9.89 -13.97 -21.56
N ILE B 394 8.75 -13.44 -22.02
CA ILE B 394 8.36 -13.53 -23.43
C ILE B 394 9.18 -12.56 -24.28
N HIS B 395 9.54 -12.99 -25.48
CA HIS B 395 10.18 -12.11 -26.47
C HIS B 395 9.55 -12.38 -27.82
N PHE B 396 9.12 -11.30 -28.48
CA PHE B 396 8.52 -11.40 -29.80
C PHE B 396 9.57 -11.40 -30.90
N SER B 397 10.27 -12.53 -30.98
CA SER B 397 11.28 -12.80 -31.99
C SER B 397 11.61 -14.27 -31.87
N ARG B 398 12.03 -14.89 -32.98
CA ARG B 398 12.54 -16.26 -32.92
C ARG B 398 14.06 -16.34 -33.13
N ALA B 399 14.69 -15.18 -33.28
CA ALA B 399 16.15 -15.07 -33.24
C ALA B 399 16.69 -15.45 -31.85
N PRO B 400 17.97 -15.87 -31.76
CA PRO B 400 18.51 -16.14 -30.43
C PRO B 400 18.50 -14.86 -29.60
N ILE B 401 18.15 -14.98 -28.32
CA ILE B 401 18.15 -13.85 -27.40
C ILE B 401 19.33 -14.04 -26.46
N ARG B 402 20.40 -13.31 -26.74
CA ARG B 402 21.69 -13.53 -26.07
C ARG B 402 22.22 -12.29 -25.36
N SER B 403 21.70 -11.12 -25.73
CA SER B 403 22.15 -9.86 -25.12
C SER B 403 21.02 -8.83 -25.06
N ALA B 404 21.33 -7.69 -24.42
CA ALA B 404 20.38 -6.58 -24.31
C ALA B 404 19.88 -6.13 -25.69
N GLY B 405 20.81 -6.12 -26.66
CA GLY B 405 20.49 -5.72 -28.03
C GLY B 405 19.40 -6.59 -28.63
N ASP B 406 19.49 -7.91 -28.39
CA ASP B 406 18.50 -8.87 -28.88
C ASP B 406 17.13 -8.66 -28.25
N VAL B 407 17.12 -8.42 -26.93
CA VAL B 407 15.88 -8.15 -26.19
C VAL B 407 15.19 -6.91 -26.76
N ARG B 408 15.95 -5.83 -26.95
CA ARG B 408 15.41 -4.57 -27.46
C ARG B 408 14.92 -4.67 -28.89
N ALA B 409 15.57 -5.50 -29.70
CA ALA B 409 15.23 -5.67 -31.11
C ALA B 409 13.96 -6.47 -31.34
N ALA B 410 13.54 -7.26 -30.35
CA ALA B 410 12.27 -7.97 -30.41
C ALA B 410 11.11 -6.97 -30.39
N ASP B 411 9.95 -7.38 -30.89
CA ASP B 411 8.81 -6.48 -31.05
C ASP B 411 8.26 -6.01 -29.71
N GLN B 412 8.37 -4.71 -29.45
CA GLN B 412 7.95 -4.14 -28.16
C GLN B 412 6.45 -3.85 -28.11
N GLN B 413 5.85 -3.61 -29.28
CA GLN B 413 4.43 -3.31 -29.35
C GLN B 413 3.60 -4.53 -29.01
N LEU B 414 3.98 -5.69 -29.57
CA LEU B 414 3.34 -6.96 -29.25
C LEU B 414 3.50 -7.32 -27.78
N LYS B 415 4.65 -6.98 -27.21
CA LYS B 415 4.90 -7.18 -25.79
C LYS B 415 3.88 -6.42 -24.93
N GLU B 416 3.61 -5.17 -25.28
CA GLU B 416 2.60 -4.38 -24.54
C GLU B 416 1.18 -4.96 -24.70
N LEU B 417 0.83 -5.36 -25.92
CA LEU B 417 -0.46 -6.03 -26.18
C LEU B 417 -0.63 -7.30 -25.34
N PHE B 418 0.45 -8.07 -25.22
CA PHE B 418 0.45 -9.31 -24.44
C PHE B 418 0.12 -9.06 -22.97
N PHE B 419 0.77 -8.06 -22.38
CA PHE B 419 0.49 -7.65 -21.00
C PHE B 419 -0.99 -7.37 -20.77
N PHE B 420 -1.59 -6.52 -21.61
CA PHE B 420 -3.02 -6.19 -21.46
C PHE B 420 -3.93 -7.39 -21.70
N HIS B 421 -3.60 -8.23 -22.68
CA HIS B 421 -4.39 -9.42 -22.95
C HIS B 421 -4.40 -10.35 -21.75
N MET B 422 -3.23 -10.58 -21.15
CA MET B 422 -3.14 -11.46 -20.00
C MET B 422 -3.97 -10.94 -18.81
N LEU B 423 -3.92 -9.62 -18.58
CA LEU B 423 -4.75 -9.00 -17.55
C LEU B 423 -6.24 -9.26 -17.76
N ARG B 424 -6.70 -9.08 -18.99
CA ARG B 424 -8.09 -9.34 -19.35
C ARG B 424 -8.48 -10.78 -19.04
N LYS B 425 -7.50 -11.68 -19.06
CA LYS B 425 -7.72 -13.09 -18.76
C LYS B 425 -7.51 -13.45 -17.28
N GLY B 426 -7.32 -12.45 -16.42
CA GLY B 426 -7.14 -12.70 -14.98
C GLY B 426 -5.76 -13.23 -14.64
N ILE B 427 -4.77 -12.93 -15.48
CA ILE B 427 -3.39 -13.36 -15.25
C ILE B 427 -2.49 -12.14 -15.18
N TYR B 428 -1.83 -11.97 -14.03
CA TYR B 428 -0.97 -10.81 -13.85
C TYR B 428 0.50 -11.19 -13.94
N LEU B 429 1.21 -10.61 -14.91
CA LEU B 429 2.67 -10.73 -14.93
C LEU B 429 3.25 -9.34 -15.19
N ALA B 430 4.57 -9.20 -15.19
CA ALA B 430 5.18 -7.89 -15.41
C ALA B 430 4.74 -7.27 -16.73
N PRO B 431 4.62 -5.92 -16.76
CA PRO B 431 4.41 -5.21 -18.03
C PRO B 431 5.44 -5.61 -19.11
N ARG B 432 6.68 -5.88 -18.70
CA ARG B 432 7.73 -6.29 -19.63
C ARG B 432 7.66 -7.77 -20.00
N GLY B 433 6.65 -8.48 -19.52
CA GLY B 433 6.42 -9.87 -19.93
C GLY B 433 7.19 -10.94 -19.19
N MET B 434 7.70 -10.59 -18.01
CA MET B 434 8.37 -11.54 -17.12
C MET B 434 7.43 -12.20 -16.11
N TYR B 435 7.60 -13.50 -15.92
CA TYR B 435 6.98 -14.19 -14.78
C TYR B 435 8.04 -14.74 -13.85
N ALA B 436 7.67 -14.92 -12.58
CA ALA B 436 8.54 -15.57 -11.61
C ALA B 436 7.64 -16.42 -10.72
N LEU B 437 7.65 -17.72 -10.98
CA LEU B 437 6.67 -18.61 -10.34
C LEU B 437 6.89 -18.64 -8.85
N SER B 438 5.83 -18.38 -8.09
CA SER B 438 5.89 -18.57 -6.65
C SER B 438 5.62 -20.04 -6.33
N LEU B 439 5.87 -20.42 -5.09
CA LEU B 439 5.51 -21.74 -4.57
C LEU B 439 4.01 -21.98 -4.55
N GLU B 440 3.23 -20.90 -4.68
CA GLU B 440 1.77 -21.00 -4.62
C GLU B 440 1.12 -21.25 -5.98
N ILE B 441 1.88 -21.09 -7.07
CA ILE B 441 1.38 -21.40 -8.42
C ILE B 441 1.15 -22.91 -8.55
N ALA B 442 -0.06 -23.28 -8.96
CA ALA B 442 -0.43 -24.68 -9.09
C ALA B 442 -0.99 -24.97 -10.49
N ASP B 443 -1.55 -26.17 -10.67
CA ASP B 443 -2.01 -26.63 -11.98
C ASP B 443 -2.99 -25.66 -12.62
N ALA B 444 -3.96 -25.21 -11.84
CA ALA B 444 -5.01 -24.31 -12.35
C ALA B 444 -4.44 -23.03 -12.96
N GLY B 445 -3.49 -22.41 -12.24
CA GLY B 445 -2.87 -21.18 -12.72
C GLY B 445 -2.02 -21.40 -13.96
N ARG B 446 -1.20 -22.45 -13.94
CA ARG B 446 -0.35 -22.78 -15.10
C ARG B 446 -1.19 -23.11 -16.34
N ASP B 447 -2.27 -23.87 -16.16
CA ASP B 447 -3.22 -24.15 -17.25
C ASP B 447 -3.87 -22.88 -17.80
N ALA B 448 -4.33 -22.01 -16.90
CA ALA B 448 -4.91 -20.73 -17.31
C ALA B 448 -3.91 -19.88 -18.12
N PHE B 449 -2.66 -19.85 -17.66
CA PHE B 449 -1.63 -19.07 -18.36
C PHE B 449 -1.47 -19.61 -19.81
N ALA B 450 -1.33 -20.92 -19.93
CA ALA B 450 -1.11 -21.57 -21.24
C ALA B 450 -2.29 -21.31 -22.19
N GLU B 451 -3.50 -21.45 -21.70
CA GLU B 451 -4.70 -21.15 -22.50
C GLU B 451 -4.73 -19.70 -22.96
N ALA B 452 -4.40 -18.78 -22.05
CA ALA B 452 -4.35 -17.35 -22.37
C ALA B 452 -3.31 -17.06 -23.45
N LEU B 453 -2.18 -17.76 -23.39
CA LEU B 453 -1.15 -17.62 -24.43
C LEU B 453 -1.71 -18.11 -25.77
N ALA B 454 -2.33 -19.29 -25.76
CA ALA B 454 -2.93 -19.84 -26.98
C ALA B 454 -3.96 -18.87 -27.55
N ASP B 455 -4.81 -18.31 -26.67
CA ASP B 455 -5.83 -17.34 -27.05
C ASP B 455 -5.23 -16.08 -27.67
N PHE B 456 -4.13 -15.60 -27.08
CA PHE B 456 -3.46 -14.41 -27.61
C PHE B 456 -2.99 -14.67 -29.04
N ILE B 457 -2.36 -15.83 -29.26
CA ILE B 457 -1.85 -16.19 -30.58
C ILE B 457 -2.97 -16.23 -31.62
N GLY B 458 -4.09 -16.84 -31.26
CA GLY B 458 -5.27 -16.89 -32.14
C GLY B 458 -5.85 -15.52 -32.43
N GLU B 459 -6.10 -14.75 -31.37
CA GLU B 459 -6.75 -13.44 -31.48
C GLU B 459 -5.88 -12.39 -32.17
N GLN B 460 -4.56 -12.49 -32.00
CA GLN B 460 -3.66 -11.48 -32.56
C GLN B 460 -2.98 -11.96 -33.83
N ARG B 461 -3.55 -13.00 -34.44
CA ARG B 461 -3.01 -13.61 -35.65
C ARG B 461 -2.64 -12.60 -36.74
N ALA B 462 -3.50 -11.62 -36.97
CA ALA B 462 -3.27 -10.60 -38.00
C ALA B 462 -2.00 -9.78 -37.73
N LEU B 463 -1.71 -9.56 -36.44
CA LEU B 463 -0.54 -8.79 -36.03
C LEU B 463 0.74 -9.62 -35.90
N LEU B 464 0.57 -10.95 -35.94
CA LEU B 464 1.71 -11.88 -35.91
C LEU B 464 1.95 -12.44 -37.31
N ALA C 33 -57.87 -7.05 -15.92
CA ALA C 33 -57.87 -7.83 -14.64
C ALA C 33 -59.05 -7.40 -13.76
N SER C 34 -60.12 -8.18 -13.81
CA SER C 34 -61.33 -7.86 -13.05
C SER C 34 -61.43 -8.69 -11.76
N ASP C 35 -61.81 -8.02 -10.68
CA ASP C 35 -62.05 -8.68 -9.39
C ASP C 35 -63.16 -9.73 -9.49
N THR C 36 -62.89 -10.91 -8.94
CA THR C 36 -63.90 -11.94 -8.84
C THR C 36 -64.15 -12.28 -7.37
N ALA C 37 -65.35 -12.78 -7.10
CA ALA C 37 -65.70 -13.28 -5.78
C ALA C 37 -64.82 -14.46 -5.38
N GLU C 38 -64.49 -15.35 -6.33
CA GLU C 38 -63.61 -16.50 -6.05
C GLU C 38 -62.24 -16.07 -5.53
N LYS C 39 -61.66 -15.05 -6.16
CA LYS C 39 -60.37 -14.50 -5.72
C LYS C 39 -60.44 -13.81 -4.36
N ALA C 40 -61.53 -13.08 -4.11
CA ALA C 40 -61.75 -12.43 -2.81
C ALA C 40 -61.90 -13.46 -1.68
N GLN C 41 -62.61 -14.55 -1.97
CA GLN C 41 -62.77 -15.65 -1.02
C GLN C 41 -61.43 -16.32 -0.72
N ALA C 42 -60.62 -16.51 -1.76
CA ALA C 42 -59.26 -17.04 -1.62
C ALA C 42 -58.37 -16.12 -0.78
N ILE C 43 -58.51 -14.80 -0.96
CA ILE C 43 -57.76 -13.84 -0.15
C ILE C 43 -58.20 -13.90 1.31
N ALA C 44 -59.52 -13.95 1.53
CA ALA C 44 -60.07 -14.08 2.88
C ALA C 44 -59.50 -15.32 3.57
N ALA C 45 -59.49 -16.45 2.87
CA ALA C 45 -58.94 -17.71 3.41
C ALA C 45 -57.43 -17.64 3.69
N ALA C 46 -56.69 -16.96 2.82
CA ALA C 46 -55.23 -16.82 3.00
C ALA C 46 -54.90 -15.93 4.20
N ARG C 47 -55.64 -14.83 4.34
CA ARG C 47 -55.48 -13.92 5.47
C ARG C 47 -55.80 -14.65 6.76
N ASN C 48 -56.85 -15.47 6.74
CA ASN C 48 -57.25 -16.25 7.91
C ASN C 48 -56.20 -17.30 8.31
N THR C 49 -55.62 -18.00 7.33
CA THR C 49 -54.53 -18.94 7.57
C THR C 49 -53.30 -18.24 8.15
N PHE C 50 -52.89 -17.13 7.53
CA PHE C 50 -51.82 -16.29 8.07
C PHE C 50 -52.06 -15.91 9.55
N ALA C 51 -53.27 -15.43 9.85
CA ALA C 51 -53.65 -15.05 11.21
C ALA C 51 -53.54 -16.22 12.20
N ARG C 52 -54.08 -17.38 11.81
CA ARG C 52 -54.03 -18.61 12.62
C ARG C 52 -52.60 -19.06 12.84
N ASP C 53 -51.76 -18.86 11.83
CA ASP C 53 -50.35 -19.26 11.86
C ASP C 53 -49.55 -18.35 12.81
N ASN C 54 -50.02 -17.11 12.98
CA ASN C 54 -49.17 -16.06 13.62
C ASN C 54 -49.82 -15.31 14.79
N PRO C 55 -50.36 -16.04 15.80
CA PRO C 55 -51.01 -15.37 16.91
C PRO C 55 -50.09 -14.48 17.76
N VAL C 56 -48.81 -14.83 17.86
CA VAL C 56 -47.88 -13.98 18.62
C VAL C 56 -47.66 -12.63 17.92
N SER C 57 -47.47 -12.66 16.58
CA SER C 57 -47.40 -11.41 15.82
C SER C 57 -48.68 -10.60 16.01
N ALA C 58 -49.82 -11.29 16.06
CA ALA C 58 -51.10 -10.61 16.29
C ALA C 58 -51.16 -9.88 17.64
N GLY C 59 -50.66 -10.53 18.69
CA GLY C 59 -50.58 -9.93 20.02
C GLY C 59 -49.69 -8.70 20.06
N HIS C 60 -48.53 -8.81 19.41
CA HIS C 60 -47.60 -7.68 19.28
C HIS C 60 -48.29 -6.48 18.61
N HIS C 61 -49.06 -6.76 17.55
CA HIS C 61 -49.75 -5.69 16.79
C HIS C 61 -50.71 -4.92 17.68
N GLU C 62 -51.49 -5.64 18.49
CA GLU C 62 -52.44 -4.98 19.38
C GLU C 62 -51.74 -4.02 20.36
N ARG C 63 -50.61 -4.46 20.91
CA ARG C 63 -49.81 -3.61 21.80
C ARG C 63 -49.14 -2.44 21.10
N ALA C 64 -48.62 -2.67 19.89
CA ALA C 64 -47.95 -1.62 19.11
C ALA C 64 -48.90 -0.48 18.74
N ARG C 65 -50.18 -0.81 18.60
CA ARG C 65 -51.22 0.17 18.24
C ARG C 65 -51.40 1.26 19.31
N ARG C 66 -50.95 0.97 20.52
CA ARG C 66 -51.05 1.92 21.63
C ARG C 66 -50.05 3.08 21.61
N SER C 67 -48.95 2.93 20.87
N SER C 67 -48.96 2.94 20.86
CA SER C 67 -47.88 3.93 20.86
CA SER C 67 -47.91 3.97 20.86
C SER C 67 -47.59 4.52 19.49
C SER C 67 -47.57 4.52 19.49
N MET C 68 -47.95 3.79 18.44
CA MET C 68 -47.74 4.24 17.05
C MET C 68 -49.05 4.08 16.28
N PRO C 69 -49.33 4.99 15.31
CA PRO C 69 -50.59 4.87 14.56
C PRO C 69 -50.63 3.55 13.81
N GLY C 70 -51.63 2.72 14.10
CA GLY C 70 -51.74 1.37 13.53
C GLY C 70 -50.54 0.48 13.85
N GLY C 71 -49.87 0.78 14.98
CA GLY C 71 -48.66 0.05 15.39
C GLY C 71 -47.57 0.11 14.32
N ASN C 72 -47.50 1.24 13.64
CA ASN C 72 -46.70 1.37 12.43
C ASN C 72 -45.84 2.62 12.44
N THR C 73 -44.62 2.53 11.93
CA THR C 73 -43.79 3.73 11.77
C THR C 73 -43.17 3.85 10.38
N ARG C 74 -43.58 2.94 9.50
CA ARG C 74 -43.13 2.90 8.12
C ARG C 74 -44.26 2.23 7.33
N SER C 75 -45.00 3.04 6.58
CA SER C 75 -46.30 2.61 6.03
C SER C 75 -46.26 1.30 5.23
N ILE C 76 -45.19 1.11 4.47
CA ILE C 76 -45.03 -0.05 3.59
C ILE C 76 -44.95 -1.38 4.36
N LEU C 77 -44.62 -1.31 5.66
CA LEU C 77 -44.48 -2.53 6.48
C LEU C 77 -45.83 -3.11 6.90
N PHE C 78 -46.87 -2.28 6.88
CA PHE C 78 -48.21 -2.76 7.21
C PHE C 78 -48.83 -3.54 6.06
N HIS C 79 -49.42 -4.68 6.39
CA HIS C 79 -50.37 -5.35 5.48
C HIS C 79 -51.44 -6.04 6.32
N ARG C 80 -52.61 -6.26 5.74
CA ARG C 80 -53.67 -7.02 6.40
C ARG C 80 -53.31 -8.50 6.44
N PRO C 81 -53.80 -9.24 7.44
CA PRO C 81 -54.61 -8.79 8.58
C PRO C 81 -53.78 -7.99 9.60
N PHE C 82 -52.49 -8.31 9.66
CA PHE C 82 -51.50 -7.59 10.48
C PHE C 82 -50.12 -8.01 9.94
N PRO C 83 -49.08 -7.20 10.21
CA PRO C 83 -47.74 -7.59 9.74
C PRO C 83 -47.06 -8.59 10.67
N LEU C 84 -46.08 -9.32 10.13
CA LEU C 84 -45.22 -10.15 10.96
C LEU C 84 -44.35 -9.27 11.85
N VAL C 85 -44.03 -9.79 13.04
CA VAL C 85 -42.94 -9.23 13.82
C VAL C 85 -41.78 -10.24 13.78
N ILE C 86 -40.60 -9.76 13.42
CA ILE C 86 -39.42 -10.61 13.32
C ILE C 86 -38.61 -10.50 14.62
N ALA C 87 -38.17 -11.67 15.11
CA ALA C 87 -37.40 -11.76 16.35
C ALA C 87 -35.90 -11.58 16.13
N GLN C 88 -35.37 -12.20 15.08
CA GLN C 88 -33.97 -12.10 14.76
C GLN C 88 -33.64 -12.72 13.40
N GLY C 89 -32.49 -12.34 12.87
CA GLY C 89 -32.02 -12.89 11.61
C GLY C 89 -30.51 -12.82 11.48
N THR C 90 -29.97 -13.79 10.74
N THR C 90 -30.00 -13.74 10.65
CA THR C 90 -28.56 -13.81 10.38
CA THR C 90 -28.58 -13.94 10.41
C THR C 90 -28.50 -14.17 8.91
C THR C 90 -28.44 -14.27 8.93
N GLY C 91 -27.54 -13.58 8.21
CA GLY C 91 -27.33 -13.86 6.78
C GLY C 91 -28.57 -13.52 5.98
N SER C 92 -29.08 -14.48 5.21
CA SER C 92 -30.31 -14.28 4.42
C SER C 92 -31.58 -14.75 5.13
N ARG C 93 -31.44 -15.27 6.35
CA ARG C 93 -32.55 -15.92 7.07
C ARG C 93 -33.07 -15.03 8.19
N PHE C 94 -34.37 -15.08 8.43
CA PHE C 94 -34.89 -14.56 9.68
C PHE C 94 -36.01 -15.41 10.27
N GLN C 95 -36.36 -15.12 11.51
CA GLN C 95 -37.35 -15.90 12.25
C GLN C 95 -38.39 -14.94 12.83
N ASP C 96 -39.67 -15.23 12.62
CA ASP C 96 -40.71 -14.41 13.22
C ASP C 96 -40.93 -14.79 14.69
N VAL C 97 -41.77 -14.02 15.38
CA VAL C 97 -41.97 -14.20 16.84
C VAL C 97 -42.76 -15.48 17.16
N ASP C 98 -43.39 -16.07 16.14
CA ASP C 98 -44.05 -17.37 16.29
C ASP C 98 -43.08 -18.53 16.06
N GLY C 99 -41.84 -18.23 15.67
CA GLY C 99 -40.80 -19.25 15.47
C GLY C 99 -40.61 -19.70 14.02
N HIS C 100 -41.44 -19.18 13.11
CA HIS C 100 -41.33 -19.56 11.68
C HIS C 100 -40.06 -18.95 11.08
N ALA C 101 -39.35 -19.70 10.24
CA ALA C 101 -38.16 -19.19 9.56
C ALA C 101 -38.44 -18.88 8.08
N TYR C 102 -37.72 -17.88 7.55
CA TYR C 102 -37.88 -17.46 6.15
C TYR C 102 -36.54 -17.12 5.52
N VAL C 103 -36.49 -17.20 4.19
CA VAL C 103 -35.40 -16.59 3.44
C VAL C 103 -35.90 -15.21 3.04
N ASN C 104 -35.09 -14.20 3.31
CA ASN C 104 -35.46 -12.82 3.05
C ASN C 104 -35.08 -12.40 1.63
N PHE C 105 -36.06 -12.48 0.72
CA PHE C 105 -35.87 -12.00 -0.66
C PHE C 105 -36.18 -10.53 -0.83
N LEU C 106 -36.79 -9.93 0.19
CA LEU C 106 -37.06 -8.49 0.16
C LEU C 106 -35.77 -7.65 0.25
N GLY C 107 -34.85 -8.05 1.13
CA GLY C 107 -33.57 -7.34 1.28
C GLY C 107 -33.75 -5.84 1.47
N GLU C 108 -34.65 -5.50 2.40
CA GLU C 108 -34.91 -4.11 2.80
C GLU C 108 -35.15 -3.15 1.63
N TYR C 109 -35.98 -3.60 0.67
CA TYR C 109 -36.28 -2.81 -0.53
C TYR C 109 -35.02 -2.27 -1.19
N THR C 110 -34.00 -3.14 -1.26
CA THR C 110 -32.70 -2.93 -1.92
C THR C 110 -31.60 -2.41 -0.98
N ALA C 111 -31.98 -1.88 0.19
CA ALA C 111 -30.99 -1.40 1.16
C ALA C 111 -30.23 -2.55 1.85
N GLY C 112 -30.89 -3.70 1.98
CA GLY C 112 -30.38 -4.85 2.75
C GLY C 112 -29.48 -5.77 1.95
N LEU C 113 -28.60 -5.18 1.15
CA LEU C 113 -27.76 -5.92 0.21
C LEU C 113 -26.76 -6.89 0.90
N PHE C 114 -26.47 -6.61 2.17
CA PHE C 114 -25.43 -7.35 2.88
C PHE C 114 -25.96 -8.43 3.79
N GLY C 115 -27.28 -8.64 3.74
CA GLY C 115 -27.94 -9.57 4.66
C GLY C 115 -27.99 -9.01 6.07
N HIS C 116 -28.32 -9.88 7.03
CA HIS C 116 -28.63 -9.46 8.40
C HIS C 116 -27.44 -9.32 9.35
N SER C 117 -26.29 -9.87 8.96
CA SER C 117 -25.14 -9.95 9.86
C SER C 117 -23.81 -10.06 9.12
N HIS C 118 -23.60 -9.20 8.12
CA HIS C 118 -22.38 -9.29 7.32
C HIS C 118 -21.15 -9.00 8.18
N PRO C 119 -20.14 -9.91 8.17
CA PRO C 119 -18.97 -9.70 9.05
C PRO C 119 -18.12 -8.47 8.70
N VAL C 120 -18.12 -8.05 7.45
CA VAL C 120 -17.31 -6.90 7.04
C VAL C 120 -18.00 -5.60 7.50
N ILE C 121 -19.32 -5.58 7.42
CA ILE C 121 -20.10 -4.47 7.98
C ILE C 121 -19.92 -4.41 9.51
N ARG C 122 -19.97 -5.57 10.19
CA ARG C 122 -19.73 -5.62 11.65
C ARG C 122 -18.40 -5.00 12.00
N ALA C 123 -17.37 -5.39 11.26
CA ALA C 123 -16.02 -4.88 11.48
C ALA C 123 -15.94 -3.37 11.25
N ALA C 124 -16.67 -2.86 10.26
CA ALA C 124 -16.72 -1.42 10.02
C ALA C 124 -17.41 -0.67 11.19
N VAL C 125 -18.48 -1.26 11.72
CA VAL C 125 -19.18 -0.71 12.89
C VAL C 125 -18.22 -0.66 14.09
N GLU C 126 -17.52 -1.76 14.35
CA GLU C 126 -16.49 -1.80 15.40
C GLU C 126 -15.41 -0.72 15.24
N ARG C 127 -14.88 -0.56 14.02
CA ARG C 127 -13.91 0.52 13.74
C ARG C 127 -14.51 1.91 14.01
N ALA C 128 -15.77 2.12 13.60
CA ALA C 128 -16.48 3.39 13.86
C ALA C 128 -16.58 3.69 15.35
N LEU C 129 -16.98 2.70 16.15
CA LEU C 129 -17.02 2.86 17.61
C LEU C 129 -15.66 3.22 18.22
N ALA C 130 -14.59 2.63 17.68
CA ALA C 130 -13.24 2.95 18.14
C ALA C 130 -12.82 4.39 17.79
N VAL C 131 -13.27 4.91 16.64
CA VAL C 131 -13.02 6.32 16.31
C VAL C 131 -13.77 7.23 17.30
N GLY C 132 -15.04 6.91 17.54
CA GLY C 132 -15.85 7.66 18.50
C GLY C 132 -17.11 8.16 17.86
N LEU C 133 -18.20 8.11 18.64
CA LEU C 133 -19.49 8.60 18.20
C LEU C 133 -19.68 10.09 18.51
N ASN C 134 -20.48 10.76 17.69
CA ASN C 134 -20.93 12.16 17.93
C ASN C 134 -19.79 13.13 18.24
N LEU C 135 -18.72 13.01 17.46
CA LEU C 135 -17.49 13.76 17.66
C LEU C 135 -17.63 15.24 17.34
N SER C 136 -18.76 15.63 16.74
CA SER C 136 -19.15 17.05 16.56
C SER C 136 -18.25 17.80 15.59
N THR C 137 -17.50 17.03 14.81
CA THR C 137 -16.47 17.56 13.94
C THR C 137 -16.32 16.62 12.74
N GLN C 138 -15.56 17.06 11.74
CA GLN C 138 -15.25 16.21 10.61
C GLN C 138 -14.23 15.16 10.99
N THR C 139 -14.32 13.98 10.36
CA THR C 139 -13.23 13.01 10.42
C THR C 139 -12.76 12.74 8.99
N GLU C 140 -11.63 12.07 8.88
CA GLU C 140 -11.12 11.64 7.57
C GLU C 140 -12.06 10.67 6.86
N ASN C 141 -12.86 9.95 7.64
CA ASN C 141 -13.75 8.91 7.13
C ASN C 141 -14.79 9.41 6.15
N GLU C 142 -15.34 10.60 6.40
CA GLU C 142 -16.29 11.18 5.47
C GLU C 142 -15.64 11.46 4.10
N ALA C 143 -14.40 11.97 4.10
CA ALA C 143 -13.68 12.20 2.85
C ALA C 143 -13.36 10.90 2.10
N LEU C 144 -12.96 9.85 2.82
CA LEU C 144 -12.67 8.57 2.17
C LEU C 144 -13.92 7.98 1.52
N PHE C 145 -15.05 8.11 2.21
CA PHE C 145 -16.34 7.64 1.69
C PHE C 145 -16.73 8.43 0.44
N ALA C 146 -16.59 9.75 0.49
CA ALA C 146 -16.93 10.61 -0.65
C ALA C 146 -16.11 10.27 -1.89
N GLU C 147 -14.81 10.03 -1.68
CA GLU C 147 -13.90 9.55 -2.73
C GLU C 147 -14.37 8.24 -3.36
N ALA C 148 -14.82 7.31 -2.51
CA ALA C 148 -15.29 6.02 -3.00
C ALA C 148 -16.54 6.18 -3.88
N VAL C 149 -17.43 7.09 -3.47
CA VAL C 149 -18.62 7.41 -4.27
C VAL C 149 -18.24 8.05 -5.61
N CYS C 150 -17.40 9.08 -5.54
CA CYS C 150 -16.93 9.79 -6.75
C CYS C 150 -16.16 8.88 -7.72
N ASP C 151 -15.31 7.99 -7.20
CA ASP C 151 -14.55 7.05 -8.04
C ASP C 151 -15.45 6.20 -8.93
N ARG C 152 -16.56 5.74 -8.39
CA ARG C 152 -17.29 4.72 -9.15
C ARG C 152 -18.54 5.20 -9.89
N PHE C 153 -19.09 6.35 -9.50
CA PHE C 153 -20.25 6.90 -10.21
C PHE C 153 -19.80 7.96 -11.23
N PRO C 154 -19.95 7.67 -12.52
CA PRO C 154 -19.25 8.43 -13.57
C PRO C 154 -19.70 9.88 -13.76
N SER C 155 -20.90 10.23 -13.33
CA SER C 155 -21.38 11.61 -13.42
C SER C 155 -21.34 12.39 -12.10
N ILE C 156 -20.89 11.74 -11.03
CA ILE C 156 -20.76 12.41 -9.72
C ILE C 156 -19.32 12.91 -9.56
N ASP C 157 -19.14 14.21 -9.76
CA ASP C 157 -17.84 14.87 -9.58
C ASP C 157 -17.60 15.26 -8.13
N LEU C 158 -18.68 15.65 -7.45
CA LEU C 158 -18.66 16.04 -6.03
C LEU C 158 -19.95 15.53 -5.43
N VAL C 159 -19.91 15.20 -4.14
CA VAL C 159 -21.07 14.59 -3.49
C VAL C 159 -21.28 15.18 -2.09
N ARG C 160 -22.53 15.18 -1.62
CA ARG C 160 -22.83 15.45 -0.21
C ARG C 160 -23.73 14.35 0.32
N PHE C 161 -23.55 14.02 1.59
CA PHE C 161 -24.31 12.96 2.24
C PHE C 161 -25.51 13.51 2.98
N THR C 162 -26.60 12.75 2.95
CA THR C 162 -27.82 13.06 3.70
C THR C 162 -28.15 11.85 4.56
N ASN C 163 -29.30 11.88 5.23
CA ASN C 163 -29.70 10.79 6.13
C ASN C 163 -30.75 9.85 5.56
N SER C 164 -31.11 10.06 4.29
CA SER C 164 -32.11 9.25 3.60
C SER C 164 -32.19 9.65 2.12
N GLY C 165 -32.74 8.76 1.30
CA GLY C 165 -33.04 9.08 -0.09
C GLY C 165 -34.05 10.20 -0.20
N THR C 166 -35.00 10.24 0.75
CA THR C 166 -35.98 11.33 0.86
C THR C 166 -35.26 12.68 0.94
N GLU C 167 -34.31 12.82 1.88
CA GLU C 167 -33.52 14.06 1.98
C GLU C 167 -32.69 14.31 0.72
N ALA C 168 -32.13 13.25 0.14
CA ALA C 168 -31.28 13.42 -1.05
C ALA C 168 -32.06 14.06 -2.21
N ASN C 169 -33.25 13.53 -2.46
CA ASN C 169 -34.10 14.04 -3.52
C ASN C 169 -34.62 15.44 -3.22
N LEU C 170 -35.00 15.68 -1.97
CA LEU C 170 -35.35 17.05 -1.56
C LEU C 170 -34.21 18.03 -1.81
N MET C 171 -32.98 17.64 -1.49
CA MET C 171 -31.82 18.52 -1.70
C MET C 171 -31.49 18.72 -3.19
N ALA C 172 -31.74 17.70 -3.98
CA ALA C 172 -31.57 17.79 -5.44
C ALA C 172 -32.56 18.82 -6.00
N LEU C 173 -33.80 18.79 -5.52
CA LEU C 173 -34.80 19.77 -5.94
C LEU C 173 -34.46 21.17 -5.42
N ALA C 174 -34.00 21.26 -4.17
CA ALA C 174 -33.53 22.53 -3.60
C ALA C 174 -32.45 23.13 -4.49
N THR C 175 -31.54 22.28 -4.94
CA THR C 175 -30.41 22.69 -5.79
C THR C 175 -30.90 23.25 -7.11
N ALA C 176 -31.78 22.50 -7.77
CA ALA C 176 -32.26 22.84 -9.11
C ALA C 176 -33.09 24.12 -9.08
N THR C 177 -34.00 24.22 -8.12
CA THR C 177 -34.84 25.42 -7.99
C THR C 177 -34.02 26.67 -7.61
N ALA C 178 -33.05 26.51 -6.71
CA ALA C 178 -32.21 27.65 -6.29
C ALA C 178 -31.26 28.12 -7.40
N ILE C 179 -30.67 27.19 -8.14
CA ILE C 179 -29.77 27.53 -9.25
C ILE C 179 -30.50 28.15 -10.43
N THR C 180 -31.61 27.54 -10.85
CA THR C 180 -32.32 27.99 -12.05
C THR C 180 -33.24 29.19 -11.80
N GLY C 181 -33.66 29.35 -10.54
CA GLY C 181 -34.66 30.34 -10.17
C GLY C 181 -36.05 29.99 -10.66
N ARG C 182 -36.23 28.73 -11.10
CA ARG C 182 -37.50 28.23 -11.61
C ARG C 182 -38.21 27.34 -10.59
N LYS C 183 -39.50 27.10 -10.82
CA LYS C 183 -40.33 26.42 -9.83
C LYS C 183 -40.86 25.06 -10.27
N THR C 184 -41.03 24.85 -11.57
CA THR C 184 -41.73 23.65 -12.04
C THR C 184 -40.81 22.42 -12.06
N VAL C 185 -41.30 21.32 -11.52
CA VAL C 185 -40.57 20.05 -11.54
C VAL C 185 -41.37 19.05 -12.36
N LEU C 186 -40.73 18.43 -13.34
CA LEU C 186 -41.37 17.34 -14.08
C LEU C 186 -40.99 16.01 -13.44
N ALA C 187 -41.99 15.27 -12.97
CA ALA C 187 -41.80 13.91 -12.49
C ALA C 187 -42.82 13.00 -13.17
N PHE C 188 -42.87 11.73 -12.77
CA PHE C 188 -43.71 10.74 -13.46
C PHE C 188 -44.61 9.96 -12.53
N ASP C 189 -45.85 9.78 -12.97
CA ASP C 189 -46.82 8.94 -12.29
C ASP C 189 -46.21 7.55 -12.03
N GLY C 190 -46.30 7.09 -10.78
CA GLY C 190 -45.67 5.82 -10.35
C GLY C 190 -44.28 6.02 -9.77
N GLY C 191 -43.74 7.22 -9.98
CA GLY C 191 -42.39 7.55 -9.50
C GLY C 191 -42.40 7.68 -7.99
N TYR C 192 -41.33 7.20 -7.37
CA TYR C 192 -41.17 7.28 -5.92
C TYR C 192 -39.83 7.90 -5.59
N HIS C 193 -39.87 9.03 -4.87
CA HIS C 193 -38.66 9.77 -4.54
C HIS C 193 -38.54 10.11 -3.06
N GLY C 194 -39.23 9.31 -2.24
CA GLY C 194 -39.19 9.47 -0.79
C GLY C 194 -40.52 9.93 -0.20
N GLY C 195 -40.55 10.02 1.12
CA GLY C 195 -41.80 10.28 1.86
C GLY C 195 -42.47 11.61 1.55
N LEU C 196 -41.72 12.59 1.08
CA LEU C 196 -42.29 13.89 0.72
C LEU C 196 -42.45 14.09 -0.79
N LEU C 197 -42.07 13.09 -1.57
CA LEU C 197 -42.13 13.16 -3.04
C LEU C 197 -42.57 11.81 -3.56
N ASN C 198 -43.73 11.38 -3.09
CA ASN C 198 -44.29 10.07 -3.41
C ASN C 198 -45.38 10.23 -4.46
N PHE C 199 -45.10 9.78 -5.69
CA PHE C 199 -46.06 9.88 -6.79
C PHE C 199 -46.51 8.47 -7.23
N ALA C 200 -46.32 7.50 -6.34
CA ALA C 200 -46.71 6.11 -6.63
C ALA C 200 -48.19 5.99 -6.97
N SER C 201 -49.02 6.85 -6.37
CA SER C 201 -50.45 6.93 -6.68
C SER C 201 -50.85 8.32 -7.17
N GLY C 202 -49.97 8.94 -7.98
CA GLY C 202 -50.18 10.33 -8.41
C GLY C 202 -49.90 11.30 -7.27
N HIS C 203 -50.53 12.47 -7.31
CA HIS C 203 -50.31 13.47 -6.27
C HIS C 203 -50.85 13.01 -4.92
N ALA C 204 -50.18 13.41 -3.85
CA ALA C 204 -50.57 13.08 -2.49
C ALA C 204 -50.54 14.35 -1.66
N PRO C 205 -51.57 14.57 -0.80
CA PRO C 205 -51.67 15.84 -0.09
C PRO C 205 -50.54 16.07 0.91
N THR C 206 -49.86 14.98 1.29
CA THR C 206 -48.69 15.07 2.18
C THR C 206 -47.34 15.38 1.50
N ASN C 207 -47.30 15.34 0.16
CA ASN C 207 -46.06 15.68 -0.54
C ASN C 207 -45.68 17.14 -0.31
N ALA C 208 -44.38 17.42 -0.20
CA ALA C 208 -43.91 18.80 -0.11
C ALA C 208 -44.39 19.55 -1.35
N PRO C 209 -44.85 20.80 -1.18
CA PRO C 209 -45.59 21.50 -2.25
C PRO C 209 -44.71 22.14 -3.33
N TYR C 210 -43.73 21.39 -3.83
CA TYR C 210 -43.06 21.75 -5.07
C TYR C 210 -44.13 21.78 -6.18
N HIS C 211 -43.96 22.67 -7.15
CA HIS C 211 -44.86 22.67 -8.31
C HIS C 211 -44.52 21.49 -9.23
N VAL C 212 -45.14 20.34 -8.97
CA VAL C 212 -44.83 19.13 -9.74
C VAL C 212 -45.87 18.86 -10.81
N VAL C 213 -45.41 18.66 -12.04
CA VAL C 213 -46.24 18.22 -13.15
C VAL C 213 -45.90 16.75 -13.39
N LEU C 214 -46.91 15.89 -13.42
CA LEU C 214 -46.68 14.45 -13.64
C LEU C 214 -46.95 14.00 -15.06
N GLY C 215 -45.93 13.38 -15.66
CA GLY C 215 -46.05 12.71 -16.95
C GLY C 215 -46.31 11.23 -16.80
N VAL C 216 -46.42 10.55 -17.94
CA VAL C 216 -46.55 9.09 -17.97
C VAL C 216 -45.18 8.48 -18.24
N TYR C 217 -44.74 7.55 -17.39
CA TYR C 217 -43.43 6.91 -17.55
C TYR C 217 -43.37 6.20 -18.90
N ASN C 218 -42.26 6.42 -19.60
CA ASN C 218 -42.01 5.83 -20.92
C ASN C 218 -42.86 6.41 -22.08
N ASP C 219 -43.65 7.44 -21.82
CA ASP C 219 -44.50 8.02 -22.85
C ASP C 219 -43.75 9.17 -23.54
N VAL C 220 -43.14 8.88 -24.69
CA VAL C 220 -42.33 9.88 -25.40
C VAL C 220 -43.15 11.07 -25.90
N GLU C 221 -44.21 10.81 -26.67
CA GLU C 221 -44.97 11.91 -27.29
C GLU C 221 -45.70 12.77 -26.25
N GLY C 222 -46.33 12.13 -25.27
CA GLY C 222 -46.97 12.84 -24.15
C GLY C 222 -46.00 13.69 -23.34
N THR C 223 -44.82 13.14 -23.05
CA THR C 223 -43.82 13.88 -22.27
C THR C 223 -43.22 15.02 -23.08
N ALA C 224 -42.96 14.79 -24.38
CA ALA C 224 -42.51 15.86 -25.27
C ALA C 224 -43.47 17.04 -25.24
N ASP C 225 -44.77 16.75 -25.24
CA ASP C 225 -45.80 17.78 -25.14
C ASP C 225 -45.71 18.58 -23.83
N LEU C 226 -45.58 17.85 -22.71
CA LEU C 226 -45.45 18.51 -21.40
C LEU C 226 -44.25 19.43 -21.34
N LEU C 227 -43.13 18.98 -21.91
CA LEU C 227 -41.91 19.78 -21.91
C LEU C 227 -42.01 21.03 -22.80
N LYS C 228 -42.75 20.94 -23.90
CA LYS C 228 -43.03 22.15 -24.71
C LYS C 228 -43.85 23.16 -23.91
N ARG C 229 -44.89 22.67 -23.24
CA ARG C 229 -45.74 23.51 -22.39
C ARG C 229 -45.00 24.10 -21.17
N HIS C 230 -44.16 23.29 -20.51
CA HIS C 230 -43.61 23.67 -19.21
C HIS C 230 -42.10 23.97 -19.17
N GLY C 231 -41.38 23.65 -20.24
CA GLY C 231 -39.91 23.73 -20.27
C GLY C 231 -39.29 25.04 -19.84
N HIS C 232 -39.97 26.14 -20.15
CA HIS C 232 -39.51 27.48 -19.82
C HIS C 232 -39.38 27.72 -18.30
N ASP C 233 -40.30 27.15 -17.51
CA ASP C 233 -40.23 27.29 -16.04
C ASP C 233 -39.79 25.99 -15.35
N CYS C 234 -39.20 25.08 -16.12
N CYS C 234 -39.25 25.04 -16.10
CA CYS C 234 -38.78 23.80 -15.57
CA CYS C 234 -38.83 23.77 -15.51
C CYS C 234 -37.43 23.89 -14.86
C CYS C 234 -37.45 23.86 -14.86
N ALA C 235 -37.44 23.74 -13.53
CA ALA C 235 -36.21 23.74 -12.75
C ALA C 235 -35.49 22.40 -12.91
N ALA C 236 -36.28 21.34 -13.02
CA ALA C 236 -35.74 19.99 -13.04
C ALA C 236 -36.68 18.95 -13.64
N ILE C 237 -36.10 17.87 -14.15
CA ILE C 237 -36.82 16.64 -14.46
C ILE C 237 -36.28 15.59 -13.49
N LEU C 238 -37.17 15.00 -12.70
CA LEU C 238 -36.78 14.02 -11.70
C LEU C 238 -37.34 12.66 -12.10
N VAL C 239 -36.46 11.68 -12.27
CA VAL C 239 -36.85 10.39 -12.83
C VAL C 239 -35.95 9.24 -12.34
N GLU C 240 -36.55 8.11 -12.01
CA GLU C 240 -35.81 6.87 -11.79
C GLU C 240 -35.53 6.21 -13.13
N PRO C 241 -34.30 5.69 -13.32
CA PRO C 241 -34.03 4.95 -14.57
C PRO C 241 -34.76 3.60 -14.67
N MET C 242 -35.38 3.20 -13.57
CA MET C 242 -36.31 2.06 -13.51
C MET C 242 -37.26 2.37 -12.36
N LEU C 243 -38.56 2.34 -12.59
CA LEU C 243 -39.52 2.52 -11.49
C LEU C 243 -39.24 1.41 -10.48
N GLY C 244 -38.97 1.77 -9.23
CA GLY C 244 -38.52 0.79 -8.24
C GLY C 244 -39.73 0.31 -7.47
N ALA C 245 -40.14 1.09 -6.48
CA ALA C 245 -41.36 0.83 -5.73
C ALA C 245 -42.58 0.70 -6.64
N GLY C 246 -42.55 1.43 -7.77
CA GLY C 246 -43.63 1.45 -8.75
C GLY C 246 -43.72 0.25 -9.70
N GLY C 247 -42.89 -0.77 -9.50
CA GLY C 247 -43.06 -2.05 -10.19
C GLY C 247 -41.87 -2.67 -10.90
N CYS C 248 -40.66 -2.19 -10.62
CA CYS C 248 -39.45 -2.61 -11.34
C CYS C 248 -39.65 -2.50 -12.86
N VAL C 249 -39.93 -1.29 -13.30
CA VAL C 249 -40.29 -0.99 -14.69
C VAL C 249 -39.14 -0.24 -15.38
N PRO C 250 -38.37 -0.93 -16.24
CA PRO C 250 -37.23 -0.25 -16.86
C PRO C 250 -37.66 0.92 -17.74
N ALA C 251 -36.90 2.01 -17.66
CA ALA C 251 -37.06 3.09 -18.62
C ALA C 251 -36.50 2.64 -19.97
N GLU C 252 -37.21 2.97 -21.04
CA GLU C 252 -36.72 2.73 -22.39
C GLU C 252 -35.75 3.83 -22.78
N ARG C 253 -34.78 3.49 -23.63
CA ARG C 253 -33.76 4.45 -24.03
C ARG C 253 -34.35 5.70 -24.68
N ALA C 254 -35.36 5.54 -25.54
CA ALA C 254 -36.00 6.67 -26.23
C ALA C 254 -36.56 7.72 -25.26
N PHE C 255 -37.16 7.23 -24.18
CA PHE C 255 -37.72 8.06 -23.12
C PHE C 255 -36.61 8.85 -22.41
N LEU C 256 -35.55 8.16 -21.98
CA LEU C 256 -34.43 8.87 -21.32
C LEU C 256 -33.67 9.82 -22.26
N ASP C 257 -33.56 9.45 -23.53
CA ASP C 257 -32.97 10.33 -24.54
C ASP C 257 -33.75 11.62 -24.70
N LEU C 258 -35.08 11.53 -24.74
CA LEU C 258 -35.94 12.71 -24.74
C LEU C 258 -35.64 13.60 -23.52
N LEU C 259 -35.63 13.00 -22.33
CA LEU C 259 -35.41 13.80 -21.12
C LEU C 259 -34.05 14.50 -21.11
N ARG C 260 -33.01 13.79 -21.54
CA ARG C 260 -31.67 14.37 -21.58
C ARG C 260 -31.58 15.50 -22.60
N ALA C 261 -32.09 15.27 -23.80
CA ALA C 261 -32.12 16.32 -24.84
C ALA C 261 -32.93 17.54 -24.42
N GLU C 262 -34.10 17.31 -23.83
CA GLU C 262 -34.99 18.44 -23.52
C GLU C 262 -34.56 19.19 -22.27
N ALA C 263 -34.02 18.48 -21.27
CA ALA C 263 -33.46 19.17 -20.11
C ALA C 263 -32.38 20.15 -20.58
N SER C 264 -31.46 19.66 -21.42
CA SER C 264 -30.37 20.50 -21.95
C SER C 264 -30.92 21.67 -22.76
N ARG C 265 -31.89 21.41 -23.62
CA ARG C 265 -32.49 22.46 -24.46
C ARG C 265 -33.16 23.59 -23.66
N CYS C 266 -33.95 23.24 -22.65
N CYS C 266 -33.93 23.20 -22.64
CA CYS C 266 -34.71 24.25 -21.91
CA CYS C 266 -34.75 24.15 -21.88
C CYS C 266 -33.99 24.79 -20.67
C CYS C 266 -34.04 24.72 -20.64
N GLY C 267 -32.90 24.14 -20.28
CA GLY C 267 -32.10 24.60 -19.14
C GLY C 267 -32.58 24.07 -17.79
N ALA C 268 -33.35 22.98 -17.82
CA ALA C 268 -33.73 22.25 -16.60
C ALA C 268 -32.60 21.30 -16.22
N LEU C 269 -32.47 21.01 -14.93
CA LEU C 269 -31.50 20.01 -14.47
C LEU C 269 -32.11 18.63 -14.54
N LEU C 270 -31.45 17.71 -15.24
CA LEU C 270 -31.90 16.32 -15.25
C LEU C 270 -31.41 15.62 -13.99
N ILE C 271 -32.33 15.16 -13.16
CA ILE C 271 -31.97 14.42 -11.95
C ILE C 271 -32.34 12.95 -12.10
N PHE C 272 -31.33 12.08 -12.09
CA PHE C 272 -31.58 10.63 -12.03
C PHE C 272 -31.62 10.17 -10.57
N ASP C 273 -32.79 9.70 -10.16
CA ASP C 273 -32.94 9.10 -8.84
C ASP C 273 -32.46 7.66 -8.95
N GLU C 274 -31.21 7.43 -8.54
CA GLU C 274 -30.61 6.10 -8.59
C GLU C 274 -30.57 5.43 -7.21
N VAL C 275 -31.46 5.83 -6.31
CA VAL C 275 -31.48 5.23 -4.98
C VAL C 275 -31.52 3.69 -5.08
N MET C 276 -32.36 3.16 -5.97
CA MET C 276 -32.38 1.71 -6.24
C MET C 276 -31.46 1.28 -7.40
N THR C 277 -31.49 2.03 -8.50
CA THR C 277 -30.77 1.57 -9.71
C THR C 277 -29.24 1.65 -9.61
N SER C 278 -28.70 2.36 -8.61
CA SER C 278 -27.23 2.49 -8.51
C SER C 278 -26.52 1.16 -8.40
N ARG C 279 -27.20 0.12 -7.90
CA ARG C 279 -26.55 -1.18 -7.69
C ARG C 279 -26.32 -1.95 -9.00
N LEU C 280 -26.97 -1.53 -10.08
CA LEU C 280 -27.11 -2.37 -11.27
C LEU C 280 -25.80 -2.59 -12.03
N SER C 281 -24.92 -1.61 -11.99
CA SER C 281 -23.51 -1.86 -12.37
C SER C 281 -22.62 -1.10 -11.42
N GLY C 282 -21.30 -1.24 -11.60
CA GLY C 282 -20.34 -0.45 -10.85
C GLY C 282 -20.73 1.02 -10.78
N GLY C 283 -21.22 1.55 -11.90
CA GLY C 283 -21.62 2.96 -11.96
C GLY C 283 -23.10 3.20 -12.18
N GLY C 284 -23.92 2.27 -11.72
CA GLY C 284 -25.37 2.41 -11.76
C GLY C 284 -25.92 2.39 -13.18
N ALA C 285 -27.13 2.90 -13.34
CA ALA C 285 -27.77 2.90 -14.64
C ALA C 285 -27.03 3.82 -15.64
N GLN C 286 -26.42 4.89 -15.13
CA GLN C 286 -25.73 5.83 -16.02
C GLN C 286 -24.54 5.20 -16.75
N GLU C 287 -23.76 4.39 -16.03
CA GLU C 287 -22.69 3.61 -16.69
C GLU C 287 -23.26 2.66 -17.77
N MET C 288 -24.35 1.97 -17.46
CA MET C 288 -24.97 1.01 -18.39
C MET C 288 -25.49 1.68 -19.64
N LEU C 289 -26.10 2.86 -19.46
CA LEU C 289 -26.79 3.60 -20.51
C LEU C 289 -25.89 4.49 -21.36
N GLY C 290 -24.77 4.92 -20.77
CA GLY C 290 -23.93 5.95 -21.37
C GLY C 290 -24.69 7.27 -21.46
N ILE C 291 -25.54 7.53 -20.47
CA ILE C 291 -26.30 8.78 -20.39
C ILE C 291 -25.96 9.42 -19.05
N SER C 292 -25.64 10.71 -19.05
CA SER C 292 -25.29 11.39 -17.80
C SER C 292 -26.37 12.35 -17.35
N ALA C 293 -26.79 12.21 -16.09
CA ALA C 293 -27.68 13.18 -15.46
C ALA C 293 -26.85 14.35 -14.91
N ASP C 294 -27.51 15.49 -14.74
CA ASP C 294 -26.88 16.66 -14.14
C ASP C 294 -26.65 16.48 -12.63
N LEU C 295 -27.62 15.87 -11.96
CA LEU C 295 -27.50 15.48 -10.55
C LEU C 295 -27.97 14.03 -10.40
N THR C 296 -27.40 13.32 -9.44
CA THR C 296 -27.77 11.93 -9.18
C THR C 296 -28.05 11.81 -7.69
N THR C 297 -29.15 11.16 -7.34
CA THR C 297 -29.42 10.86 -5.93
C THR C 297 -29.18 9.38 -5.64
N LEU C 298 -28.69 9.10 -4.44
CA LEU C 298 -28.26 7.76 -4.06
C LEU C 298 -28.81 7.50 -2.68
N GLY C 299 -28.95 6.22 -2.32
CA GLY C 299 -29.46 5.90 -0.99
C GLY C 299 -29.37 4.42 -0.69
N LYS C 300 -30.16 3.98 0.27
CA LYS C 300 -30.35 2.54 0.56
C LYS C 300 -28.99 1.82 0.79
N TYR C 301 -28.57 0.87 -0.05
CA TYR C 301 -27.43 -0.02 0.33
C TYR C 301 -26.06 0.67 0.50
N ILE C 302 -25.87 1.85 -0.10
CA ILE C 302 -24.53 2.44 -0.18
C ILE C 302 -23.94 2.80 1.19
N GLY C 303 -24.80 3.05 2.18
CA GLY C 303 -24.33 3.29 3.54
C GLY C 303 -24.10 2.04 4.36
N GLY C 304 -24.05 0.88 3.69
CA GLY C 304 -23.71 -0.39 4.34
C GLY C 304 -24.78 -0.92 5.26
N GLY C 305 -26.01 -0.45 5.07
CA GLY C 305 -27.12 -0.80 5.97
C GLY C 305 -27.40 0.26 7.02
N MET C 306 -26.50 1.23 7.16
CA MET C 306 -26.70 2.37 8.07
C MET C 306 -27.55 3.45 7.40
N SER C 307 -28.09 4.38 8.19
CA SER C 307 -28.86 5.49 7.61
C SER C 307 -28.02 6.18 6.55
N PHE C 308 -28.64 6.48 5.41
CA PHE C 308 -27.86 7.00 4.28
C PHE C 308 -28.71 7.57 3.17
N GLY C 309 -28.19 8.65 2.59
CA GLY C 309 -28.59 9.17 1.28
C GLY C 309 -27.42 9.99 0.75
N ALA C 310 -27.49 10.40 -0.51
CA ALA C 310 -26.50 11.32 -1.05
C ALA C 310 -27.04 12.00 -2.30
N PHE C 311 -26.65 13.26 -2.51
CA PHE C 311 -26.86 13.91 -3.81
C PHE C 311 -25.53 14.43 -4.32
N GLY C 312 -25.31 14.27 -5.62
CA GLY C 312 -24.04 14.65 -6.24
C GLY C 312 -24.29 14.87 -7.70
N GLY C 313 -23.25 15.24 -8.44
CA GLY C 313 -23.41 15.50 -9.86
C GLY C 313 -22.29 16.36 -10.39
N ARG C 314 -22.63 17.16 -11.40
CA ARG C 314 -21.68 18.07 -12.04
C ARG C 314 -21.00 19.00 -11.04
N ARG C 315 -19.67 19.12 -11.16
CA ARG C 315 -18.89 19.99 -10.26
C ARG C 315 -19.50 21.40 -10.14
N ASP C 316 -19.78 22.02 -11.29
CA ASP C 316 -20.27 23.40 -11.33
C ASP C 316 -21.63 23.62 -10.64
N LEU C 317 -22.43 22.55 -10.53
CA LEU C 317 -23.65 22.64 -9.74
C LEU C 317 -23.37 22.42 -8.26
N MET C 318 -22.59 21.39 -7.95
CA MET C 318 -22.31 21.03 -6.55
C MET C 318 -21.43 22.04 -5.81
N GLU C 319 -20.56 22.74 -6.54
CA GLU C 319 -19.69 23.74 -5.93
C GLU C 319 -20.48 24.90 -5.31
N ARG C 320 -21.76 25.03 -5.68
CA ARG C 320 -22.62 26.04 -5.06
C ARG C 320 -22.82 25.81 -3.55
N PHE C 321 -22.47 24.61 -3.07
CA PHE C 321 -22.53 24.29 -1.64
C PHE C 321 -21.19 24.45 -0.91
N ASP C 322 -20.15 24.87 -1.62
CA ASP C 322 -18.86 25.18 -0.99
C ASP C 322 -19.07 26.31 0.03
N PRO C 323 -18.91 26.01 1.33
CA PRO C 323 -19.27 27.03 2.32
C PRO C 323 -18.36 28.26 2.32
N ALA C 324 -17.20 28.15 1.66
CA ALA C 324 -16.25 29.26 1.54
C ALA C 324 -16.66 30.27 0.45
N ARG C 325 -17.59 29.88 -0.40
CA ARG C 325 -18.04 30.72 -1.52
C ARG C 325 -19.01 31.80 -1.07
N ASP C 326 -18.86 32.98 -1.67
CA ASP C 326 -19.88 34.03 -1.60
C ASP C 326 -21.21 33.51 -2.10
N GLY C 327 -22.25 33.64 -1.27
CA GLY C 327 -23.60 33.19 -1.65
C GLY C 327 -23.77 31.67 -1.66
N ALA C 328 -22.97 30.96 -0.87
CA ALA C 328 -23.05 29.51 -0.76
C ALA C 328 -24.44 29.06 -0.30
N PHE C 329 -24.94 27.97 -0.88
CA PHE C 329 -26.15 27.34 -0.34
C PHE C 329 -25.77 26.55 0.90
N ALA C 330 -26.68 26.51 1.86
CA ALA C 330 -26.48 25.75 3.08
C ALA C 330 -27.11 24.36 2.96
N HIS C 331 -26.37 23.34 3.40
CA HIS C 331 -26.93 22.01 3.51
C HIS C 331 -26.54 21.46 4.87
N ALA C 332 -27.50 21.54 5.79
CA ALA C 332 -27.30 21.15 7.17
C ALA C 332 -27.67 19.67 7.35
N GLY C 333 -27.68 19.21 8.60
CA GLY C 333 -28.10 17.85 8.88
C GLY C 333 -27.17 17.16 9.86
N THR C 334 -27.66 16.93 11.07
CA THR C 334 -26.85 16.44 12.19
C THR C 334 -26.10 15.16 11.87
N PHE C 335 -26.80 14.19 11.29
CA PHE C 335 -26.22 12.86 11.10
C PHE C 335 -25.60 12.63 9.70
N ASN C 336 -25.53 13.68 8.88
CA ASN C 336 -24.96 13.58 7.52
C ASN C 336 -23.63 12.83 7.49
N ASN C 337 -22.72 13.21 8.40
CA ASN C 337 -21.37 12.67 8.41
C ASN C 337 -21.16 11.67 9.54
N ASN C 338 -22.22 11.04 10.03
CA ASN C 338 -22.10 10.18 11.21
C ASN C 338 -21.09 9.05 10.92
N ILE C 339 -20.27 8.73 11.92
CA ILE C 339 -19.14 7.82 11.75
C ILE C 339 -19.54 6.39 11.34
N LEU C 340 -20.69 5.91 11.83
CA LEU C 340 -21.18 4.58 11.43
C LEU C 340 -21.47 4.48 9.93
N THR C 341 -22.20 5.44 9.38
CA THR C 341 -22.48 5.49 7.93
C THR C 341 -21.20 5.69 7.10
N MET C 342 -20.33 6.62 7.51
CA MET C 342 -19.07 6.85 6.80
C MET C 342 -18.20 5.59 6.73
N SER C 343 -18.12 4.88 7.85
N SER C 343 -18.12 4.87 7.84
CA SER C 343 -17.31 3.66 7.95
CA SER C 343 -17.30 3.67 7.94
C SER C 343 -17.93 2.49 7.19
C SER C 343 -17.91 2.47 7.22
N ALA C 344 -19.20 2.21 7.49
CA ALA C 344 -19.89 1.07 6.87
C ALA C 344 -20.07 1.28 5.37
N GLY C 345 -20.36 2.51 4.97
CA GLY C 345 -20.52 2.85 3.55
C GLY C 345 -19.23 2.67 2.77
N HIS C 346 -18.11 3.12 3.33
CA HIS C 346 -16.82 2.95 2.67
C HIS C 346 -16.50 1.45 2.50
N ALA C 347 -16.76 0.67 3.55
CA ALA C 347 -16.62 -0.78 3.49
C ALA C 347 -17.55 -1.42 2.43
N ALA C 348 -18.80 -0.97 2.42
CA ALA C 348 -19.79 -1.47 1.46
C ALA C 348 -19.31 -1.33 0.00
N LEU C 349 -18.77 -0.15 -0.32
CA LEU C 349 -18.35 0.15 -1.70
C LEU C 349 -16.97 -0.37 -2.09
N THR C 350 -16.04 -0.40 -1.14
CA THR C 350 -14.66 -0.76 -1.47
C THR C 350 -14.29 -2.17 -1.06
N GLN C 351 -14.93 -2.72 -0.03
CA GLN C 351 -14.55 -4.04 0.46
C GLN C 351 -15.52 -5.15 0.11
N ILE C 352 -16.80 -4.81 -0.09
CA ILE C 352 -17.81 -5.86 -0.32
C ILE C 352 -18.38 -5.77 -1.73
N TYR C 353 -19.19 -4.74 -1.97
CA TYR C 353 -19.88 -4.59 -3.24
C TYR C 353 -19.03 -3.75 -4.18
N THR C 354 -17.90 -4.31 -4.61
CA THR C 354 -17.03 -3.69 -5.58
C THR C 354 -17.75 -3.60 -6.94
N ARG C 355 -17.15 -2.88 -7.89
CA ARG C 355 -17.71 -2.79 -9.24
C ARG C 355 -17.92 -4.17 -9.88
N GLN C 356 -16.92 -5.05 -9.72
CA GLN C 356 -17.04 -6.44 -10.19
C GLN C 356 -18.15 -7.21 -9.49
N ALA C 357 -18.28 -7.01 -8.17
CA ALA C 357 -19.38 -7.62 -7.42
C ALA C 357 -20.74 -7.19 -7.96
N ALA C 358 -20.84 -5.91 -8.34
CA ALA C 358 -22.07 -5.37 -8.90
C ALA C 358 -22.41 -6.06 -10.23
N SER C 359 -21.41 -6.20 -11.10
N SER C 359 -21.42 -6.19 -11.10
CA SER C 359 -21.59 -6.91 -12.37
CA SER C 359 -21.59 -6.91 -12.37
C SER C 359 -22.02 -8.36 -12.16
C SER C 359 -22.06 -8.34 -12.13
N ASP C 360 -21.38 -9.04 -11.21
CA ASP C 360 -21.68 -10.45 -10.91
C ASP C 360 -23.09 -10.64 -10.36
N LEU C 361 -23.47 -9.80 -9.40
CA LEU C 361 -24.81 -9.91 -8.82
C LEU C 361 -25.91 -9.59 -9.84
N SER C 362 -25.66 -8.60 -10.70
CA SER C 362 -26.65 -8.27 -11.73
C SER C 362 -26.82 -9.43 -12.74
N ALA C 363 -25.71 -10.07 -13.10
CA ALA C 363 -25.76 -11.22 -14.02
C ALA C 363 -26.49 -12.39 -13.34
N SER C 364 -26.18 -12.62 -12.07
CA SER C 364 -26.89 -13.60 -11.26
C SER C 364 -28.39 -13.31 -11.21
N GLY C 365 -28.74 -12.04 -10.98
CA GLY C 365 -30.14 -11.63 -10.92
C GLY C 365 -30.85 -11.78 -12.26
N ASP C 366 -30.13 -11.48 -13.35
CA ASP C 366 -30.68 -11.70 -14.69
C ASP C 366 -31.01 -13.18 -14.96
N ARG C 367 -30.10 -14.06 -14.57
CA ARG C 367 -30.32 -15.51 -14.71
C ARG C 367 -31.50 -15.97 -13.87
N PHE C 368 -31.61 -15.42 -12.65
CA PHE C 368 -32.72 -15.69 -11.75
C PHE C 368 -34.07 -15.27 -12.35
N ARG C 369 -34.16 -14.02 -12.80
CA ARG C 369 -35.40 -13.50 -13.38
C ARG C 369 -35.78 -14.29 -14.63
N ALA C 370 -34.79 -14.64 -15.45
CA ALA C 370 -35.02 -15.43 -16.66
C ALA C 370 -35.60 -16.80 -16.33
N ASN C 371 -35.07 -17.43 -15.27
CA ASN C 371 -35.58 -18.73 -14.79
C ASN C 371 -37.03 -18.64 -14.32
N LEU C 372 -37.37 -17.60 -13.55
CA LEU C 372 -38.75 -17.37 -13.13
C LEU C 372 -39.69 -17.20 -14.33
N ASN C 373 -39.28 -16.38 -15.29
CA ASN C 373 -40.07 -16.18 -16.50
C ASN C 373 -40.20 -17.46 -17.35
N ARG C 374 -39.12 -18.24 -17.42
CA ARG C 374 -39.13 -19.55 -18.08
C ARG C 374 -40.16 -20.46 -17.43
N ILE C 375 -40.21 -20.45 -16.10
CA ILE C 375 -41.20 -21.25 -15.37
C ILE C 375 -42.62 -20.84 -15.71
N ALA C 376 -42.87 -19.53 -15.78
CA ALA C 376 -44.17 -19.02 -16.20
C ALA C 376 -44.52 -19.51 -17.62
N VAL C 377 -43.62 -19.31 -18.57
CA VAL C 377 -43.86 -19.69 -19.99
C VAL C 377 -44.14 -21.19 -20.14
N GLU C 378 -43.32 -22.00 -19.48
CA GLU C 378 -43.43 -23.46 -19.51
C GLU C 378 -44.80 -23.95 -19.00
N ASN C 379 -45.38 -23.20 -18.07
CA ASN C 379 -46.67 -23.54 -17.45
C ASN C 379 -47.85 -22.73 -17.96
N GLN C 380 -47.65 -21.99 -19.06
CA GLN C 380 -48.67 -21.11 -19.64
C GLN C 380 -49.32 -20.20 -18.58
N ALA C 381 -48.51 -19.73 -17.63
CA ALA C 381 -49.01 -18.89 -16.53
C ALA C 381 -49.11 -17.45 -16.99
N PRO C 382 -50.26 -16.79 -16.73
CA PRO C 382 -50.46 -15.40 -17.15
C PRO C 382 -49.79 -14.42 -16.17
N LEU C 383 -48.46 -14.49 -16.11
CA LEU C 383 -47.69 -13.65 -15.20
C LEU C 383 -46.28 -13.48 -15.73
N GLN C 384 -45.61 -12.44 -15.26
CA GLN C 384 -44.23 -12.17 -15.64
C GLN C 384 -43.52 -11.50 -14.49
N PHE C 385 -42.19 -11.55 -14.54
CA PHE C 385 -41.34 -10.73 -13.66
C PHE C 385 -40.60 -9.68 -14.48
N THR C 386 -40.74 -8.42 -14.08
CA THR C 386 -40.03 -7.33 -14.74
C THR C 386 -38.88 -6.89 -13.84
N GLY C 387 -37.90 -6.23 -14.41
CA GLY C 387 -36.83 -5.65 -13.60
C GLY C 387 -35.51 -5.65 -14.33
N LEU C 388 -34.45 -5.37 -13.57
CA LEU C 388 -33.09 -5.33 -14.09
C LEU C 388 -32.18 -5.94 -13.06
N GLY C 389 -31.13 -6.64 -13.51
CA GLY C 389 -30.12 -7.17 -12.60
C GLY C 389 -30.78 -7.98 -11.48
N SER C 390 -30.44 -7.64 -10.23
CA SER C 390 -30.92 -8.39 -9.05
C SER C 390 -32.25 -7.89 -8.47
N LEU C 391 -32.94 -7.04 -9.24
CA LEU C 391 -34.22 -6.46 -8.83
C LEU C 391 -35.38 -6.98 -9.69
N GLY C 392 -36.48 -7.38 -9.07
CA GLY C 392 -37.63 -7.85 -9.83
C GLY C 392 -38.95 -7.75 -9.09
N THR C 393 -40.03 -7.64 -9.87
CA THR C 393 -41.39 -7.61 -9.35
C THR C 393 -42.29 -8.48 -10.24
N ILE C 394 -43.14 -9.30 -9.60
CA ILE C 394 -44.17 -10.06 -10.31
C ILE C 394 -45.33 -9.16 -10.76
N HIS C 395 -45.85 -9.42 -11.97
CA HIS C 395 -47.07 -8.76 -12.46
C HIS C 395 -47.95 -9.82 -13.08
N PHE C 396 -49.20 -9.90 -12.62
CA PHE C 396 -50.16 -10.85 -13.18
C PHE C 396 -50.82 -10.31 -14.44
N SER C 397 -50.04 -10.33 -15.51
CA SER C 397 -50.43 -9.89 -16.84
C SER C 397 -49.30 -10.29 -17.77
N ARG C 398 -49.61 -10.58 -19.02
CA ARG C 398 -48.55 -10.81 -20.03
C ARG C 398 -48.45 -9.66 -21.03
N ALA C 399 -49.21 -8.60 -20.79
CA ALA C 399 -49.07 -7.36 -21.55
C ALA C 399 -47.72 -6.71 -21.22
N PRO C 400 -47.22 -5.83 -22.11
CA PRO C 400 -46.01 -5.08 -21.78
C PRO C 400 -46.25 -4.21 -20.54
N ILE C 401 -45.29 -4.23 -19.61
CA ILE C 401 -45.38 -3.39 -18.42
C ILE C 401 -44.41 -2.24 -18.64
N ARG C 402 -44.95 -1.08 -19.01
CA ARG C 402 -44.11 0.05 -19.41
C ARG C 402 -44.37 1.31 -18.60
N SER C 403 -45.50 1.35 -17.89
CA SER C 403 -45.86 2.52 -17.11
C SER C 403 -46.64 2.14 -15.87
N ALA C 404 -46.88 3.11 -15.00
CA ALA C 404 -47.65 2.88 -13.76
C ALA C 404 -49.05 2.34 -14.04
N GLY C 405 -49.66 2.83 -15.11
CA GLY C 405 -50.98 2.34 -15.55
C GLY C 405 -50.99 0.85 -15.87
N ASP C 406 -49.92 0.35 -16.50
CA ASP C 406 -49.77 -1.08 -16.78
C ASP C 406 -49.66 -1.92 -15.50
N VAL C 407 -48.91 -1.38 -14.54
CA VAL C 407 -48.72 -2.04 -13.25
C VAL C 407 -50.07 -2.16 -12.52
N ARG C 408 -50.81 -1.06 -12.47
CA ARG C 408 -52.11 -1.01 -11.80
C ARG C 408 -53.16 -1.91 -12.47
N ALA C 409 -53.10 -2.02 -13.80
CA ALA C 409 -54.06 -2.84 -14.56
C ALA C 409 -53.81 -4.34 -14.42
N ALA C 410 -52.61 -4.74 -14.01
CA ALA C 410 -52.35 -6.17 -13.78
C ALA C 410 -53.16 -6.62 -12.55
N ASP C 411 -53.34 -7.92 -12.40
CA ASP C 411 -54.23 -8.45 -11.36
C ASP C 411 -53.64 -8.27 -9.97
N GLN C 412 -54.32 -7.47 -9.15
CA GLN C 412 -53.86 -7.16 -7.80
C GLN C 412 -54.28 -8.22 -6.78
N GLN C 413 -55.34 -8.96 -7.09
CA GLN C 413 -55.82 -10.01 -6.19
C GLN C 413 -54.88 -11.20 -6.19
N LEU C 414 -54.45 -11.63 -7.38
CA LEU C 414 -53.46 -12.70 -7.47
C LEU C 414 -52.13 -12.30 -6.81
N LYS C 415 -51.78 -11.01 -6.91
CA LYS C 415 -50.57 -10.46 -6.27
C LYS C 415 -50.59 -10.67 -4.75
N GLU C 416 -51.72 -10.40 -4.12
CA GLU C 416 -51.88 -10.63 -2.68
C GLU C 416 -51.83 -12.12 -2.34
N LEU C 417 -52.49 -12.95 -3.15
CA LEU C 417 -52.44 -14.39 -2.96
C LEU C 417 -51.01 -14.91 -3.06
N PHE C 418 -50.24 -14.35 -3.98
CA PHE C 418 -48.85 -14.75 -4.20
C PHE C 418 -48.00 -14.48 -2.96
N PHE C 419 -48.13 -13.28 -2.40
CA PHE C 419 -47.43 -12.92 -1.15
C PHE C 419 -47.66 -13.94 -0.01
N PHE C 420 -48.92 -14.25 0.28
CA PHE C 420 -49.24 -15.21 1.35
C PHE C 420 -48.73 -16.62 1.02
N HIS C 421 -48.84 -17.00 -0.25
CA HIS C 421 -48.34 -18.31 -0.68
C HIS C 421 -46.85 -18.45 -0.40
N MET C 422 -46.08 -17.45 -0.82
CA MET C 422 -44.64 -17.48 -0.63
C MET C 422 -44.27 -17.55 0.86
N LEU C 423 -44.96 -16.77 1.70
CA LEU C 423 -44.77 -16.84 3.16
C LEU C 423 -44.97 -18.26 3.71
N ARG C 424 -46.06 -18.92 3.33
CA ARG C 424 -46.31 -20.31 3.75
C ARG C 424 -45.20 -21.25 3.30
N LYS C 425 -44.51 -20.88 2.22
CA LYS C 425 -43.38 -21.65 1.71
C LYS C 425 -42.03 -21.25 2.33
N GLY C 426 -42.06 -20.34 3.30
CA GLY C 426 -40.82 -19.89 3.96
C GLY C 426 -40.01 -18.91 3.12
N ILE C 427 -40.68 -18.22 2.19
CA ILE C 427 -40.04 -17.22 1.33
C ILE C 427 -40.66 -15.86 1.62
N TYR C 428 -39.85 -14.90 2.06
CA TYR C 428 -40.38 -13.56 2.33
C TYR C 428 -39.98 -12.60 1.23
N LEU C 429 -40.96 -12.00 0.57
CA LEU C 429 -40.72 -10.86 -0.33
C LEU C 429 -41.75 -9.76 -0.05
N ALA C 430 -41.64 -8.61 -0.72
CA ALA C 430 -42.59 -7.52 -0.49
C ALA C 430 -44.04 -7.98 -0.72
N PRO C 431 -45.00 -7.47 0.08
CA PRO C 431 -46.42 -7.66 -0.21
C PRO C 431 -46.75 -7.31 -1.66
N ARG C 432 -46.12 -6.28 -2.21
CA ARG C 432 -46.33 -5.86 -3.60
C ARG C 432 -45.59 -6.75 -4.62
N GLY C 433 -44.92 -7.82 -4.17
CA GLY C 433 -44.35 -8.82 -5.08
C GLY C 433 -42.96 -8.50 -5.61
N MET C 434 -42.27 -7.61 -4.91
CA MET C 434 -40.91 -7.23 -5.28
C MET C 434 -39.85 -8.02 -4.49
N TYR C 435 -38.83 -8.50 -5.20
CA TYR C 435 -37.61 -8.99 -4.55
C TYR C 435 -36.43 -8.10 -4.88
N ALA C 436 -35.41 -8.13 -4.01
CA ALA C 436 -34.18 -7.43 -4.26
C ALA C 436 -33.10 -8.31 -3.67
N LEU C 437 -32.43 -9.06 -4.54
CA LEU C 437 -31.49 -10.09 -4.08
C LEU C 437 -30.31 -9.50 -3.32
N SER C 438 -30.08 -10.02 -2.11
CA SER C 438 -28.90 -9.64 -1.34
C SER C 438 -27.72 -10.52 -1.76
N LEU C 439 -26.52 -10.17 -1.30
CA LEU C 439 -25.32 -10.96 -1.56
C LEU C 439 -25.34 -12.30 -0.81
N GLU C 440 -26.28 -12.46 0.11
CA GLU C 440 -26.40 -13.68 0.92
C GLU C 440 -27.36 -14.72 0.32
N ILE C 441 -28.14 -14.32 -0.68
CA ILE C 441 -28.98 -15.28 -1.39
C ILE C 441 -28.08 -16.25 -2.16
N ALA C 442 -28.32 -17.54 -2.01
CA ALA C 442 -27.52 -18.54 -2.70
C ALA C 442 -28.40 -19.54 -3.45
N ASP C 443 -27.78 -20.60 -3.96
CA ASP C 443 -28.51 -21.62 -4.74
C ASP C 443 -29.76 -22.14 -4.01
N ALA C 444 -29.60 -22.48 -2.72
CA ALA C 444 -30.72 -23.04 -1.96
C ALA C 444 -31.93 -22.11 -1.91
N GLY C 445 -31.69 -20.82 -1.65
CA GLY C 445 -32.78 -19.83 -1.62
C GLY C 445 -33.42 -19.64 -3.00
N ARG C 446 -32.59 -19.49 -4.03
CA ARG C 446 -33.09 -19.32 -5.40
C ARG C 446 -33.91 -20.53 -5.89
N ASP C 447 -33.42 -21.75 -5.62
CA ASP C 447 -34.17 -22.97 -5.94
C ASP C 447 -35.51 -23.03 -5.22
N ALA C 448 -35.53 -22.68 -3.92
CA ALA C 448 -36.76 -22.69 -3.15
C ALA C 448 -37.78 -21.68 -3.68
N PHE C 449 -37.30 -20.51 -4.08
CA PHE C 449 -38.18 -19.48 -4.66
C PHE C 449 -38.81 -20.03 -5.95
N ALA C 450 -37.97 -20.56 -6.85
CA ALA C 450 -38.44 -21.13 -8.11
C ALA C 450 -39.46 -22.25 -7.90
N GLU C 451 -39.17 -23.15 -6.95
CA GLU C 451 -40.08 -24.24 -6.63
C GLU C 451 -41.43 -23.73 -6.13
N ALA C 452 -41.39 -22.76 -5.23
CA ALA C 452 -42.61 -22.17 -4.67
C ALA C 452 -43.45 -21.45 -5.74
N LEU C 453 -42.77 -20.81 -6.69
CA LEU C 453 -43.47 -20.20 -7.82
C LEU C 453 -44.20 -21.26 -8.67
N ALA C 454 -43.49 -22.35 -9.00
CA ALA C 454 -44.11 -23.46 -9.73
C ALA C 454 -45.31 -24.03 -8.98
N ASP C 455 -45.18 -24.17 -7.66
CA ASP C 455 -46.26 -24.68 -6.80
C ASP C 455 -47.45 -23.73 -6.78
N PHE C 456 -47.19 -22.42 -6.76
CA PHE C 456 -48.26 -21.43 -6.82
C PHE C 456 -49.09 -21.59 -8.10
N ILE C 457 -48.38 -21.67 -9.23
CA ILE C 457 -49.00 -21.81 -10.54
C ILE C 457 -49.88 -23.07 -10.60
N GLY C 458 -49.36 -24.17 -10.09
CA GLY C 458 -50.11 -25.44 -10.01
C GLY C 458 -51.32 -25.35 -9.11
N GLU C 459 -51.10 -24.96 -7.86
CA GLU C 459 -52.16 -24.92 -6.85
C GLU C 459 -53.25 -23.89 -7.12
N GLN C 460 -52.92 -22.81 -7.83
CA GLN C 460 -53.86 -21.72 -8.12
C GLN C 460 -54.38 -21.76 -9.56
N ARG C 461 -54.23 -22.92 -10.21
CA ARG C 461 -54.61 -23.07 -11.62
C ARG C 461 -56.02 -22.59 -11.91
N ALA C 462 -56.96 -22.92 -11.02
CA ALA C 462 -58.36 -22.52 -11.15
C ALA C 462 -58.53 -20.99 -11.22
N LEU C 463 -57.65 -20.27 -10.54
CA LEU C 463 -57.70 -18.80 -10.50
C LEU C 463 -56.85 -18.09 -11.57
N LEU C 464 -56.07 -18.86 -12.34
CA LEU C 464 -55.18 -18.32 -13.37
C LEU C 464 -55.70 -18.51 -14.80
#